data_7KF1
#
_entry.id   7KF1
#
_cell.length_a   194.167
_cell.length_b   100.749
_cell.length_c   153.509
_cell.angle_alpha   90.000
_cell.angle_beta   91.690
_cell.angle_gamma   90.000
#
_symmetry.space_group_name_H-M   'C 1 2 1'
#
loop_
_entity.id
_entity.type
_entity.pdbx_description
1 polymer 'anti-VEGF-A Fab bH1 heavy chain'
2 polymer 'anti-VEGF-A Fab bH1 light chain'
3 polymer 'Isoform L-VEGF206 of Vascular endothelial growth factor A'
4 non-polymer 'CHLORIDE ION'
5 water water
#
loop_
_entity_poly.entity_id
_entity_poly.type
_entity_poly.pdbx_seq_one_letter_code
_entity_poly.pdbx_strand_id
1 'polypeptide(L)'
;EVQLVESGGGLVQPGGSLRLSCAASGFNIKDTYIHWVRQAPGKGLEWVARIYPTNGYTRYADSVKGRFTISADTSKNTAY
LQMNSLRAEDTAVYYCAKLGIGYYYYGMDVWGQGTLVTVSSASTKGPSVFPLAPSSKSTSGGTAALGCLVKDYFPEPVTV
SWNSGALTSGVHTFPAVLQSSGLYSLSSVVTVPSSSLGTQTYICNVNHKPSNTKVDKKVEPKSCDKTGHHHHHHHHG
;
H,A,D,G
2 'polypeptide(L)'
;DIQMTQSPSSLSASVGDRVTITCRASQDIPRSISGYVAWYQQKPGKAPKLLIYWGSYLYSGVPSRFSGSGSGTDFTLTIS
SLQPEDFATYYCQQHYTTPPTFGQGTKVEIKRTVAAPSVFIFPPSDEQLKSGTASVVCLLNNFYPREAKVQWKVDNALQS
GNSQESVTEQDSKDSTYSLSSTLTLSKADYEKHKVYACEVTHQGLSSPVTKSFNRGEC
;
L,B,E,I
3 'polypeptide(L)'
;APMAEGGGQNHHEVVKFMDVYQRSYCHPIETLVDIFQEYPDEIEYIFKPSCVPLMRCGGCCNDEGLECVPTEESNITMQI
MRIKPHQGQHIGEMSFLQHNKCECRPKKDRHHHHHH
;
V,C,F,J
#
loop_
_chem_comp.id
_chem_comp.type
_chem_comp.name
_chem_comp.formula
CL non-polymer 'CHLORIDE ION' 'Cl -1'
#
# COMPACT_ATOMS: atom_id res chain seq x y z
N GLU A 1 -43.09 -50.56 -34.06
CA GLU A 1 -41.75 -50.07 -33.62
C GLU A 1 -41.54 -50.33 -32.12
N VAL A 2 -40.32 -50.06 -31.70
CA VAL A 2 -39.92 -50.10 -30.31
C VAL A 2 -40.65 -48.97 -29.55
N GLN A 3 -41.21 -49.30 -28.39
CA GLN A 3 -42.08 -48.36 -27.69
C GLN A 3 -42.21 -48.72 -26.20
N LEU A 4 -42.46 -47.71 -25.35
CA LEU A 4 -42.84 -47.95 -23.97
C LEU A 4 -44.08 -47.11 -23.70
N VAL A 5 -45.06 -47.71 -23.03
CA VAL A 5 -46.28 -47.00 -22.67
C VAL A 5 -46.50 -47.15 -21.15
N GLU A 6 -46.42 -46.03 -20.44
CA GLU A 6 -46.70 -46.00 -19.03
C GLU A 6 -48.20 -45.93 -18.77
N SER A 7 -48.62 -46.43 -17.61
CA SER A 7 -49.95 -46.10 -17.07
C SER A 7 -49.92 -46.21 -15.54
N GLY A 8 -50.98 -45.67 -14.94
CA GLY A 8 -51.26 -45.88 -13.55
C GLY A 8 -50.95 -44.67 -12.68
N GLY A 9 -50.66 -43.52 -13.26
CA GLY A 9 -50.43 -42.36 -12.42
C GLY A 9 -51.73 -41.76 -11.90
N GLY A 10 -51.64 -40.59 -11.32
CA GLY A 10 -52.77 -39.85 -10.90
C GLY A 10 -52.55 -39.27 -9.53
N LEU A 11 -53.65 -38.84 -8.92
CA LEU A 11 -53.67 -38.26 -7.60
C LEU A 11 -53.60 -39.36 -6.54
N VAL A 12 -52.90 -39.07 -5.45
CA VAL A 12 -52.81 -39.97 -4.32
C VAL A 12 -52.51 -39.13 -3.08
N GLN A 13 -53.06 -39.57 -1.95
CA GLN A 13 -52.95 -38.85 -0.67
C GLN A 13 -51.59 -39.10 -0.05
N PRO A 14 -51.09 -38.12 0.72
CA PRO A 14 -49.84 -38.38 1.44
C PRO A 14 -49.95 -39.68 2.26
N GLY A 15 -48.86 -40.44 2.32
CA GLY A 15 -48.82 -41.73 2.96
C GLY A 15 -49.36 -42.85 2.08
N GLY A 16 -49.98 -42.53 0.94
CA GLY A 16 -50.63 -43.54 0.13
C GLY A 16 -49.66 -44.30 -0.77
N SER A 17 -50.24 -45.11 -1.62
CA SER A 17 -49.56 -46.04 -2.48
C SER A 17 -50.08 -45.88 -3.91
N LEU A 18 -49.22 -46.17 -4.87
CA LEU A 18 -49.59 -46.19 -6.27
C LEU A 18 -48.68 -47.16 -7.00
N ARG A 19 -49.20 -47.81 -8.03
CA ARG A 19 -48.44 -48.73 -8.85
C ARG A 19 -48.41 -48.23 -10.29
N LEU A 20 -47.21 -48.06 -10.84
CA LEU A 20 -47.07 -47.59 -12.23
C LEU A 20 -46.72 -48.81 -13.07
N SER A 21 -47.21 -48.81 -14.29
CA SER A 21 -46.97 -49.87 -15.26
C SER A 21 -46.21 -49.30 -16.45
N CYS A 22 -45.51 -50.16 -17.14
CA CYS A 22 -44.82 -49.80 -18.33
C CYS A 22 -44.78 -50.99 -19.29
N ALA A 23 -45.51 -50.87 -20.38
CA ALA A 23 -45.63 -51.93 -21.39
C ALA A 23 -44.63 -51.72 -22.54
N ALA A 24 -43.75 -52.69 -22.75
CA ALA A 24 -42.79 -52.68 -23.83
C ALA A 24 -43.37 -53.37 -25.09
N SER A 25 -43.17 -52.75 -26.26
CA SER A 25 -43.47 -53.35 -27.58
C SER A 25 -42.23 -53.32 -28.46
N GLY A 26 -42.05 -54.33 -29.30
CA GLY A 26 -41.03 -54.27 -30.35
C GLY A 26 -39.68 -54.81 -29.89
N PHE A 27 -39.57 -55.13 -28.61
CA PHE A 27 -38.35 -55.73 -28.07
C PHE A 27 -38.73 -56.54 -26.82
N ASN A 28 -37.83 -57.41 -26.40
CA ASN A 28 -38.00 -58.24 -25.21
C ASN A 28 -37.28 -57.59 -24.03
N ILE A 29 -37.99 -57.27 -22.94
CA ILE A 29 -37.31 -56.62 -21.80
C ILE A 29 -36.29 -57.57 -21.15
N LYS A 30 -36.27 -58.85 -21.50
CA LYS A 30 -35.26 -59.79 -20.95
C LYS A 30 -33.85 -59.35 -21.38
N ASP A 31 -33.74 -58.70 -22.54
CA ASP A 31 -32.44 -58.24 -23.07
C ASP A 31 -32.04 -56.84 -22.61
N THR A 32 -32.55 -56.39 -21.47
CA THR A 32 -32.63 -54.95 -21.22
C THR A 32 -32.50 -54.65 -19.73
N TYR A 33 -32.13 -53.44 -19.42
CA TYR A 33 -32.45 -52.84 -18.13
C TYR A 33 -33.66 -51.94 -18.32
N ILE A 34 -34.61 -52.00 -17.41
CA ILE A 34 -35.70 -51.02 -17.45
C ILE A 34 -35.51 -50.08 -16.25
N HIS A 35 -35.64 -48.79 -16.53
CA HIS A 35 -35.40 -47.72 -15.56
C HIS A 35 -36.66 -46.86 -15.41
N TRP A 36 -36.83 -46.30 -14.21
CA TRP A 36 -37.75 -45.19 -13.98
C TRP A 36 -36.92 -43.95 -13.69
N VAL A 37 -37.34 -42.85 -14.30
CA VAL A 37 -36.75 -41.55 -14.12
C VAL A 37 -37.89 -40.60 -13.81
N ARG A 38 -37.73 -39.66 -12.90
CA ARG A 38 -38.79 -38.73 -12.64
C ARG A 38 -38.32 -37.28 -12.75
N GLN A 39 -39.30 -36.41 -12.91
CA GLN A 39 -39.04 -34.98 -13.05
C GLN A 39 -40.09 -34.22 -12.24
N ALA A 40 -39.69 -33.70 -11.10
CA ALA A 40 -40.53 -32.82 -10.30
C ALA A 40 -40.79 -31.54 -11.09
N PRO A 41 -41.90 -30.83 -10.82
CA PRO A 41 -42.29 -29.70 -11.72
C PRO A 41 -41.23 -28.59 -11.73
N GLY A 42 -40.78 -28.22 -12.94
CA GLY A 42 -39.70 -27.23 -13.13
C GLY A 42 -38.33 -27.68 -12.63
N LYS A 43 -38.10 -28.96 -12.36
CA LYS A 43 -36.81 -29.40 -11.82
C LYS A 43 -36.14 -30.32 -12.86
N GLY A 44 -34.96 -30.84 -12.51
CA GLY A 44 -34.17 -31.71 -13.39
C GLY A 44 -34.60 -33.17 -13.36
N LEU A 45 -34.01 -33.97 -14.23
CA LEU A 45 -34.29 -35.38 -14.29
C LEU A 45 -33.63 -36.03 -13.07
N GLU A 46 -34.33 -37.02 -12.48
CA GLU A 46 -33.78 -37.75 -11.35
C GLU A 46 -33.97 -39.25 -11.60
N TRP A 47 -32.88 -39.97 -11.74
CA TRP A 47 -32.96 -41.42 -11.84
C TRP A 47 -33.51 -41.97 -10.52
N VAL A 48 -34.46 -42.92 -10.59
CA VAL A 48 -35.09 -43.44 -9.37
C VAL A 48 -34.88 -44.95 -9.21
N ALA A 49 -34.98 -45.78 -10.26
CA ALA A 49 -34.89 -47.22 -10.02
C ALA A 49 -34.54 -47.98 -11.30
N ARG A 50 -34.10 -49.22 -11.15
CA ARG A 50 -33.66 -50.03 -12.29
C ARG A 50 -33.86 -51.52 -11.99
N ILE A 51 -34.32 -52.26 -12.99
CA ILE A 51 -34.50 -53.69 -12.89
C ILE A 51 -33.79 -54.36 -14.07
N TYR A 52 -33.15 -55.48 -13.78
CA TYR A 52 -32.69 -56.43 -14.79
C TYR A 52 -33.65 -57.62 -14.80
N PRO A 53 -34.59 -57.64 -15.75
CA PRO A 53 -35.76 -58.55 -15.61
C PRO A 53 -35.43 -60.04 -15.41
N THR A 54 -34.44 -60.57 -16.10
CA THR A 54 -34.17 -62.00 -16.07
C THR A 54 -33.97 -62.46 -14.62
N ASN A 55 -33.04 -61.80 -13.91
CA ASN A 55 -32.67 -62.22 -12.57
C ASN A 55 -33.34 -61.40 -11.48
N GLY A 56 -34.06 -60.34 -11.85
CA GLY A 56 -34.87 -59.60 -10.88
C GLY A 56 -34.01 -58.71 -10.00
N TYR A 57 -32.76 -58.42 -10.40
CA TYR A 57 -31.86 -57.49 -9.68
C TYR A 57 -32.39 -56.06 -9.81
N THR A 58 -32.38 -55.34 -8.68
CA THR A 58 -32.95 -54.05 -8.53
C THR A 58 -31.92 -53.10 -7.93
N ARG A 59 -31.96 -51.83 -8.37
CA ARG A 59 -31.22 -50.75 -7.69
C ARG A 59 -32.17 -49.56 -7.56
N TYR A 60 -31.94 -48.74 -6.53
CA TYR A 60 -32.82 -47.63 -6.18
C TYR A 60 -31.97 -46.42 -5.77
N ALA A 61 -32.46 -45.25 -6.09
CA ALA A 61 -31.91 -44.00 -5.56
C ALA A 61 -32.23 -43.91 -4.06
N ASP A 62 -31.32 -43.33 -3.29
CA ASP A 62 -31.51 -43.09 -1.85
C ASP A 62 -32.82 -42.39 -1.47
N SER A 63 -33.30 -41.53 -2.35
CA SER A 63 -34.48 -40.75 -2.06
C SER A 63 -35.75 -41.64 -2.07
N VAL A 64 -35.67 -42.84 -2.62
CA VAL A 64 -36.89 -43.69 -2.68
C VAL A 64 -36.62 -45.10 -2.12
N LYS A 65 -35.38 -45.43 -1.77
CA LYS A 65 -35.02 -46.77 -1.33
C LYS A 65 -35.83 -47.10 -0.07
N GLY A 66 -36.37 -48.31 0.00
CA GLY A 66 -37.22 -48.73 1.09
C GLY A 66 -38.69 -48.41 0.85
N ARG A 67 -39.01 -47.41 0.05
CA ARG A 67 -40.44 -47.04 -0.15
C ARG A 67 -40.93 -47.52 -1.51
N PHE A 68 -40.04 -47.66 -2.48
CA PHE A 68 -40.45 -48.01 -3.84
C PHE A 68 -39.90 -49.39 -4.17
N THR A 69 -40.61 -50.09 -5.02
CA THR A 69 -40.18 -51.40 -5.48
C THR A 69 -40.38 -51.48 -7.00
N ILE A 70 -39.32 -51.83 -7.70
CA ILE A 70 -39.38 -52.01 -9.15
C ILE A 70 -39.40 -53.52 -9.44
N SER A 71 -40.18 -53.93 -10.42
CA SER A 71 -40.24 -55.32 -10.83
C SER A 71 -40.55 -55.40 -12.33
N ALA A 72 -40.41 -56.61 -12.87
CA ALA A 72 -40.71 -56.86 -14.26
C ALA A 72 -41.31 -58.27 -14.41
N ASP A 73 -42.33 -58.35 -15.25
CA ASP A 73 -42.94 -59.59 -15.66
C ASP A 73 -42.50 -59.88 -17.10
N THR A 74 -41.54 -60.80 -17.28
CA THR A 74 -40.98 -61.05 -18.60
C THR A 74 -42.05 -61.61 -19.55
N SER A 75 -43.03 -62.35 -19.04
CA SER A 75 -44.03 -62.98 -19.89
C SER A 75 -45.07 -61.94 -20.37
N LYS A 76 -45.30 -60.86 -19.64
CA LYS A 76 -46.19 -59.78 -20.14
C LYS A 76 -45.38 -58.66 -20.82
N ASN A 77 -44.06 -58.76 -20.79
CA ASN A 77 -43.16 -57.73 -21.33
C ASN A 77 -43.46 -56.37 -20.67
N THR A 78 -43.65 -56.36 -19.35
CA THR A 78 -44.11 -55.18 -18.63
C THR A 78 -43.25 -54.98 -17.36
N ALA A 79 -42.98 -53.73 -17.03
CA ALA A 79 -42.29 -53.39 -15.81
C ALA A 79 -43.22 -52.54 -14.93
N TYR A 80 -42.94 -52.53 -13.64
CA TYR A 80 -43.83 -51.93 -12.65
C TYR A 80 -42.99 -51.15 -11.64
N LEU A 81 -43.57 -50.08 -11.11
CA LEU A 81 -42.95 -49.40 -9.96
C LEU A 81 -44.02 -49.23 -8.88
N GLN A 82 -43.88 -49.99 -7.80
CA GLN A 82 -44.75 -49.89 -6.65
C GLN A 82 -44.20 -48.80 -5.72
N MET A 83 -45.01 -47.80 -5.49
CA MET A 83 -44.66 -46.67 -4.68
C MET A 83 -45.41 -46.63 -3.39
N ASN A 84 -44.72 -46.77 -2.30
CA ASN A 84 -45.37 -46.70 -1.02
C ASN A 84 -44.87 -45.50 -0.26
N SER A 85 -45.67 -45.05 0.71
CA SER A 85 -45.45 -43.92 1.62
C SER A 85 -45.10 -42.59 0.96
N LEU A 86 -45.94 -42.17 0.04
CA LEU A 86 -45.72 -41.00 -0.74
C LEU A 86 -45.77 -39.64 -0.04
N ARG A 87 -44.87 -38.77 -0.43
CA ARG A 87 -44.83 -37.45 0.11
C ARG A 87 -44.87 -36.43 -0.98
N ALA A 88 -45.13 -35.21 -0.61
CA ALA A 88 -45.15 -34.04 -1.54
C ALA A 88 -43.97 -34.07 -2.54
N GLU A 89 -42.78 -34.45 -2.07
CA GLU A 89 -41.54 -34.41 -2.87
C GLU A 89 -41.54 -35.50 -3.96
N ASP A 90 -42.46 -36.47 -3.92
CA ASP A 90 -42.54 -37.50 -4.94
C ASP A 90 -43.45 -37.10 -6.13
N THR A 91 -44.11 -35.94 -5.97
CA THR A 91 -44.90 -35.38 -7.04
C THR A 91 -43.98 -35.07 -8.21
N ALA A 92 -44.32 -35.60 -9.38
CA ALA A 92 -43.39 -35.55 -10.52
C ALA A 92 -44.02 -36.27 -11.71
N VAL A 93 -43.49 -36.03 -12.89
CA VAL A 93 -43.77 -36.88 -14.04
C VAL A 93 -42.79 -38.04 -13.96
N TYR A 94 -43.30 -39.25 -14.14
CA TYR A 94 -42.54 -40.47 -14.01
C TYR A 94 -42.39 -41.08 -15.39
N TYR A 95 -41.15 -41.33 -15.78
CA TYR A 95 -40.87 -41.89 -17.03
C TYR A 95 -40.23 -43.28 -16.85
N CYS A 96 -40.65 -44.13 -17.73
CA CYS A 96 -40.08 -45.41 -18.02
C CYS A 96 -39.04 -45.26 -19.14
N ALA A 97 -37.93 -45.97 -19.07
CA ALA A 97 -36.92 -45.88 -20.10
C ALA A 97 -36.09 -47.16 -20.18
N LYS A 98 -35.60 -47.43 -21.38
CA LYS A 98 -34.96 -48.66 -21.67
C LYS A 98 -33.49 -48.39 -21.94
N LEU A 99 -32.65 -49.29 -21.42
CA LEU A 99 -31.24 -49.37 -21.82
C LEU A 99 -30.91 -50.79 -22.27
N GLY A 100 -30.26 -50.98 -23.42
CA GLY A 100 -29.78 -52.35 -23.84
C GLY A 100 -28.54 -52.82 -23.06
N ILE A 101 -27.94 -53.94 -23.50
CA ILE A 101 -26.79 -54.57 -22.81
C ILE A 101 -25.58 -54.64 -23.75
N GLY A 102 -24.38 -54.52 -23.19
CA GLY A 102 -23.16 -54.70 -23.99
C GLY A 102 -22.99 -53.58 -25.01
N TYR A 103 -23.00 -53.94 -26.29
CA TYR A 103 -22.92 -52.94 -27.36
C TYR A 103 -24.26 -52.23 -27.49
N TYR A 104 -25.27 -52.77 -26.85
CA TYR A 104 -26.57 -52.18 -26.89
C TYR A 104 -26.84 -51.28 -25.74
N TYR A 105 -25.84 -51.06 -24.93
CA TYR A 105 -25.91 -50.17 -23.81
C TYR A 105 -25.27 -48.84 -24.22
N TYR A 106 -26.06 -47.90 -24.66
CA TYR A 106 -25.53 -46.64 -25.06
C TYR A 106 -26.29 -45.46 -24.52
N GLY A 107 -27.44 -45.69 -23.99
CA GLY A 107 -28.22 -44.60 -23.47
C GLY A 107 -29.69 -44.87 -23.60
N MET A 108 -30.50 -44.06 -22.94
CA MET A 108 -31.92 -44.20 -22.97
C MET A 108 -32.47 -43.66 -24.26
N ASP A 109 -32.67 -44.57 -25.18
CA ASP A 109 -33.13 -44.22 -26.48
C ASP A 109 -34.60 -44.41 -26.65
N VAL A 110 -35.20 -45.11 -25.72
CA VAL A 110 -36.62 -45.30 -25.73
C VAL A 110 -37.18 -44.88 -24.39
N TRP A 111 -38.12 -43.95 -24.40
CA TRP A 111 -38.81 -43.43 -23.24
C TRP A 111 -40.30 -43.62 -23.44
N GLY A 112 -41.03 -43.73 -22.35
CA GLY A 112 -42.47 -43.54 -22.45
C GLY A 112 -42.83 -42.06 -22.48
N GLN A 113 -44.11 -41.78 -22.51
CA GLN A 113 -44.63 -40.42 -22.69
C GLN A 113 -44.62 -39.66 -21.37
N GLY A 114 -44.44 -40.37 -20.24
CA GLY A 114 -44.48 -39.78 -18.91
C GLY A 114 -45.87 -39.84 -18.29
N THR A 115 -45.93 -40.10 -16.99
CA THR A 115 -47.20 -40.15 -16.27
C THR A 115 -47.11 -39.27 -15.02
N LEU A 116 -48.02 -38.31 -14.87
CA LEU A 116 -47.94 -37.35 -13.71
C LEU A 116 -48.50 -38.03 -12.45
N VAL A 117 -47.69 -38.01 -11.39
CA VAL A 117 -48.13 -38.47 -10.06
C VAL A 117 -48.16 -37.24 -9.16
N THR A 118 -49.32 -36.97 -8.58
CA THR A 118 -49.54 -35.83 -7.71
C THR A 118 -49.87 -36.34 -6.30
N VAL A 119 -49.05 -35.93 -5.34
CA VAL A 119 -49.26 -36.33 -3.96
C VAL A 119 -49.86 -35.16 -3.19
N SER A 120 -51.16 -35.20 -2.97
CA SER A 120 -51.89 -34.12 -2.31
C SER A 120 -53.18 -34.68 -1.67
N SER A 121 -53.67 -33.98 -0.66
CA SER A 121 -54.91 -34.41 0.02
C SER A 121 -56.14 -33.67 -0.56
N ALA A 122 -55.96 -32.67 -1.42
CA ALA A 122 -57.09 -32.06 -2.12
C ALA A 122 -57.81 -33.10 -3.00
N SER A 123 -59.00 -32.77 -3.48
CA SER A 123 -59.84 -33.72 -4.22
C SER A 123 -59.97 -33.29 -5.70
N THR A 124 -60.22 -34.30 -6.53
CA THR A 124 -60.54 -34.12 -7.92
C THR A 124 -61.69 -33.11 -8.08
N LYS A 125 -61.60 -32.30 -9.13
CA LYS A 125 -62.59 -31.29 -9.46
C LYS A 125 -62.41 -30.96 -10.95
N GLY A 126 -63.47 -31.18 -11.72
CA GLY A 126 -63.45 -30.91 -13.17
C GLY A 126 -63.56 -29.43 -13.46
N PRO A 127 -63.04 -29.02 -14.60
CA PRO A 127 -63.00 -27.60 -14.94
C PRO A 127 -64.33 -27.09 -15.50
N SER A 128 -64.55 -25.79 -15.41
CA SER A 128 -65.47 -25.09 -16.30
C SER A 128 -64.67 -24.56 -17.48
N VAL A 129 -65.31 -24.46 -18.63
CA VAL A 129 -64.67 -24.02 -19.83
C VAL A 129 -65.46 -22.83 -20.40
N PHE A 130 -64.78 -21.69 -20.57
CA PHE A 130 -65.45 -20.50 -21.05
C PHE A 130 -64.74 -20.03 -22.30
N PRO A 131 -65.48 -19.42 -23.21
CA PRO A 131 -64.87 -18.87 -24.41
C PRO A 131 -64.11 -17.59 -24.06
N LEU A 132 -63.05 -17.36 -24.80
CA LEU A 132 -62.39 -16.06 -24.89
C LEU A 132 -62.65 -15.52 -26.29
N ALA A 133 -63.66 -14.64 -26.36
CA ALA A 133 -64.09 -14.08 -27.64
C ALA A 133 -63.53 -12.68 -27.79
N PRO A 134 -62.81 -12.43 -28.89
CA PRO A 134 -62.36 -11.07 -29.22
C PRO A 134 -63.54 -10.17 -29.64
N SER A 135 -63.40 -8.87 -29.56
CA SER A 135 -64.34 -8.01 -30.30
C SER A 135 -64.15 -8.25 -31.81
N SER A 136 -65.20 -7.91 -32.55
CA SER A 136 -65.10 -7.98 -34.02
C SER A 136 -64.05 -6.99 -34.52
N LYS A 137 -63.91 -5.86 -33.80
CA LYS A 137 -62.98 -4.76 -34.10
C LYS A 137 -61.51 -5.19 -34.03
N SER A 138 -61.18 -6.05 -33.04
CA SER A 138 -59.78 -6.49 -32.77
C SER A 138 -59.25 -7.36 -33.92
N THR A 139 -60.13 -7.74 -34.87
CA THR A 139 -59.77 -8.57 -36.06
C THR A 139 -59.26 -7.67 -37.22
N SER A 140 -59.27 -6.34 -37.02
CA SER A 140 -58.94 -5.37 -38.09
C SER A 140 -57.48 -5.53 -38.58
N GLY A 141 -56.54 -5.99 -37.77
CA GLY A 141 -55.16 -6.12 -38.30
C GLY A 141 -54.97 -7.36 -39.20
N GLY A 142 -56.07 -7.96 -39.63
CA GLY A 142 -56.02 -9.26 -40.31
C GLY A 142 -55.87 -10.43 -39.35
N THR A 143 -55.68 -10.23 -38.04
CA THR A 143 -55.51 -11.33 -37.11
C THR A 143 -56.62 -11.31 -36.04
N ALA A 144 -57.26 -12.47 -35.86
CA ALA A 144 -58.22 -12.66 -34.81
C ALA A 144 -57.63 -13.62 -33.78
N ALA A 145 -57.76 -13.19 -32.54
CA ALA A 145 -57.25 -14.01 -31.48
C ALA A 145 -58.44 -14.47 -30.67
N LEU A 146 -58.50 -15.77 -30.43
CA LEU A 146 -59.62 -16.30 -29.67
C LEU A 146 -59.12 -17.49 -28.85
N GLY A 147 -59.89 -17.87 -27.85
CA GLY A 147 -59.35 -18.87 -26.93
C GLY A 147 -60.39 -19.46 -26.01
N CYS A 148 -59.94 -20.32 -25.12
CA CYS A 148 -60.75 -20.95 -24.11
C CYS A 148 -60.07 -20.75 -22.74
N LEU A 149 -60.87 -20.40 -21.76
CA LEU A 149 -60.41 -20.30 -20.41
C LEU A 149 -60.85 -21.55 -19.66
N VAL A 150 -59.92 -22.33 -19.14
CA VAL A 150 -60.19 -23.59 -18.51
C VAL A 150 -59.98 -23.42 -17.01
N LYS A 151 -61.06 -23.27 -16.26
CA LYS A 151 -60.98 -22.69 -14.91
C LYS A 151 -61.46 -23.67 -13.82
N ASP A 152 -60.71 -23.68 -12.74
CA ASP A 152 -61.02 -24.37 -11.48
C ASP A 152 -60.98 -25.86 -11.53
N TYR A 153 -59.80 -26.45 -11.74
CA TYR A 153 -59.69 -27.90 -11.80
C TYR A 153 -58.59 -28.38 -10.85
N PHE A 154 -58.66 -29.68 -10.53
CA PHE A 154 -57.64 -30.38 -9.74
C PHE A 154 -57.75 -31.88 -10.00
N PRO A 155 -56.61 -32.58 -10.12
CA PRO A 155 -55.24 -32.10 -10.22
C PRO A 155 -54.91 -31.75 -11.68
N GLU A 156 -53.65 -31.40 -11.93
CA GLU A 156 -53.13 -31.40 -13.30
C GLU A 156 -53.16 -32.86 -13.81
N PRO A 157 -53.13 -33.06 -15.15
CA PRO A 157 -53.08 -32.11 -16.24
C PRO A 157 -54.42 -31.97 -16.98
N VAL A 158 -54.45 -31.00 -17.88
CA VAL A 158 -55.54 -30.76 -18.77
C VAL A 158 -54.96 -30.78 -20.19
N THR A 159 -55.64 -31.38 -21.16
CA THR A 159 -55.20 -31.22 -22.55
C THR A 159 -56.21 -30.33 -23.28
N VAL A 160 -55.70 -29.52 -24.20
CA VAL A 160 -56.51 -28.69 -25.05
C VAL A 160 -56.04 -28.89 -26.49
N SER A 161 -56.98 -28.97 -27.39
CA SER A 161 -56.67 -29.00 -28.77
C SER A 161 -57.69 -28.10 -29.47
N TRP A 162 -57.42 -27.77 -30.72
CA TRP A 162 -58.29 -26.93 -31.52
C TRP A 162 -58.75 -27.70 -32.76
N ASN A 163 -60.06 -27.65 -33.05
CA ASN A 163 -60.65 -28.34 -34.23
C ASN A 163 -60.18 -29.80 -34.25
N SER A 164 -60.40 -30.46 -33.12
CA SER A 164 -60.13 -31.88 -32.88
C SER A 164 -58.72 -32.30 -33.28
N GLY A 165 -57.77 -31.36 -33.23
CA GLY A 165 -56.35 -31.67 -33.45
C GLY A 165 -55.83 -31.13 -34.78
N ALA A 166 -56.74 -30.72 -35.67
CA ALA A 166 -56.39 -30.29 -37.04
C ALA A 166 -55.74 -28.90 -37.05
N LEU A 167 -55.95 -28.11 -36.00
CA LEU A 167 -55.39 -26.77 -35.91
C LEU A 167 -54.32 -26.72 -34.82
N THR A 168 -53.07 -26.58 -35.26
CA THR A 168 -51.93 -26.57 -34.40
C THR A 168 -51.13 -25.27 -34.55
N SER A 169 -51.15 -24.64 -35.71
CA SER A 169 -50.35 -23.44 -35.94
C SER A 169 -51.00 -22.24 -35.25
N GLY A 170 -50.21 -21.49 -34.50
CA GLY A 170 -50.69 -20.29 -33.80
C GLY A 170 -51.31 -20.57 -32.44
N VAL A 171 -51.21 -21.82 -31.98
CA VAL A 171 -51.84 -22.21 -30.71
C VAL A 171 -50.83 -21.99 -29.60
N HIS A 172 -51.28 -21.29 -28.55
CA HIS A 172 -50.53 -21.19 -27.32
C HIS A 172 -51.43 -21.67 -26.19
N THR A 173 -51.08 -22.81 -25.61
CA THR A 173 -51.76 -23.30 -24.41
C THR A 173 -50.85 -22.98 -23.22
N PHE A 174 -51.27 -22.06 -22.34
CA PHE A 174 -50.40 -21.54 -21.31
C PHE A 174 -50.21 -22.57 -20.19
N PRO A 175 -49.08 -22.52 -19.48
CA PRO A 175 -48.99 -23.25 -18.23
C PRO A 175 -50.12 -22.88 -17.27
N ALA A 176 -50.61 -23.90 -16.60
CA ALA A 176 -51.56 -23.74 -15.54
C ALA A 176 -50.96 -22.87 -14.44
N VAL A 177 -51.76 -21.97 -13.89
CA VAL A 177 -51.43 -21.30 -12.64
C VAL A 177 -52.34 -21.86 -11.54
N LEU A 178 -51.78 -22.02 -10.36
CA LEU A 178 -52.52 -22.46 -9.19
C LEU A 178 -53.11 -21.22 -8.50
N GLN A 179 -54.42 -21.17 -8.35
CA GLN A 179 -55.10 -20.01 -7.74
C GLN A 179 -54.99 -20.10 -6.22
N SER A 180 -55.38 -19.01 -5.55
CA SER A 180 -55.31 -18.97 -4.08
C SER A 180 -56.26 -20.03 -3.49
N SER A 181 -57.29 -20.41 -4.26
CA SER A 181 -58.25 -21.47 -3.87
C SER A 181 -57.62 -22.88 -3.89
N GLY A 182 -56.41 -23.07 -4.41
CA GLY A 182 -55.84 -24.43 -4.54
C GLY A 182 -56.35 -25.19 -5.76
N LEU A 183 -57.03 -24.50 -6.66
CA LEU A 183 -57.44 -25.05 -7.95
C LEU A 183 -56.63 -24.37 -9.08
N TYR A 184 -56.43 -25.15 -10.13
CA TYR A 184 -55.66 -24.72 -11.26
C TYR A 184 -56.59 -24.01 -12.25
N SER A 185 -55.98 -23.24 -13.11
CA SER A 185 -56.66 -22.53 -14.17
C SER A 185 -55.68 -22.31 -15.34
N LEU A 186 -56.11 -22.49 -16.58
CA LEU A 186 -55.27 -22.09 -17.70
C LEU A 186 -56.11 -21.60 -18.86
N SER A 187 -55.44 -20.90 -19.78
CA SER A 187 -56.03 -20.48 -21.02
C SER A 187 -55.29 -21.12 -22.19
N SER A 188 -56.04 -21.33 -23.27
CA SER A 188 -55.49 -21.69 -24.55
C SER A 188 -55.95 -20.64 -25.55
N VAL A 189 -55.07 -20.16 -26.39
CA VAL A 189 -55.48 -19.23 -27.42
C VAL A 189 -54.91 -19.68 -28.78
N VAL A 190 -55.53 -19.14 -29.80
CA VAL A 190 -55.06 -19.33 -31.12
C VAL A 190 -55.31 -18.04 -31.90
N THR A 191 -54.38 -17.74 -32.80
CA THR A 191 -54.56 -16.64 -33.72
C THR A 191 -54.77 -17.22 -35.11
N VAL A 192 -55.77 -16.67 -35.78
CA VAL A 192 -56.15 -17.11 -37.11
C VAL A 192 -56.36 -15.85 -37.95
N PRO A 193 -56.33 -15.99 -39.28
CA PRO A 193 -56.65 -14.85 -40.13
C PRO A 193 -58.15 -14.53 -39.98
N SER A 194 -58.50 -13.25 -39.91
CA SER A 194 -59.90 -12.79 -39.79
C SER A 194 -60.72 -13.14 -41.06
N SER A 195 -60.04 -13.24 -42.20
CA SER A 195 -60.68 -13.57 -43.47
C SER A 195 -61.14 -15.03 -43.50
N SER A 196 -60.67 -15.84 -42.54
CA SER A 196 -61.04 -17.25 -42.41
C SER A 196 -62.30 -17.43 -41.53
N LEU A 197 -62.76 -16.39 -40.82
CA LEU A 197 -64.05 -16.50 -40.09
C LEU A 197 -65.19 -16.66 -41.11
N GLY A 198 -66.21 -17.44 -40.77
CA GLY A 198 -67.35 -17.61 -41.71
C GLY A 198 -67.13 -18.70 -42.76
N THR A 199 -65.91 -18.88 -43.28
CA THR A 199 -65.49 -20.16 -43.94
C THR A 199 -65.10 -21.24 -42.93
N GLN A 200 -64.50 -20.88 -41.78
CA GLN A 200 -64.04 -21.89 -40.80
C GLN A 200 -64.72 -21.63 -39.46
N THR A 201 -64.89 -22.69 -38.67
CA THR A 201 -65.33 -22.56 -37.30
C THR A 201 -64.23 -23.08 -36.37
N TYR A 202 -64.28 -22.56 -35.14
CA TYR A 202 -63.20 -22.74 -34.20
C TYR A 202 -63.74 -23.32 -32.89
N ILE A 203 -63.27 -24.51 -32.58
CA ILE A 203 -63.75 -25.29 -31.44
C ILE A 203 -62.56 -25.68 -30.59
N CYS A 204 -62.63 -25.46 -29.29
CA CYS A 204 -61.55 -25.97 -28.46
C CYS A 204 -62.04 -27.22 -27.73
N ASN A 205 -61.18 -28.22 -27.67
CA ASN A 205 -61.50 -29.51 -27.09
C ASN A 205 -60.68 -29.64 -25.82
N VAL A 206 -61.35 -29.62 -24.69
CA VAL A 206 -60.67 -29.71 -23.43
C VAL A 206 -60.88 -31.13 -22.87
N ASN A 207 -59.83 -31.72 -22.33
CA ASN A 207 -59.93 -33.03 -21.75
C ASN A 207 -59.25 -32.97 -20.37
N HIS A 208 -60.01 -33.27 -19.32
CA HIS A 208 -59.45 -33.41 -17.97
C HIS A 208 -59.70 -34.84 -17.47
N LYS A 209 -58.76 -35.74 -17.76
CA LYS A 209 -58.95 -37.19 -17.56
C LYS A 209 -59.15 -37.54 -16.08
N PRO A 210 -58.51 -36.82 -15.16
CA PRO A 210 -58.74 -37.18 -13.75
C PRO A 210 -60.21 -37.13 -13.31
N SER A 211 -61.03 -36.30 -13.95
CA SER A 211 -62.45 -36.15 -13.56
C SER A 211 -63.36 -36.62 -14.71
N ASN A 212 -62.79 -37.31 -15.71
CA ASN A 212 -63.52 -37.73 -16.90
C ASN A 212 -64.39 -36.59 -17.45
N THR A 213 -63.77 -35.43 -17.61
CA THR A 213 -64.41 -34.24 -18.21
C THR A 213 -63.87 -34.07 -19.63
N LYS A 214 -64.77 -34.06 -20.59
CA LYS A 214 -64.42 -33.88 -21.98
C LYS A 214 -65.39 -32.81 -22.52
N VAL A 215 -64.88 -31.65 -22.90
CA VAL A 215 -65.77 -30.54 -23.22
C VAL A 215 -65.27 -29.86 -24.50
N ASP A 216 -66.21 -29.56 -25.38
CA ASP A 216 -65.94 -28.81 -26.57
C ASP A 216 -66.62 -27.49 -26.36
N LYS A 217 -66.08 -26.46 -26.99
CA LYS A 217 -66.66 -25.15 -26.89
C LYS A 217 -66.38 -24.39 -28.18
N LYS A 218 -67.44 -23.90 -28.81
CA LYS A 218 -67.28 -23.10 -30.01
C LYS A 218 -66.96 -21.67 -29.58
N VAL A 219 -66.05 -21.06 -30.32
CA VAL A 219 -65.57 -19.74 -30.01
C VAL A 219 -65.63 -18.93 -31.30
N GLU A 220 -66.39 -17.86 -31.33
CA GLU A 220 -66.23 -16.92 -32.41
C GLU A 220 -66.30 -15.50 -31.83
N PRO A 221 -65.73 -14.53 -32.55
CA PRO A 221 -65.86 -13.11 -32.27
C PRO A 221 -67.33 -12.66 -32.11
N LYS A 222 -67.58 -11.75 -31.17
CA LYS A 222 -68.89 -11.14 -30.97
C LYS A 222 -68.74 -9.62 -31.18
N SER A 223 -69.80 -8.92 -31.61
CA SER A 223 -69.71 -7.49 -32.01
C SER A 223 -69.65 -6.55 -30.79
N CYS A 224 -70.76 -5.88 -30.47
CA CYS A 224 -70.88 -5.01 -29.27
C CYS A 224 -72.33 -4.49 -29.09
N ASP A 225 -73.13 -4.40 -30.16
CA ASP A 225 -74.55 -3.97 -30.10
C ASP A 225 -74.88 -2.99 -28.97
N ASP B 1 -19.46 -44.04 -6.28
CA ASP B 1 -20.32 -43.58 -7.40
C ASP B 1 -20.20 -42.06 -7.68
N ILE B 2 -20.08 -41.74 -8.98
CA ILE B 2 -19.76 -40.42 -9.46
C ILE B 2 -21.04 -39.60 -9.59
N GLN B 3 -20.89 -38.30 -9.33
CA GLN B 3 -21.85 -37.27 -9.73
C GLN B 3 -21.24 -36.42 -10.88
N MET B 4 -22.09 -35.96 -11.76
CA MET B 4 -21.67 -35.05 -12.81
C MET B 4 -22.09 -33.63 -12.43
N THR B 5 -21.18 -32.68 -12.59
CA THR B 5 -21.58 -31.30 -12.48
C THR B 5 -21.58 -30.68 -13.90
N GLN B 6 -22.72 -30.11 -14.24
CA GLN B 6 -23.00 -29.68 -15.55
C GLN B 6 -23.05 -28.15 -15.52
N SER B 7 -22.54 -27.56 -16.58
CA SER B 7 -22.40 -26.15 -16.63
C SER B 7 -22.46 -25.67 -18.08
N PRO B 8 -23.01 -24.48 -18.32
CA PRO B 8 -23.63 -23.58 -17.37
C PRO B 8 -25.05 -24.03 -17.01
N SER B 9 -25.66 -23.31 -16.12
CA SER B 9 -26.99 -23.65 -15.68
C SER B 9 -28.00 -23.17 -16.72
N SER B 10 -27.74 -21.99 -17.27
CA SER B 10 -28.50 -21.54 -18.44
C SER B 10 -27.61 -20.67 -19.33
N LEU B 11 -28.01 -20.50 -20.57
CA LEU B 11 -27.31 -19.61 -21.46
C LEU B 11 -28.25 -19.17 -22.56
N SER B 12 -27.84 -18.07 -23.17
CA SER B 12 -28.60 -17.43 -24.21
C SER B 12 -27.68 -17.18 -25.41
N ALA B 13 -28.10 -17.63 -26.59
CA ALA B 13 -27.25 -17.58 -27.75
C ALA B 13 -28.10 -17.37 -29.01
N SER B 14 -27.46 -16.81 -30.04
CA SER B 14 -28.12 -16.44 -31.31
C SER B 14 -28.11 -17.62 -32.30
N VAL B 15 -29.08 -17.61 -33.22
CA VAL B 15 -29.10 -18.55 -34.31
C VAL B 15 -27.75 -18.49 -35.07
N GLY B 16 -27.16 -19.65 -35.33
CA GLY B 16 -25.85 -19.73 -36.00
C GLY B 16 -24.66 -19.82 -35.04
N ASP B 17 -24.85 -19.51 -33.77
CA ASP B 17 -23.76 -19.54 -32.81
C ASP B 17 -23.35 -20.98 -32.45
N ARG B 18 -22.17 -21.09 -31.90
CA ARG B 18 -21.61 -22.26 -31.27
C ARG B 18 -21.95 -22.26 -29.77
N VAL B 19 -22.69 -23.27 -29.35
CA VAL B 19 -23.03 -23.46 -27.95
C VAL B 19 -22.20 -24.61 -27.37
N THR B 20 -21.60 -24.40 -26.20
CA THR B 20 -20.78 -25.39 -25.57
C THR B 20 -21.27 -25.60 -24.12
N ILE B 21 -21.57 -26.85 -23.82
CA ILE B 21 -22.12 -27.28 -22.54
C ILE B 21 -21.16 -28.32 -21.95
N THR B 22 -20.95 -28.25 -20.66
CA THR B 22 -19.86 -28.98 -20.02
C THR B 22 -20.38 -29.90 -18.91
N CYS B 23 -19.71 -31.02 -18.72
CA CYS B 23 -20.10 -32.02 -17.73
C CYS B 23 -18.80 -32.49 -17.05
N ARG B 24 -18.67 -32.34 -15.75
CA ARG B 24 -17.44 -32.75 -15.02
C ARG B 24 -17.74 -33.84 -13.96
N ALA B 25 -17.00 -34.93 -14.01
CA ALA B 25 -17.12 -36.02 -13.01
C ALA B 25 -16.49 -35.62 -11.67
N SER B 26 -17.10 -36.09 -10.60
CA SER B 26 -16.71 -35.76 -9.21
C SER B 26 -15.42 -36.47 -8.78
N GLN B 27 -15.11 -37.61 -9.37
CA GLN B 27 -13.94 -38.39 -8.94
C GLN B 27 -12.83 -38.22 -9.98
N ASP B 28 -11.58 -38.43 -9.57
CA ASP B 28 -10.47 -38.32 -10.49
C ASP B 28 -10.41 -39.55 -11.40
N ILE B 29 -10.45 -39.32 -12.71
CA ILE B 29 -10.51 -40.37 -13.73
C ILE B 29 -9.46 -40.01 -14.79
N PRO B 30 -8.61 -40.96 -15.15
CA PRO B 30 -7.51 -40.60 -16.03
C PRO B 30 -7.93 -40.36 -17.47
N ARG B 31 -7.13 -39.60 -18.22
CA ARG B 31 -7.41 -39.24 -19.61
C ARG B 31 -7.48 -40.48 -20.53
N SER B 32 -7.00 -41.63 -20.08
CA SER B 32 -7.08 -42.86 -20.86
C SER B 32 -8.53 -43.39 -20.90
N ILE B 33 -9.38 -42.93 -19.99
CA ILE B 33 -10.76 -43.37 -19.97
C ILE B 33 -11.62 -42.32 -20.65
N SER B 34 -12.61 -42.80 -21.39
CA SER B 34 -13.49 -41.95 -22.16
C SER B 34 -14.82 -42.69 -22.38
N GLY B 35 -15.72 -42.10 -23.14
CA GLY B 35 -16.88 -42.83 -23.66
C GLY B 35 -17.90 -43.23 -22.61
N TYR B 36 -18.05 -42.49 -21.50
CA TYR B 36 -19.01 -42.95 -20.49
C TYR B 36 -20.15 -41.94 -20.26
N VAL B 37 -20.29 -40.94 -21.14
CA VAL B 37 -21.32 -39.89 -20.97
C VAL B 37 -22.28 -39.93 -22.15
N ALA B 38 -23.58 -39.86 -21.84
CA ALA B 38 -24.61 -39.63 -22.86
C ALA B 38 -25.22 -38.24 -22.69
N TRP B 39 -25.72 -37.65 -23.76
CA TRP B 39 -26.35 -36.33 -23.75
C TRP B 39 -27.77 -36.43 -24.32
N TYR B 40 -28.69 -35.72 -23.66
CA TYR B 40 -30.09 -35.72 -24.01
C TYR B 40 -30.58 -34.28 -24.21
N GLN B 41 -31.60 -34.15 -25.05
CA GLN B 41 -32.32 -32.93 -25.29
C GLN B 41 -33.74 -33.10 -24.78
N GLN B 42 -34.19 -32.24 -23.89
CA GLN B 42 -35.60 -32.34 -23.47
C GLN B 42 -36.35 -31.05 -23.82
N LYS B 43 -37.31 -31.15 -24.71
CA LYS B 43 -38.26 -30.06 -24.93
C LYS B 43 -39.28 -30.06 -23.80
N PRO B 44 -39.82 -28.88 -23.49
CA PRO B 44 -40.61 -28.76 -22.25
C PRO B 44 -41.82 -29.71 -22.23
N GLY B 45 -41.91 -30.50 -21.15
CA GLY B 45 -43.01 -31.43 -20.95
C GLY B 45 -42.90 -32.73 -21.75
N LYS B 46 -41.89 -32.92 -22.60
CA LYS B 46 -41.75 -34.12 -23.42
C LYS B 46 -40.68 -35.03 -22.82
N ALA B 47 -40.60 -36.25 -23.32
CA ALA B 47 -39.51 -37.14 -22.93
C ALA B 47 -38.17 -36.67 -23.51
N PRO B 48 -37.10 -36.79 -22.77
CA PRO B 48 -35.77 -36.51 -23.34
C PRO B 48 -35.47 -37.38 -24.56
N LYS B 49 -34.67 -36.85 -25.48
CA LYS B 49 -34.20 -37.59 -26.65
C LYS B 49 -32.68 -37.71 -26.57
N LEU B 50 -32.18 -38.87 -26.97
CA LEU B 50 -30.76 -39.13 -26.95
C LEU B 50 -30.12 -38.42 -28.15
N LEU B 51 -29.04 -37.70 -27.89
CA LEU B 51 -28.30 -36.99 -28.93
C LEU B 51 -26.95 -37.68 -29.18
N ILE B 52 -26.21 -37.92 -28.11
CA ILE B 52 -24.85 -38.37 -28.15
C ILE B 52 -24.68 -39.50 -27.14
N TYR B 53 -23.98 -40.56 -27.55
CA TYR B 53 -23.71 -41.68 -26.66
C TYR B 53 -22.22 -42.02 -26.75
N TRP B 54 -21.77 -42.74 -25.75
CA TRP B 54 -20.38 -43.06 -25.53
C TRP B 54 -19.48 -41.83 -25.74
N GLY B 55 -19.88 -40.69 -25.19
CA GLY B 55 -18.99 -39.52 -25.17
C GLY B 55 -19.04 -38.72 -26.45
N SER B 56 -19.00 -39.37 -27.62
CA SER B 56 -18.70 -38.67 -28.86
C SER B 56 -19.48 -39.22 -30.05
N TYR B 57 -20.38 -40.19 -29.88
CA TYR B 57 -21.04 -40.81 -31.05
C TYR B 57 -22.45 -40.25 -31.22
N LEU B 58 -22.72 -39.86 -32.45
CA LEU B 58 -23.94 -39.19 -32.85
C LEU B 58 -25.04 -40.24 -33.03
N TYR B 59 -26.10 -40.12 -32.27
CA TYR B 59 -27.19 -41.07 -32.35
C TYR B 59 -27.91 -40.92 -33.69
N SER B 60 -28.52 -42.00 -34.12
CA SER B 60 -29.18 -42.08 -35.43
C SER B 60 -30.31 -41.03 -35.55
N GLY B 61 -30.25 -40.27 -36.65
CA GLY B 61 -31.31 -39.35 -37.00
C GLY B 61 -31.21 -38.00 -36.32
N VAL B 62 -30.06 -37.72 -35.68
CA VAL B 62 -29.80 -36.48 -34.97
C VAL B 62 -28.94 -35.61 -35.88
N PRO B 63 -29.31 -34.35 -36.05
CA PRO B 63 -28.61 -33.52 -37.01
C PRO B 63 -27.12 -33.41 -36.64
N SER B 64 -26.26 -33.23 -37.61
CA SER B 64 -24.82 -33.39 -37.40
C SER B 64 -24.21 -32.12 -36.78
N ARG B 65 -25.00 -31.07 -36.57
CA ARG B 65 -24.49 -29.92 -35.84
C ARG B 65 -24.29 -30.24 -34.35
N PHE B 66 -24.84 -31.36 -33.87
CA PHE B 66 -24.56 -31.86 -32.52
C PHE B 66 -23.31 -32.74 -32.56
N SER B 67 -22.39 -32.50 -31.64
CA SER B 67 -21.24 -33.37 -31.41
C SER B 67 -20.87 -33.38 -29.93
N GLY B 68 -20.00 -34.31 -29.55
CA GLY B 68 -19.59 -34.41 -28.19
C GLY B 68 -18.16 -34.89 -28.11
N SER B 69 -17.47 -34.52 -27.06
CA SER B 69 -16.19 -35.15 -26.82
C SER B 69 -15.83 -35.12 -25.33
N GLY B 70 -14.80 -35.85 -24.98
CA GLY B 70 -14.33 -35.81 -23.62
C GLY B 70 -13.50 -37.02 -23.27
N SER B 71 -12.85 -36.91 -22.13
CA SER B 71 -11.99 -37.90 -21.60
C SER B 71 -11.69 -37.54 -20.15
N GLY B 72 -11.16 -38.49 -19.38
CA GLY B 72 -10.92 -38.28 -17.98
C GLY B 72 -12.22 -37.88 -17.29
N THR B 73 -12.21 -36.68 -16.70
CA THR B 73 -13.36 -36.19 -15.96
C THR B 73 -14.21 -35.25 -16.82
N ASP B 74 -13.74 -34.80 -17.98
CA ASP B 74 -14.32 -33.61 -18.64
C ASP B 74 -14.98 -33.90 -19.98
N PHE B 75 -16.28 -33.60 -20.09
CA PHE B 75 -17.04 -33.91 -21.29
C PHE B 75 -17.76 -32.66 -21.80
N THR B 76 -17.96 -32.61 -23.10
CA THR B 76 -18.47 -31.43 -23.72
C THR B 76 -19.53 -31.84 -24.76
N LEU B 77 -20.64 -31.10 -24.79
CA LEU B 77 -21.60 -31.17 -25.87
C LEU B 77 -21.53 -29.86 -26.65
N THR B 78 -21.42 -29.94 -27.97
CA THR B 78 -21.30 -28.77 -28.80
C THR B 78 -22.43 -28.77 -29.83
N ILE B 79 -23.09 -27.65 -29.96
CA ILE B 79 -24.01 -27.39 -31.04
C ILE B 79 -23.32 -26.37 -31.96
N SER B 80 -23.01 -26.76 -33.19
CA SER B 80 -22.07 -25.94 -33.97
C SER B 80 -22.80 -24.79 -34.66
N SER B 81 -24.10 -24.94 -34.88
CA SER B 81 -24.83 -23.92 -35.61
C SER B 81 -26.26 -23.82 -35.07
N LEU B 82 -26.41 -23.05 -34.02
CA LEU B 82 -27.59 -23.12 -33.21
C LEU B 82 -28.82 -22.76 -34.03
N GLN B 83 -29.85 -23.60 -33.93
CA GLN B 83 -31.09 -23.41 -34.64
C GLN B 83 -32.19 -23.08 -33.64
N PRO B 84 -33.28 -22.43 -34.11
CA PRO B 84 -34.40 -22.08 -33.22
C PRO B 84 -35.01 -23.30 -32.51
N GLU B 85 -35.06 -24.43 -33.20
CA GLU B 85 -35.59 -25.69 -32.67
C GLU B 85 -34.71 -26.26 -31.56
N ASP B 86 -33.48 -25.77 -31.43
CA ASP B 86 -32.59 -26.26 -30.39
C ASP B 86 -32.89 -25.71 -28.98
N PHE B 87 -33.85 -24.80 -28.87
CA PHE B 87 -34.39 -24.42 -27.57
C PHE B 87 -34.82 -25.68 -26.82
N ALA B 88 -34.29 -25.85 -25.61
CA ALA B 88 -34.50 -27.04 -24.81
C ALA B 88 -33.66 -26.99 -23.54
N THR B 89 -33.87 -27.96 -22.66
CA THR B 89 -32.92 -28.22 -21.58
C THR B 89 -32.08 -29.43 -21.96
N TYR B 90 -30.76 -29.35 -21.82
CA TYR B 90 -29.86 -30.43 -22.20
C TYR B 90 -29.31 -31.08 -20.94
N TYR B 91 -29.25 -32.41 -20.93
CA TYR B 91 -28.78 -33.13 -19.73
C TYR B 91 -27.64 -34.08 -20.13
N CYS B 92 -26.61 -34.14 -19.31
CA CYS B 92 -25.69 -35.28 -19.42
C CYS B 92 -26.08 -36.42 -18.48
N GLN B 93 -25.49 -37.57 -18.74
CA GLN B 93 -25.66 -38.75 -17.93
C GLN B 93 -24.35 -39.55 -17.91
N GLN B 94 -23.92 -40.04 -16.76
CA GLN B 94 -22.74 -40.92 -16.70
C GLN B 94 -23.19 -42.36 -16.48
N HIS B 95 -22.48 -43.31 -17.08
CA HIS B 95 -22.65 -44.72 -16.79
C HIS B 95 -21.28 -45.36 -16.56
N TYR B 96 -20.34 -44.57 -16.03
CA TYR B 96 -19.05 -45.10 -15.60
C TYR B 96 -19.25 -46.05 -14.42
N THR B 97 -20.04 -45.58 -13.46
CA THR B 97 -20.54 -46.36 -12.38
C THR B 97 -22.05 -46.17 -12.33
N THR B 98 -22.76 -47.21 -12.65
CA THR B 98 -24.17 -47.19 -12.58
C THR B 98 -24.59 -47.51 -11.14
N PRO B 99 -25.83 -47.21 -10.79
CA PRO B 99 -26.91 -46.53 -11.54
C PRO B 99 -26.53 -45.18 -12.17
N PRO B 100 -27.07 -44.91 -13.37
CA PRO B 100 -26.57 -43.82 -14.17
C PRO B 100 -27.24 -42.49 -13.78
N THR B 101 -26.45 -41.56 -13.25
CA THR B 101 -26.95 -40.30 -12.75
C THR B 101 -26.88 -39.21 -13.84
N PHE B 102 -27.78 -38.24 -13.69
CA PHE B 102 -27.90 -37.12 -14.60
C PHE B 102 -27.22 -35.88 -14.04
N GLY B 103 -26.77 -35.01 -14.91
CA GLY B 103 -26.41 -33.66 -14.53
C GLY B 103 -27.67 -32.85 -14.27
N GLN B 104 -27.50 -31.59 -13.83
CA GLN B 104 -28.60 -30.75 -13.37
C GLN B 104 -29.26 -30.02 -14.54
N GLY B 105 -28.65 -30.09 -15.73
CA GLY B 105 -29.28 -29.54 -16.92
C GLY B 105 -28.78 -28.14 -17.24
N THR B 106 -28.80 -27.86 -18.53
CA THR B 106 -28.46 -26.57 -19.05
C THR B 106 -29.62 -26.06 -19.89
N LYS B 107 -30.29 -24.99 -19.49
CA LYS B 107 -31.39 -24.45 -20.26
C LYS B 107 -30.83 -23.53 -21.37
N VAL B 108 -31.12 -23.84 -22.62
CA VAL B 108 -30.65 -23.04 -23.73
C VAL B 108 -31.77 -22.14 -24.26
N GLU B 109 -31.58 -20.84 -24.18
CA GLU B 109 -32.54 -19.87 -24.72
C GLU B 109 -31.99 -19.28 -26.03
N ILE B 110 -32.85 -19.10 -27.01
CA ILE B 110 -32.42 -18.57 -28.30
C ILE B 110 -32.54 -17.05 -28.26
N LYS B 111 -31.45 -16.37 -28.46
CA LYS B 111 -31.49 -14.92 -28.47
C LYS B 111 -31.83 -14.46 -29.89
N ARG B 112 -32.87 -13.66 -30.02
CA ARG B 112 -33.34 -13.24 -31.33
C ARG B 112 -33.56 -11.73 -31.28
N THR B 113 -33.99 -11.17 -32.40
CA THR B 113 -34.30 -9.76 -32.47
C THR B 113 -35.54 -9.45 -31.62
N VAL B 114 -35.59 -8.21 -31.20
CA VAL B 114 -36.65 -7.65 -30.44
C VAL B 114 -37.91 -7.62 -31.28
N ALA B 115 -39.00 -8.05 -30.66
CA ALA B 115 -40.32 -8.07 -31.29
C ALA B 115 -41.37 -7.63 -30.28
N ALA B 116 -42.12 -6.60 -30.63
CA ALA B 116 -43.17 -6.10 -29.74
C ALA B 116 -44.34 -7.08 -29.71
N PRO B 117 -45.03 -7.13 -28.57
CA PRO B 117 -46.18 -7.99 -28.48
C PRO B 117 -47.37 -7.40 -29.22
N SER B 118 -48.18 -8.27 -29.82
CA SER B 118 -49.52 -7.89 -30.26
C SER B 118 -50.47 -8.17 -29.09
N VAL B 119 -51.34 -7.22 -28.79
CA VAL B 119 -52.14 -7.26 -27.56
C VAL B 119 -53.64 -7.40 -27.90
N PHE B 120 -54.32 -8.24 -27.11
CA PHE B 120 -55.74 -8.49 -27.26
C PHE B 120 -56.39 -8.62 -25.88
N ILE B 121 -57.62 -8.16 -25.73
CA ILE B 121 -58.33 -8.25 -24.45
C ILE B 121 -59.65 -9.01 -24.64
N PHE B 122 -60.03 -9.78 -23.64
CA PHE B 122 -61.19 -10.65 -23.67
C PHE B 122 -62.09 -10.39 -22.46
N PRO B 123 -63.35 -9.95 -22.70
CA PRO B 123 -64.28 -9.79 -21.59
C PRO B 123 -64.68 -11.17 -21.04
N PRO B 124 -65.19 -11.22 -19.79
CA PRO B 124 -65.68 -12.46 -19.28
C PRO B 124 -66.92 -12.89 -20.09
N SER B 125 -67.13 -14.19 -20.16
CA SER B 125 -68.26 -14.77 -20.89
C SER B 125 -69.53 -14.60 -20.05
N ASP B 126 -70.65 -14.50 -20.74
CA ASP B 126 -71.96 -14.50 -20.06
C ASP B 126 -72.16 -15.79 -19.22
N GLU B 127 -71.71 -16.92 -19.77
CA GLU B 127 -71.82 -18.20 -19.06
C GLU B 127 -71.13 -18.10 -17.69
N GLN B 128 -69.93 -17.49 -17.63
CA GLN B 128 -69.19 -17.38 -16.36
C GLN B 128 -69.90 -16.42 -15.39
N LEU B 129 -70.41 -15.30 -15.90
CA LEU B 129 -71.03 -14.29 -15.02
C LEU B 129 -72.21 -14.89 -14.23
N LYS B 130 -72.99 -15.77 -14.88
CA LYS B 130 -74.06 -16.51 -14.23
C LYS B 130 -73.59 -17.14 -12.91
N SER B 131 -72.34 -17.57 -12.81
CA SER B 131 -71.86 -18.31 -11.63
C SER B 131 -71.24 -17.36 -10.58
N GLY B 132 -71.18 -16.06 -10.86
CA GLY B 132 -70.79 -15.11 -9.82
C GLY B 132 -69.31 -14.71 -9.85
N THR B 133 -68.57 -15.07 -10.90
CA THR B 133 -67.16 -14.65 -11.02
C THR B 133 -66.91 -14.08 -12.42
N ALA B 134 -65.97 -13.14 -12.51
CA ALA B 134 -65.62 -12.54 -13.80
C ALA B 134 -64.10 -12.62 -13.99
N SER B 135 -63.67 -13.33 -15.03
CA SER B 135 -62.26 -13.38 -15.42
C SER B 135 -62.08 -12.50 -16.64
N VAL B 136 -61.20 -11.49 -16.56
CA VAL B 136 -60.85 -10.71 -17.75
C VAL B 136 -59.44 -11.10 -18.17
N VAL B 137 -59.24 -11.33 -19.46
CA VAL B 137 -57.99 -11.91 -19.92
C VAL B 137 -57.36 -10.95 -20.93
N CYS B 138 -56.03 -10.85 -20.84
CA CYS B 138 -55.23 -10.08 -21.74
C CYS B 138 -54.13 -10.97 -22.33
N LEU B 139 -54.02 -10.98 -23.64
CA LEU B 139 -53.03 -11.74 -24.33
C LEU B 139 -51.95 -10.82 -24.91
N LEU B 140 -50.68 -11.12 -24.61
CA LEU B 140 -49.54 -10.54 -25.30
C LEU B 140 -48.91 -11.61 -26.18
N ASN B 141 -48.90 -11.41 -27.49
CA ASN B 141 -48.64 -12.51 -28.40
C ASN B 141 -47.35 -12.25 -29.19
N ASN B 142 -46.47 -13.27 -29.14
CA ASN B 142 -45.27 -13.42 -29.99
C ASN B 142 -44.34 -12.21 -29.86
N PHE B 143 -43.73 -12.09 -28.68
CA PHE B 143 -42.80 -11.00 -28.36
C PHE B 143 -41.46 -11.56 -27.88
N TYR B 144 -40.46 -10.69 -27.94
CA TYR B 144 -39.12 -10.99 -27.47
C TYR B 144 -38.42 -9.67 -27.12
N PRO B 145 -37.76 -9.59 -25.96
CA PRO B 145 -37.49 -10.65 -24.97
C PRO B 145 -38.66 -10.88 -24.00
N ARG B 146 -38.44 -11.80 -23.06
CA ARG B 146 -39.49 -12.35 -22.18
C ARG B 146 -40.08 -11.30 -21.25
N GLU B 147 -39.29 -10.31 -20.90
CA GLU B 147 -39.66 -9.29 -19.92
C GLU B 147 -40.76 -8.40 -20.51
N ALA B 148 -41.91 -8.38 -19.85
CA ALA B 148 -43.04 -7.53 -20.27
C ALA B 148 -43.89 -7.18 -19.04
N LYS B 149 -44.50 -6.00 -19.03
CA LYS B 149 -45.30 -5.57 -17.90
C LYS B 149 -46.75 -5.35 -18.37
N VAL B 150 -47.67 -5.79 -17.53
CA VAL B 150 -49.08 -5.65 -17.79
C VAL B 150 -49.71 -4.95 -16.58
N GLN B 151 -50.34 -3.80 -16.82
CA GLN B 151 -51.16 -3.11 -15.81
C GLN B 151 -52.64 -3.15 -16.20
N TRP B 152 -53.45 -3.65 -15.28
CA TRP B 152 -54.89 -3.61 -15.41
C TRP B 152 -55.42 -2.29 -14.85
N LYS B 153 -56.26 -1.62 -15.63
CA LYS B 153 -57.03 -0.45 -15.17
C LYS B 153 -58.53 -0.79 -15.26
N VAL B 154 -59.25 -0.49 -14.17
CA VAL B 154 -60.70 -0.59 -14.11
C VAL B 154 -61.26 0.80 -13.82
N ASP B 155 -61.96 1.40 -14.79
CA ASP B 155 -62.34 2.83 -14.73
C ASP B 155 -61.16 3.68 -14.27
N ASN B 156 -59.98 3.43 -14.84
CA ASN B 156 -58.79 4.27 -14.62
C ASN B 156 -58.09 3.98 -13.29
N ALA B 157 -58.66 3.14 -12.42
CA ALA B 157 -57.99 2.75 -11.18
C ALA B 157 -57.02 1.58 -11.44
N LEU B 158 -55.74 1.80 -11.24
CA LEU B 158 -54.76 0.74 -11.45
C LEU B 158 -55.01 -0.35 -10.40
N GLN B 159 -55.00 -1.60 -10.84
CA GLN B 159 -55.36 -2.75 -10.02
C GLN B 159 -54.12 -3.37 -9.41
N SER B 160 -54.33 -4.13 -8.33
CA SER B 160 -53.25 -4.80 -7.66
C SER B 160 -53.80 -5.97 -6.83
N GLY B 161 -53.06 -7.07 -6.81
CA GLY B 161 -53.36 -8.26 -6.01
C GLY B 161 -54.43 -9.18 -6.60
N ASN B 162 -54.99 -8.87 -7.77
CA ASN B 162 -56.14 -9.63 -8.27
C ASN B 162 -55.86 -10.15 -9.70
N SER B 163 -54.60 -10.29 -10.07
CA SER B 163 -54.24 -10.85 -11.41
C SER B 163 -53.13 -11.89 -11.27
N GLN B 164 -53.05 -12.75 -12.28
CA GLN B 164 -52.01 -13.73 -12.40
C GLN B 164 -51.60 -13.82 -13.86
N GLU B 165 -50.32 -14.06 -14.08
CA GLU B 165 -49.73 -14.16 -15.39
C GLU B 165 -49.21 -15.59 -15.59
N SER B 166 -49.14 -15.98 -16.84
CA SER B 166 -48.52 -17.20 -17.28
C SER B 166 -47.81 -16.90 -18.59
N VAL B 167 -46.65 -17.52 -18.82
CA VAL B 167 -45.94 -17.25 -20.07
C VAL B 167 -45.52 -18.58 -20.69
N THR B 168 -45.57 -18.65 -22.01
CA THR B 168 -45.25 -19.87 -22.70
C THR B 168 -43.74 -20.06 -22.74
N GLU B 169 -43.35 -21.27 -23.05
CA GLU B 169 -41.98 -21.54 -23.40
C GLU B 169 -41.71 -20.87 -24.76
N GLN B 170 -40.44 -20.59 -24.96
CA GLN B 170 -40.01 -20.01 -26.19
C GLN B 170 -40.45 -20.90 -27.34
N ASP B 171 -40.94 -20.28 -28.40
CA ASP B 171 -41.47 -21.03 -29.54
C ASP B 171 -40.34 -21.67 -30.36
N SER B 172 -40.54 -22.89 -30.80
CA SER B 172 -39.50 -23.66 -31.46
C SER B 172 -39.32 -23.22 -32.93
N LYS B 173 -40.19 -22.39 -33.47
CA LYS B 173 -39.99 -21.92 -34.85
C LYS B 173 -39.49 -20.47 -34.86
N ASP B 174 -40.16 -19.58 -34.17
CA ASP B 174 -39.81 -18.12 -34.22
C ASP B 174 -39.11 -17.55 -32.95
N SER B 175 -38.99 -18.35 -31.90
CA SER B 175 -38.21 -18.02 -30.69
C SER B 175 -38.86 -16.90 -29.87
N THR B 176 -40.16 -16.69 -30.04
CA THR B 176 -40.89 -15.67 -29.26
C THR B 176 -41.61 -16.30 -28.05
N TYR B 177 -42.10 -15.41 -27.21
CA TYR B 177 -42.86 -15.77 -26.03
C TYR B 177 -44.27 -15.22 -26.19
N SER B 178 -45.20 -15.80 -25.47
CA SER B 178 -46.52 -15.20 -25.34
C SER B 178 -46.88 -15.20 -23.86
N LEU B 179 -47.78 -14.30 -23.48
CA LEU B 179 -48.12 -14.13 -22.09
C LEU B 179 -49.62 -13.88 -21.95
N SER B 180 -50.21 -14.52 -20.93
CA SER B 180 -51.61 -14.29 -20.57
C SER B 180 -51.69 -13.64 -19.18
N SER B 181 -52.50 -12.58 -19.06
CA SER B 181 -52.79 -11.99 -17.76
C SER B 181 -54.30 -12.08 -17.52
N THR B 182 -54.67 -12.62 -16.35
CA THR B 182 -56.04 -12.90 -16.00
C THR B 182 -56.41 -12.06 -14.76
N LEU B 183 -57.32 -11.10 -14.95
CA LEU B 183 -57.90 -10.28 -13.85
C LEU B 183 -59.15 -10.97 -13.32
N THR B 184 -59.17 -11.26 -12.03
CA THR B 184 -60.25 -11.99 -11.42
C THR B 184 -61.01 -11.07 -10.45
N LEU B 185 -62.29 -10.82 -10.75
CA LEU B 185 -63.19 -9.97 -9.97
C LEU B 185 -64.43 -10.79 -9.58
N SER B 186 -65.12 -10.37 -8.54
CA SER B 186 -66.49 -10.88 -8.29
C SER B 186 -67.42 -10.29 -9.35
N LYS B 187 -68.50 -11.01 -9.63
CA LYS B 187 -69.55 -10.46 -10.52
C LYS B 187 -70.05 -9.13 -9.96
N ALA B 188 -70.28 -9.07 -8.66
CA ALA B 188 -70.69 -7.84 -8.00
C ALA B 188 -69.80 -6.68 -8.47
N ASP B 189 -68.49 -6.79 -8.21
CA ASP B 189 -67.54 -5.75 -8.60
C ASP B 189 -67.48 -5.52 -10.10
N TYR B 190 -67.56 -6.59 -10.90
CA TYR B 190 -67.47 -6.43 -12.34
C TYR B 190 -68.57 -5.48 -12.84
N GLU B 191 -69.79 -5.64 -12.33
CA GLU B 191 -70.96 -4.88 -12.85
C GLU B 191 -70.95 -3.42 -12.38
N LYS B 192 -70.14 -3.08 -11.38
CA LYS B 192 -70.03 -1.69 -10.82
C LYS B 192 -69.32 -0.73 -11.77
N HIS B 193 -68.52 -1.24 -12.71
CA HIS B 193 -67.60 -0.41 -13.46
C HIS B 193 -67.81 -0.64 -14.94
N LYS B 194 -67.30 0.26 -15.77
CA LYS B 194 -67.58 0.22 -17.22
C LYS B 194 -66.32 -0.09 -18.03
N VAL B 195 -65.19 0.57 -17.76
CA VAL B 195 -64.05 0.50 -18.69
C VAL B 195 -62.99 -0.45 -18.11
N TYR B 196 -62.68 -1.48 -18.89
CA TYR B 196 -61.68 -2.46 -18.51
C TYR B 196 -60.53 -2.38 -19.50
N ALA B 197 -59.34 -2.15 -18.97
CA ALA B 197 -58.20 -1.87 -19.84
C ALA B 197 -56.98 -2.68 -19.38
N CYS B 198 -56.22 -3.05 -20.39
CA CYS B 198 -54.97 -3.76 -20.29
C CYS B 198 -53.88 -2.83 -20.84
N GLU B 199 -52.87 -2.48 -20.04
CA GLU B 199 -51.79 -1.62 -20.51
C GLU B 199 -50.46 -2.38 -20.52
N VAL B 200 -49.78 -2.39 -21.67
CA VAL B 200 -48.62 -3.24 -21.90
C VAL B 200 -47.36 -2.43 -22.17
N THR B 201 -46.31 -2.75 -21.42
CA THR B 201 -45.01 -2.16 -21.59
C THR B 201 -44.02 -3.25 -21.99
N HIS B 202 -43.21 -2.95 -23.01
CA HIS B 202 -42.20 -3.88 -23.51
C HIS B 202 -41.14 -3.08 -24.27
N GLN B 203 -39.90 -3.56 -24.27
CA GLN B 203 -38.83 -2.77 -24.85
C GLN B 203 -39.04 -2.58 -26.37
N GLY B 204 -39.82 -3.44 -27.01
CA GLY B 204 -40.12 -3.30 -28.44
C GLY B 204 -41.19 -2.24 -28.72
N LEU B 205 -41.84 -1.69 -27.69
CA LEU B 205 -42.86 -0.63 -27.87
C LEU B 205 -42.30 0.74 -27.45
N SER B 206 -42.39 1.70 -28.34
CA SER B 206 -42.01 3.10 -28.08
C SER B 206 -42.75 3.65 -26.87
N SER B 207 -44.06 3.41 -26.81
CA SER B 207 -44.89 3.81 -25.64
C SER B 207 -45.83 2.66 -25.28
N PRO B 208 -46.43 2.70 -24.07
CA PRO B 208 -47.44 1.68 -23.70
C PRO B 208 -48.54 1.48 -24.75
N VAL B 209 -48.95 0.24 -24.96
CA VAL B 209 -50.13 -0.08 -25.75
C VAL B 209 -51.25 -0.47 -24.78
N THR B 210 -52.42 0.11 -24.97
CA THR B 210 -53.59 -0.19 -24.17
C THR B 210 -54.65 -0.81 -25.07
N LYS B 211 -55.24 -1.88 -24.58
CA LYS B 211 -56.45 -2.44 -25.14
C LYS B 211 -57.52 -2.38 -24.06
N SER B 212 -58.73 -2.01 -24.48
CA SER B 212 -59.84 -1.86 -23.55
C SER B 212 -61.16 -2.25 -24.24
N PHE B 213 -62.14 -2.50 -23.40
CA PHE B 213 -63.50 -2.63 -23.82
C PHE B 213 -64.36 -1.95 -22.75
N ASN B 214 -65.58 -1.57 -23.17
CA ASN B 214 -66.63 -1.07 -22.28
C ASN B 214 -67.60 -2.22 -21.97
N ARG B 215 -67.93 -2.44 -20.69
CA ARG B 215 -68.80 -3.52 -20.29
C ARG B 215 -70.22 -3.30 -20.84
N GLY B 216 -70.84 -4.36 -21.36
CA GLY B 216 -72.06 -4.26 -22.13
C GLY B 216 -71.88 -3.54 -23.46
N GLU B 217 -70.61 -3.27 -23.83
CA GLU B 217 -70.18 -2.77 -25.14
C GLU B 217 -70.97 -1.53 -25.56
N GLU C 13 -5.64 -75.06 -57.68
CA GLU C 13 -4.19 -75.31 -58.01
C GLU C 13 -3.44 -75.73 -56.74
N VAL C 14 -2.41 -76.51 -56.95
CA VAL C 14 -1.58 -77.03 -55.88
C VAL C 14 -0.59 -75.95 -55.42
N VAL C 15 -0.49 -75.73 -54.11
CA VAL C 15 0.56 -74.86 -53.57
C VAL C 15 1.86 -75.65 -53.56
N LYS C 16 2.94 -75.02 -54.02
CA LYS C 16 4.18 -75.72 -54.25
C LYS C 16 5.00 -75.74 -52.96
N PHE C 17 5.73 -76.84 -52.77
CA PHE C 17 6.47 -77.09 -51.55
C PHE C 17 7.26 -75.85 -51.08
N MET C 18 8.01 -75.20 -51.96
CA MET C 18 8.91 -74.13 -51.51
C MET C 18 8.07 -72.90 -51.11
N ASP C 19 6.90 -72.70 -51.71
CA ASP C 19 5.96 -71.69 -51.26
C ASP C 19 5.38 -71.97 -49.89
N VAL C 20 4.92 -73.20 -49.68
CA VAL C 20 4.38 -73.59 -48.38
C VAL C 20 5.43 -73.32 -47.31
N TYR C 21 6.67 -73.68 -47.61
CA TYR C 21 7.74 -73.55 -46.66
C TYR C 21 7.97 -72.07 -46.33
N GLN C 22 8.01 -71.26 -47.38
CA GLN C 22 8.36 -69.86 -47.27
C GLN C 22 7.24 -69.07 -46.56
N ARG C 23 5.97 -69.42 -46.80
CA ARG C 23 4.82 -68.69 -46.22
C ARG C 23 4.58 -69.14 -44.77
N SER C 24 5.10 -70.31 -44.39
CA SER C 24 4.80 -70.85 -43.08
C SER C 24 5.98 -70.66 -42.11
N TYR C 25 7.11 -70.16 -42.59
CA TYR C 25 8.29 -70.10 -41.71
C TYR C 25 8.11 -68.96 -40.69
N CYS C 26 8.39 -69.30 -39.43
CA CYS C 26 8.48 -68.38 -38.29
C CYS C 26 8.60 -66.91 -38.73
N HIS C 27 7.50 -66.17 -38.59
CA HIS C 27 7.48 -64.74 -38.87
C HIS C 27 6.37 -64.07 -38.04
N PRO C 28 6.36 -62.73 -38.00
CA PRO C 28 5.27 -62.02 -37.33
C PRO C 28 4.03 -62.02 -38.23
N ILE C 29 2.89 -62.44 -37.69
CA ILE C 29 1.67 -62.48 -38.48
C ILE C 29 0.50 -61.86 -37.68
N GLU C 30 -0.43 -61.21 -38.39
CA GLU C 30 -1.61 -60.69 -37.72
C GLU C 30 -2.41 -61.86 -37.12
N THR C 31 -2.56 -61.79 -35.82
CA THR C 31 -3.14 -62.78 -34.99
C THR C 31 -4.26 -62.15 -34.13
N LEU C 32 -5.38 -62.82 -33.98
CA LEU C 32 -6.47 -62.32 -33.17
C LEU C 32 -6.37 -62.95 -31.79
N VAL C 33 -5.96 -62.16 -30.81
CA VAL C 33 -5.68 -62.59 -29.46
C VAL C 33 -6.83 -62.17 -28.55
N ASP C 34 -7.29 -63.09 -27.75
CA ASP C 34 -8.33 -62.82 -26.76
C ASP C 34 -7.75 -61.93 -25.65
N ILE C 35 -8.47 -60.88 -25.28
CA ILE C 35 -7.94 -59.87 -24.34
C ILE C 35 -7.81 -60.49 -22.93
N PHE C 36 -8.74 -61.39 -22.59
CA PHE C 36 -8.69 -62.08 -21.31
C PHE C 36 -7.37 -62.87 -21.20
N GLN C 37 -6.80 -63.32 -22.30
CA GLN C 37 -5.51 -64.01 -22.29
C GLN C 37 -4.37 -63.05 -21.94
N GLU C 38 -4.39 -61.84 -22.47
CA GLU C 38 -3.31 -60.85 -22.23
C GLU C 38 -3.45 -60.18 -20.85
N TYR C 39 -4.63 -60.25 -20.24
CA TYR C 39 -4.88 -59.70 -18.90
C TYR C 39 -5.62 -60.75 -18.08
N PRO C 40 -4.92 -61.87 -17.74
CA PRO C 40 -5.56 -63.09 -17.23
C PRO C 40 -6.16 -62.85 -15.83
N ASP C 41 -5.65 -61.82 -15.12
CA ASP C 41 -6.08 -61.48 -13.77
C ASP C 41 -7.27 -60.53 -13.68
N GLU C 42 -7.86 -60.07 -14.80
CA GLU C 42 -9.05 -59.24 -14.72
C GLU C 42 -10.31 -60.05 -14.34
N ILE C 43 -10.65 -59.94 -13.06
CA ILE C 43 -11.79 -60.63 -12.42
C ILE C 43 -12.96 -59.64 -12.29
N GLU C 44 -12.98 -58.58 -13.11
CA GLU C 44 -13.92 -57.47 -12.89
C GLU C 44 -14.52 -56.97 -14.20
N TYR C 45 -13.75 -56.93 -15.27
CA TYR C 45 -14.22 -56.37 -16.57
C TYR C 45 -14.50 -57.49 -17.58
N ILE C 46 -15.52 -57.28 -18.40
CA ILE C 46 -15.75 -57.91 -19.71
C ILE C 46 -15.27 -56.93 -20.80
N PHE C 47 -14.73 -57.42 -21.91
CA PHE C 47 -14.15 -56.56 -22.92
C PHE C 47 -14.91 -56.72 -24.23
N LYS C 48 -15.02 -55.60 -24.93
CA LYS C 48 -15.71 -55.50 -26.18
C LYS C 48 -14.92 -54.54 -27.08
N PRO C 49 -14.37 -55.03 -28.20
CA PRO C 49 -14.32 -56.41 -28.64
C PRO C 49 -13.54 -57.29 -27.66
N SER C 50 -13.81 -58.59 -27.67
CA SER C 50 -13.20 -59.52 -26.71
C SER C 50 -11.82 -59.98 -27.21
N CYS C 51 -11.46 -59.66 -28.45
CA CYS C 51 -10.14 -59.99 -28.99
C CYS C 51 -9.59 -58.84 -29.84
N VAL C 52 -8.27 -58.81 -30.01
CA VAL C 52 -7.62 -57.74 -30.76
C VAL C 52 -6.64 -58.33 -31.80
N PRO C 53 -6.46 -57.62 -32.91
CA PRO C 53 -5.47 -57.93 -33.95
C PRO C 53 -4.05 -57.43 -33.59
N LEU C 54 -3.17 -58.37 -33.26
CA LEU C 54 -1.79 -58.08 -32.87
C LEU C 54 -0.82 -58.84 -33.80
N MET C 55 0.28 -58.20 -34.16
CA MET C 55 1.40 -58.92 -34.78
C MET C 55 2.04 -59.80 -33.72
N ARG C 56 2.10 -61.08 -33.98
CA ARG C 56 2.72 -62.02 -33.09
C ARG C 56 3.45 -63.07 -33.88
N CYS C 57 4.31 -63.80 -33.23
CA CYS C 57 5.12 -64.82 -33.85
C CYS C 57 4.24 -66.03 -34.11
N GLY C 58 4.23 -66.45 -35.37
CA GLY C 58 3.59 -67.67 -35.75
C GLY C 58 4.40 -68.40 -36.80
N GLY C 59 3.99 -69.63 -37.06
CA GLY C 59 4.67 -70.48 -37.98
C GLY C 59 5.52 -71.49 -37.24
N CYS C 60 6.44 -72.08 -37.98
CA CYS C 60 7.12 -73.25 -37.52
C CYS C 60 8.61 -73.16 -37.89
N CYS C 61 9.39 -73.97 -37.20
CA CYS C 61 10.82 -73.97 -37.37
C CYS C 61 11.26 -75.31 -37.97
N ASN C 62 12.47 -75.31 -38.52
CA ASN C 62 13.01 -76.48 -39.22
C ASN C 62 13.11 -77.68 -38.27
N ASP C 63 13.72 -77.51 -37.12
CA ASP C 63 13.88 -78.61 -36.16
C ASP C 63 12.67 -78.60 -35.23
N GLU C 64 12.41 -79.69 -34.52
CA GLU C 64 11.37 -79.69 -33.46
C GLU C 64 12.02 -79.35 -32.11
N GLY C 65 13.34 -79.23 -32.09
CA GLY C 65 14.07 -78.69 -30.95
C GLY C 65 14.07 -77.17 -30.94
N LEU C 66 13.80 -76.55 -32.09
CA LEU C 66 13.67 -75.09 -32.16
C LEU C 66 12.21 -74.71 -31.92
N GLU C 67 11.98 -73.47 -31.51
CA GLU C 67 10.63 -72.88 -31.37
C GLU C 67 10.69 -71.42 -31.81
N CYS C 68 9.53 -70.91 -32.19
CA CYS C 68 9.43 -69.61 -32.83
C CYS C 68 9.14 -68.57 -31.74
N VAL C 69 10.07 -67.63 -31.53
CA VAL C 69 9.96 -66.64 -30.45
C VAL C 69 10.34 -65.25 -30.97
N PRO C 70 9.88 -64.22 -30.23
CA PRO C 70 10.15 -62.83 -30.59
C PRO C 70 11.55 -62.38 -30.18
N THR C 71 12.18 -61.61 -31.05
CA THR C 71 13.45 -60.96 -30.73
C THR C 71 13.16 -59.50 -30.34
N GLU C 72 12.51 -58.78 -31.25
CA GLU C 72 12.13 -57.39 -31.07
C GLU C 72 10.63 -57.28 -30.70
N GLU C 73 10.34 -56.54 -29.64
CA GLU C 73 8.97 -56.33 -29.16
C GLU C 73 8.67 -54.82 -29.09
N SER C 74 7.38 -54.49 -29.15
CA SER C 74 6.90 -53.12 -28.97
C SER C 74 5.43 -53.14 -28.46
N ASN C 75 4.95 -52.00 -27.99
CA ASN C 75 3.62 -51.87 -27.38
C ASN C 75 2.70 -51.16 -28.36
N ILE C 76 1.44 -51.58 -28.41
CA ILE C 76 0.41 -50.83 -29.12
C ILE C 76 -0.78 -50.63 -28.16
N THR C 77 -1.42 -49.47 -28.29
CA THR C 77 -2.51 -49.06 -27.40
C THR C 77 -3.79 -48.96 -28.23
N MET C 78 -4.84 -49.58 -27.70
CA MET C 78 -6.13 -49.64 -28.39
C MET C 78 -7.24 -49.23 -27.42
N GLN C 79 -8.28 -48.61 -27.96
CA GLN C 79 -9.52 -48.29 -27.23
C GLN C 79 -10.45 -49.49 -27.19
N ILE C 80 -10.74 -49.96 -25.99
CA ILE C 80 -11.59 -51.13 -25.78
C ILE C 80 -12.75 -50.73 -24.87
N MET C 81 -13.95 -51.22 -25.17
CA MET C 81 -15.03 -51.04 -24.26
C MET C 81 -14.88 -52.00 -23.06
N ARG C 82 -14.86 -51.46 -21.87
CA ARG C 82 -14.73 -52.22 -20.65
C ARG C 82 -16.02 -52.16 -19.84
N ILE C 83 -16.63 -53.31 -19.68
CA ILE C 83 -17.93 -53.41 -19.01
C ILE C 83 -17.77 -54.15 -17.68
N LYS C 84 -18.25 -53.55 -16.61
CA LYS C 84 -18.41 -54.22 -15.35
C LYS C 84 -19.90 -54.55 -15.24
N PRO C 85 -20.28 -55.81 -15.49
CA PRO C 85 -21.69 -56.16 -15.57
C PRO C 85 -22.51 -55.63 -14.39
N HIS C 86 -23.62 -54.98 -14.73
CA HIS C 86 -24.57 -54.41 -13.75
C HIS C 86 -24.01 -53.18 -13.06
N GLN C 87 -22.80 -52.74 -13.42
CA GLN C 87 -22.11 -51.68 -12.66
C GLN C 87 -21.61 -50.55 -13.58
N GLY C 88 -21.60 -50.67 -14.89
CA GLY C 88 -21.17 -49.53 -15.70
C GLY C 88 -20.22 -49.91 -16.81
N GLN C 89 -19.97 -48.99 -17.72
CA GLN C 89 -19.03 -49.24 -18.77
C GLN C 89 -18.44 -47.94 -19.33
N HIS C 90 -17.26 -48.08 -19.93
CA HIS C 90 -16.54 -47.00 -20.52
C HIS C 90 -15.61 -47.51 -21.62
N ILE C 91 -15.02 -46.59 -22.36
CA ILE C 91 -13.98 -46.90 -23.28
C ILE C 91 -12.65 -46.57 -22.61
N GLY C 92 -11.71 -47.53 -22.66
CA GLY C 92 -10.43 -47.40 -22.01
C GLY C 92 -9.30 -47.78 -22.94
N GLU C 93 -8.18 -47.11 -22.77
CA GLU C 93 -7.02 -47.37 -23.58
C GLU C 93 -6.27 -48.54 -22.94
N MET C 94 -6.09 -49.62 -23.67
CA MET C 94 -5.35 -50.77 -23.15
C MET C 94 -4.12 -51.05 -24.03
N SER C 95 -3.08 -51.52 -23.37
CA SER C 95 -1.83 -51.74 -24.09
C SER C 95 -1.59 -53.25 -24.25
N PHE C 96 -1.08 -53.57 -25.44
CA PHE C 96 -0.80 -54.96 -25.83
C PHE C 96 0.61 -55.07 -26.42
N LEU C 97 1.24 -56.22 -26.18
CA LEU C 97 2.56 -56.49 -26.74
C LEU C 97 2.43 -56.94 -28.20
N GLN C 98 3.26 -56.35 -29.06
CA GLN C 98 3.42 -56.81 -30.44
C GLN C 98 4.84 -57.37 -30.67
N HIS C 99 4.97 -58.22 -31.69
CA HIS C 99 6.27 -58.78 -32.09
C HIS C 99 6.68 -58.16 -33.43
N ASN C 100 7.82 -57.49 -33.45
CA ASN C 100 8.31 -56.79 -34.64
C ASN C 100 9.22 -57.71 -35.46
N LYS C 101 9.93 -58.61 -34.76
CA LYS C 101 10.85 -59.57 -35.38
C LYS C 101 10.87 -60.86 -34.55
N CYS C 102 10.82 -61.98 -35.26
CA CYS C 102 10.84 -63.32 -34.67
C CYS C 102 12.05 -64.08 -35.20
N GLU C 103 12.49 -65.07 -34.43
CA GLU C 103 13.51 -65.98 -34.92
C GLU C 103 13.32 -67.35 -34.28
N CYS C 104 13.86 -68.37 -34.94
CA CYS C 104 13.85 -69.70 -34.37
C CYS C 104 15.03 -69.85 -33.39
N ARG C 105 14.72 -70.16 -32.14
CA ARG C 105 15.71 -70.29 -31.09
C ARG C 105 15.53 -71.65 -30.43
N PRO C 106 16.63 -72.23 -29.93
CA PRO C 106 16.59 -73.46 -29.13
C PRO C 106 15.58 -73.38 -27.98
N LYS C 107 15.02 -74.51 -27.59
CA LYS C 107 14.15 -74.56 -26.42
C LYS C 107 15.02 -74.60 -25.15
N GLU D 1 6.73 -11.66 9.54
CA GLU D 1 7.97 -10.91 9.92
C GLU D 1 8.24 -11.05 11.42
N VAL D 2 9.47 -10.71 11.78
CA VAL D 2 9.94 -10.76 13.17
C VAL D 2 9.24 -9.65 13.95
N GLN D 3 8.72 -9.96 15.13
CA GLN D 3 8.03 -8.95 15.94
C GLN D 3 7.89 -9.43 17.41
N LEU D 4 7.65 -8.46 18.28
CA LEU D 4 7.33 -8.72 19.66
C LEU D 4 6.11 -7.86 19.98
N VAL D 5 5.16 -8.46 20.70
CA VAL D 5 3.95 -7.78 21.10
C VAL D 5 3.79 -7.92 22.61
N GLU D 6 3.87 -6.81 23.31
CA GLU D 6 3.66 -6.78 24.76
C GLU D 6 2.16 -6.72 25.05
N SER D 7 1.79 -7.23 26.22
CA SER D 7 0.47 -6.96 26.79
C SER D 7 0.53 -7.06 28.31
N GLY D 8 -0.51 -6.54 28.94
CA GLY D 8 -0.73 -6.73 30.34
C GLY D 8 -0.42 -5.50 31.18
N GLY D 9 -0.16 -4.35 30.57
CA GLY D 9 0.07 -3.17 31.36
C GLY D 9 -1.22 -2.59 31.89
N GLY D 10 -1.12 -1.41 32.47
CA GLY D 10 -2.27 -0.71 32.96
C GLY D 10 -2.02 -0.17 34.35
N LEU D 11 -3.11 0.24 34.98
CA LEU D 11 -3.11 0.83 36.30
C LEU D 11 -2.99 -0.25 37.38
N VAL D 12 -2.26 0.08 38.44
CA VAL D 12 -2.12 -0.80 39.60
C VAL D 12 -1.79 0.05 40.82
N GLN D 13 -2.28 -0.38 41.98
CA GLN D 13 -2.13 0.39 43.22
C GLN D 13 -0.74 0.19 43.81
N PRO D 14 -0.25 1.17 44.58
CA PRO D 14 1.01 0.96 45.28
C PRO D 14 0.96 -0.36 46.07
N GLY D 15 2.08 -1.09 46.09
CA GLY D 15 2.17 -2.40 46.75
C GLY D 15 1.63 -3.54 45.88
N GLY D 16 0.99 -3.22 44.76
CA GLY D 16 0.30 -4.23 43.97
C GLY D 16 1.24 -4.98 43.04
N SER D 17 0.62 -5.84 42.25
CA SER D 17 1.29 -6.75 41.35
C SER D 17 0.72 -6.62 39.94
N LEU D 18 1.56 -6.92 38.97
CA LEU D 18 1.16 -6.92 37.57
C LEU D 18 2.07 -7.88 36.80
N ARG D 19 1.57 -8.49 35.76
CA ARG D 19 2.38 -9.37 35.00
C ARG D 19 2.29 -8.93 33.57
N LEU D 20 3.43 -8.79 32.95
CA LEU D 20 3.53 -8.38 31.57
C LEU D 20 3.84 -9.63 30.72
N SER D 21 3.30 -9.63 29.50
CA SER D 21 3.53 -10.70 28.53
C SER D 21 4.22 -10.11 27.31
N CYS D 22 4.90 -10.98 26.59
CA CYS D 22 5.55 -10.59 25.38
C CYS D 22 5.59 -11.77 24.39
N ALA D 23 4.83 -11.64 23.31
CA ALA D 23 4.67 -12.70 22.32
C ALA D 23 5.60 -12.48 21.13
N ALA D 24 6.47 -13.44 20.88
CA ALA D 24 7.42 -13.42 19.77
C ALA D 24 6.82 -14.11 18.54
N SER D 25 6.95 -13.48 17.36
CA SER D 25 6.62 -14.07 16.05
C SER D 25 7.85 -14.02 15.15
N GLY D 26 8.03 -15.04 14.32
CA GLY D 26 8.99 -14.97 13.23
C GLY D 26 10.36 -15.49 13.64
N PHE D 27 10.52 -15.81 14.93
CA PHE D 27 11.78 -16.38 15.42
C PHE D 27 11.48 -17.22 16.66
N ASN D 28 12.41 -18.08 17.04
CA ASN D 28 12.27 -18.92 18.25
C ASN D 28 13.02 -18.29 19.41
N ILE D 29 12.33 -17.96 20.51
CA ILE D 29 13.04 -17.31 21.64
C ILE D 29 14.09 -18.25 22.25
N LYS D 30 14.11 -19.54 21.91
CA LYS D 30 15.17 -20.45 22.41
C LYS D 30 16.56 -19.98 21.95
N ASP D 31 16.62 -19.32 20.80
CA ASP D 31 17.89 -18.84 20.22
C ASP D 31 18.26 -17.41 20.68
N THR D 32 17.75 -16.97 21.81
CA THR D 32 17.78 -15.56 22.13
C THR D 32 17.90 -15.33 23.63
N TYR D 33 18.30 -14.12 23.99
CA TYR D 33 17.98 -13.54 25.28
C TYR D 33 16.75 -12.65 25.09
N ILE D 34 15.81 -12.70 26.02
CA ILE D 34 14.73 -11.72 26.04
C ILE D 34 14.97 -10.78 27.22
N HIS D 35 14.83 -9.48 26.93
CA HIS D 35 15.06 -8.42 27.89
C HIS D 35 13.79 -7.60 28.07
N TRP D 36 13.64 -7.02 29.27
CA TRP D 36 12.73 -5.90 29.51
C TRP D 36 13.56 -4.65 29.77
N VAL D 37 13.08 -3.54 29.21
CA VAL D 37 13.68 -2.23 29.35
C VAL D 37 12.53 -1.28 29.69
N ARG D 38 12.73 -0.32 30.58
CA ARG D 38 11.65 0.61 30.87
C ARG D 38 12.11 2.07 30.76
N GLN D 39 11.12 2.94 30.63
CA GLN D 39 11.35 4.36 30.50
C GLN D 39 10.33 5.12 31.34
N ALA D 40 10.79 5.62 32.48
CA ALA D 40 9.97 6.48 33.34
C ALA D 40 9.73 7.81 32.61
N PRO D 41 8.67 8.55 32.98
CA PRO D 41 8.31 9.77 32.21
C PRO D 41 9.43 10.82 32.19
N GLY D 42 9.85 11.22 30.98
CA GLY D 42 10.95 12.18 30.78
C GLY D 42 12.32 11.66 31.22
N LYS D 43 12.51 10.37 31.44
CA LYS D 43 13.79 9.85 31.85
C LYS D 43 14.36 9.01 30.71
N GLY D 44 15.55 8.46 30.95
CA GLY D 44 16.25 7.60 29.99
C GLY D 44 15.79 6.15 30.04
N LEU D 45 16.33 5.37 29.12
CA LEU D 45 16.06 3.96 29.07
C LEU D 45 16.77 3.30 30.26
N GLU D 46 16.12 2.32 30.89
CA GLU D 46 16.70 1.57 32.01
C GLU D 46 16.50 0.08 31.77
N TRP D 47 17.59 -0.65 31.59
CA TRP D 47 17.55 -2.09 31.50
C TRP D 47 17.06 -2.65 32.83
N VAL D 48 16.13 -3.62 32.78
CA VAL D 48 15.49 -4.14 33.99
C VAL D 48 15.77 -5.64 34.20
N ALA D 49 15.65 -6.48 33.18
CA ALA D 49 15.79 -7.93 33.42
C ALA D 49 16.10 -8.67 32.13
N ARG D 50 16.56 -9.89 32.25
CA ARG D 50 16.93 -10.71 31.14
C ARG D 50 16.82 -12.22 31.40
N ILE D 51 16.31 -12.95 30.43
CA ILE D 51 16.14 -14.39 30.53
C ILE D 51 16.80 -15.06 29.33
N TYR D 52 17.45 -16.19 29.58
CA TYR D 52 17.87 -17.13 28.55
C TYR D 52 16.89 -18.32 28.54
N PRO D 53 15.92 -18.31 27.62
CA PRO D 53 14.74 -19.20 27.78
C PRO D 53 15.03 -20.70 27.96
N THR D 54 16.00 -21.23 27.23
CA THR D 54 16.26 -22.67 27.24
C THR D 54 16.45 -23.17 28.69
N ASN D 55 17.39 -22.58 29.44
CA ASN D 55 17.65 -23.13 30.80
C ASN D 55 17.20 -22.13 31.88
N GLY D 56 16.48 -21.09 31.51
CA GLY D 56 15.75 -20.30 32.50
C GLY D 56 16.65 -19.38 33.33
N TYR D 57 17.89 -19.13 32.92
CA TYR D 57 18.83 -18.22 33.65
C TYR D 57 18.36 -16.77 33.56
N THR D 58 18.41 -16.08 34.68
CA THR D 58 17.83 -14.74 34.82
C THR D 58 18.88 -13.78 35.40
N ARG D 59 18.82 -12.51 34.98
CA ARG D 59 19.55 -11.41 35.65
C ARG D 59 18.58 -10.23 35.81
N TYR D 60 18.83 -9.40 36.82
CA TYR D 60 17.94 -8.28 37.19
C TYR D 60 18.77 -7.07 37.58
N ALA D 61 18.26 -5.89 37.26
CA ALA D 61 18.82 -4.63 37.75
C ALA D 61 18.57 -4.54 39.26
N ASP D 62 19.50 -3.93 40.00
CA ASP D 62 19.34 -3.72 41.47
C ASP D 62 18.05 -3.01 41.85
N SER D 63 17.55 -2.13 41.00
CA SER D 63 16.36 -1.38 41.34
C SER D 63 15.10 -2.27 41.37
N VAL D 64 15.17 -3.48 40.80
CA VAL D 64 13.95 -4.33 40.78
C VAL D 64 14.22 -5.73 41.37
N LYS D 65 15.47 -6.05 41.67
CA LYS D 65 15.85 -7.39 42.11
C LYS D 65 15.10 -7.69 43.41
N GLY D 66 14.59 -8.91 43.53
CA GLY D 66 13.77 -9.29 44.67
C GLY D 66 12.28 -9.02 44.45
N ARG D 67 11.92 -8.03 43.63
CA ARG D 67 10.49 -7.70 43.45
C ARG D 67 9.98 -8.21 42.10
N PHE D 68 10.86 -8.35 41.10
CA PHE D 68 10.41 -8.71 39.75
C PHE D 68 10.97 -10.09 39.40
N THR D 69 10.23 -10.82 38.58
CA THR D 69 10.67 -12.12 38.10
C THR D 69 10.40 -12.22 36.60
N ILE D 70 11.44 -12.55 35.85
CA ILE D 70 11.32 -12.73 34.41
C ILE D 70 11.32 -14.24 34.11
N SER D 71 10.50 -14.67 33.16
CA SER D 71 10.43 -16.07 32.74
C SER D 71 10.08 -16.15 31.25
N ALA D 72 10.21 -17.35 30.68
CA ALA D 72 9.89 -17.57 29.27
C ALA D 72 9.36 -19.00 29.06
N ASP D 73 8.31 -19.10 28.27
CA ASP D 73 7.70 -20.36 27.88
C ASP D 73 8.07 -20.64 26.43
N THR D 74 9.03 -21.54 26.20
CA THR D 74 9.54 -21.78 24.83
C THR D 74 8.43 -22.35 23.93
N SER D 75 7.49 -23.11 24.48
CA SER D 75 6.43 -23.73 23.65
C SER D 75 5.38 -22.70 23.22
N LYS D 76 5.15 -21.62 23.97
CA LYS D 76 4.23 -20.55 23.51
C LYS D 76 5.02 -19.41 22.83
N ASN D 77 6.35 -19.51 22.81
CA ASN D 77 7.22 -18.47 22.25
C ASN D 77 6.91 -17.10 22.91
N THR D 78 6.78 -17.10 24.24
CA THR D 78 6.33 -15.93 25.00
C THR D 78 7.23 -15.73 26.22
N ALA D 79 7.49 -14.46 26.58
CA ALA D 79 8.22 -14.14 27.81
C ALA D 79 7.31 -13.32 28.73
N TYR D 80 7.63 -13.33 30.03
CA TYR D 80 6.77 -12.75 31.04
C TYR D 80 7.62 -11.95 32.04
N LEU D 81 7.05 -10.88 32.58
CA LEU D 81 7.70 -10.16 33.69
C LEU D 81 6.66 -10.00 34.81
N GLN D 82 6.88 -10.74 35.90
CA GLN D 82 6.06 -10.63 37.09
C GLN D 82 6.63 -9.51 37.97
N MET D 83 5.82 -8.46 38.17
CA MET D 83 6.22 -7.32 38.95
C MET D 83 5.46 -7.31 40.28
N ASN D 84 6.17 -7.34 41.41
CA ASN D 84 5.52 -7.29 42.73
C ASN D 84 5.98 -6.05 43.50
N SER D 85 5.21 -5.66 44.51
CA SER D 85 5.56 -4.55 45.41
C SER D 85 5.85 -3.27 44.60
N LEU D 86 4.95 -2.91 43.70
CA LEU D 86 5.20 -1.76 42.82
C LEU D 86 5.15 -0.46 43.63
N ARG D 87 5.97 0.51 43.22
CA ARG D 87 5.95 1.87 43.79
C ARG D 87 5.83 2.89 42.66
N ALA D 88 5.59 4.17 43.02
CA ALA D 88 5.52 5.30 42.08
C ALA D 88 6.70 5.28 41.08
N GLU D 89 7.90 4.93 41.54
CA GLU D 89 9.13 4.94 40.74
C GLU D 89 9.12 3.87 39.63
N ASP D 90 8.21 2.88 39.69
CA ASP D 90 8.14 1.82 38.67
C ASP D 90 7.17 2.20 37.52
N THR D 91 6.49 3.35 37.68
CA THR D 91 5.68 3.90 36.62
C THR D 91 6.57 4.20 35.42
N ALA D 92 6.21 3.66 34.27
CA ALA D 92 7.08 3.74 33.10
C ALA D 92 6.43 3.01 31.92
N VAL D 93 6.95 3.26 30.72
CA VAL D 93 6.64 2.42 29.60
C VAL D 93 7.63 1.26 29.62
N TYR D 94 7.10 0.04 29.46
CA TYR D 94 7.88 -1.18 29.59
C TYR D 94 7.98 -1.79 28.21
N TYR D 95 9.22 -2.05 27.79
CA TYR D 95 9.48 -2.60 26.53
C TYR D 95 10.14 -3.96 26.70
N CYS D 96 9.74 -4.84 25.80
CA CYS D 96 10.30 -6.11 25.56
C CYS D 96 11.30 -6.00 24.40
N ALA D 97 12.40 -6.74 24.43
CA ALA D 97 13.36 -6.67 23.37
C ALA D 97 14.18 -7.95 23.28
N LYS D 98 14.65 -8.23 22.07
CA LYS D 98 15.31 -9.46 21.77
C LYS D 98 16.77 -9.16 21.48
N LEU D 99 17.62 -10.06 21.92
CA LEU D 99 19.05 -10.08 21.53
C LEU D 99 19.39 -11.50 21.08
N GLY D 100 20.04 -11.70 19.93
CA GLY D 100 20.54 -13.03 19.53
C GLY D 100 21.79 -13.49 20.29
N ILE D 101 22.40 -14.61 19.88
CA ILE D 101 23.56 -15.23 20.55
C ILE D 101 24.73 -15.32 19.57
N GLY D 102 25.96 -15.21 20.07
CA GLY D 102 27.15 -15.40 19.23
C GLY D 102 27.28 -14.30 18.19
N TYR D 103 27.21 -14.69 16.93
CA TYR D 103 27.24 -13.77 15.80
C TYR D 103 25.92 -13.02 15.73
N TYR D 104 24.90 -13.51 16.41
CA TYR D 104 23.58 -12.86 16.36
C TYR D 104 23.39 -11.95 17.58
N TYR D 105 24.42 -11.82 18.44
CA TYR D 105 24.39 -10.90 19.58
C TYR D 105 24.96 -9.54 19.14
N TYR D 106 24.12 -8.63 18.66
CA TYR D 106 24.68 -7.33 18.23
C TYR D 106 23.90 -6.15 18.81
N GLY D 107 22.71 -6.39 19.31
CA GLY D 107 21.97 -5.34 19.96
C GLY D 107 20.48 -5.63 19.90
N MET D 108 19.72 -4.81 20.59
CA MET D 108 18.32 -4.98 20.65
C MET D 108 17.71 -4.49 19.33
N ASP D 109 17.57 -5.43 18.41
CA ASP D 109 17.14 -5.12 17.07
C ASP D 109 15.68 -5.32 16.85
N VAL D 110 15.02 -5.93 17.81
CA VAL D 110 13.56 -6.06 17.75
C VAL D 110 13.00 -5.69 19.12
N TRP D 111 12.05 -4.75 19.11
CA TRP D 111 11.40 -4.22 20.30
C TRP D 111 9.90 -4.38 20.14
N GLY D 112 9.19 -4.47 21.24
CA GLY D 112 7.77 -4.30 21.17
C GLY D 112 7.41 -2.83 21.14
N GLN D 113 6.11 -2.55 21.15
CA GLN D 113 5.57 -1.21 20.95
C GLN D 113 5.59 -0.44 22.28
N GLY D 114 5.80 -1.14 23.39
CA GLY D 114 5.78 -0.53 24.72
C GLY D 114 4.41 -0.60 25.37
N THR D 115 4.40 -0.86 26.68
CA THR D 115 3.14 -0.91 27.44
C THR D 115 3.27 -0.01 28.67
N LEU D 116 2.37 0.93 28.86
CA LEU D 116 2.43 1.86 30.02
C LEU D 116 1.94 1.15 31.30
N VAL D 117 2.77 1.17 32.33
CA VAL D 117 2.38 0.72 33.67
C VAL D 117 2.34 1.95 34.57
N THR D 118 1.20 2.20 35.18
CA THR D 118 1.00 3.35 36.05
C THR D 118 0.73 2.85 37.48
N VAL D 119 1.57 3.28 38.41
CA VAL D 119 1.41 2.89 39.80
C VAL D 119 0.81 4.07 40.55
N SER D 120 -0.48 4.01 40.79
CA SER D 120 -1.22 5.10 41.42
C SER D 120 -2.46 4.54 42.12
N SER D 121 -2.95 5.25 43.13
CA SER D 121 -4.16 4.80 43.82
C SER D 121 -5.40 5.50 43.25
N ALA D 122 -5.26 6.51 42.38
CA ALA D 122 -6.44 7.08 41.68
C ALA D 122 -7.15 6.00 40.86
N SER D 123 -8.38 6.28 40.44
CA SER D 123 -9.21 5.28 39.74
C SER D 123 -9.41 5.65 38.27
N THR D 124 -9.68 4.63 37.47
CA THR D 124 -10.03 4.79 36.07
C THR D 124 -11.20 5.77 35.94
N LYS D 125 -11.17 6.58 34.89
CA LYS D 125 -12.19 7.58 34.61
C LYS D 125 -12.09 7.93 33.12
N GLY D 126 -13.17 7.73 32.39
CA GLY D 126 -13.23 8.00 30.97
C GLY D 126 -13.34 9.49 30.70
N PRO D 127 -12.90 9.92 29.52
CA PRO D 127 -12.89 11.34 29.19
C PRO D 127 -14.25 11.86 28.74
N SER D 128 -14.45 13.16 28.87
CA SER D 128 -15.45 13.88 28.08
C SER D 128 -14.75 14.49 26.87
N VAL D 129 -15.48 14.70 25.79
CA VAL D 129 -14.91 15.16 24.55
C VAL D 129 -15.71 16.35 24.06
N PHE D 130 -15.08 17.52 23.89
CA PHE D 130 -15.81 18.71 23.48
C PHE D 130 -15.17 19.27 22.21
N PRO D 131 -15.97 19.85 21.34
CA PRO D 131 -15.44 20.38 20.09
C PRO D 131 -14.74 21.72 20.35
N LEU D 132 -13.72 21.98 19.54
CA LEU D 132 -13.08 23.28 19.43
C LEU D 132 -13.41 23.85 18.04
N ALA D 133 -14.34 24.80 18.02
CA ALA D 133 -14.98 25.25 16.80
C ALA D 133 -14.36 26.55 16.30
N PRO D 134 -13.99 26.57 15.02
CA PRO D 134 -13.34 27.70 14.36
C PRO D 134 -14.25 28.92 14.23
N GLY D 141 -5.38 33.29 6.05
CA GLY D 141 -6.81 33.63 5.92
C GLY D 141 -7.58 32.51 5.23
N GLY D 142 -6.94 31.86 4.26
CA GLY D 142 -7.51 30.69 3.58
C GLY D 142 -7.19 29.39 4.31
N THR D 143 -7.27 29.41 5.65
CA THR D 143 -6.83 28.31 6.53
C THR D 143 -7.53 28.45 7.89
N ALA D 144 -8.25 27.43 8.30
CA ALA D 144 -9.01 27.44 9.54
C ALA D 144 -8.50 26.32 10.44
N ALA D 145 -8.66 26.50 11.73
CA ALA D 145 -8.22 25.49 12.65
C ALA D 145 -9.43 25.03 13.44
N LEU D 146 -9.48 23.75 13.77
CA LEU D 146 -10.51 23.22 14.62
C LEU D 146 -9.94 22.04 15.39
N GLY D 147 -10.62 21.59 16.43
CA GLY D 147 -10.09 20.52 17.22
C GLY D 147 -11.10 19.92 18.18
N CYS D 148 -10.63 19.05 19.05
CA CYS D 148 -11.37 18.42 20.10
C CYS D 148 -10.59 18.58 21.40
N LEU D 149 -11.28 18.91 22.47
CA LEU D 149 -10.70 18.91 23.78
C LEU D 149 -11.10 17.62 24.50
N VAL D 150 -10.12 16.82 24.89
CA VAL D 150 -10.35 15.54 25.50
C VAL D 150 -10.02 15.65 26.99
N LYS D 151 -11.05 15.77 27.82
CA LYS D 151 -10.84 16.30 29.16
C LYS D 151 -11.25 15.29 30.24
N ASP D 152 -10.44 15.27 31.30
CA ASP D 152 -10.71 14.57 32.57
C ASP D 152 -10.68 13.07 32.50
N TYR D 153 -9.52 12.48 32.22
CA TYR D 153 -9.43 11.02 32.14
C TYR D 153 -8.28 10.53 33.00
N PHE D 154 -8.33 9.23 33.31
CA PHE D 154 -7.27 8.54 34.04
C PHE D 154 -7.38 7.04 33.80
N PRO D 155 -6.23 6.36 33.61
CA PRO D 155 -4.88 6.85 33.41
C PRO D 155 -4.64 7.20 31.93
N GLU D 156 -3.40 7.51 31.57
CA GLU D 156 -3.00 7.54 30.17
C GLU D 156 -3.06 6.09 29.66
N PRO D 157 -3.13 5.88 28.33
CA PRO D 157 -3.15 6.85 27.23
C PRO D 157 -4.52 6.97 26.56
N VAL D 158 -4.63 7.93 25.66
CA VAL D 158 -5.80 8.20 24.87
C VAL D 158 -5.36 8.21 23.40
N THR D 159 -6.16 7.69 22.48
CA THR D 159 -5.89 7.76 21.05
C THR D 159 -6.87 8.76 20.41
N VAL D 160 -6.41 9.53 19.45
CA VAL D 160 -7.24 10.41 18.69
C VAL D 160 -6.93 10.22 17.21
N SER D 161 -7.96 10.22 16.40
CA SER D 161 -7.80 10.27 14.98
C SER D 161 -8.87 11.21 14.43
N TRP D 162 -8.72 11.58 13.17
CA TRP D 162 -9.67 12.47 12.50
C TRP D 162 -10.24 11.78 11.27
N ASN D 163 -11.58 11.83 11.10
CA ASN D 163 -12.26 11.19 9.96
C ASN D 163 -11.76 9.76 9.80
N SER D 164 -11.89 9.02 10.91
CA SER D 164 -11.58 7.58 11.02
C SER D 164 -10.16 7.24 10.50
N GLY D 165 -9.23 8.20 10.50
CA GLY D 165 -7.84 7.93 10.13
C GLY D 165 -7.46 8.53 8.80
N ALA D 166 -8.45 8.98 8.02
CA ALA D 166 -8.23 9.47 6.65
C ALA D 166 -7.60 10.87 6.66
N LEU D 167 -7.71 11.59 7.77
CA LEU D 167 -7.14 12.94 7.88
C LEU D 167 -5.98 12.92 8.89
N THR D 168 -4.77 13.06 8.36
CA THR D 168 -3.56 13.00 9.15
C THR D 168 -2.74 14.27 8.94
N SER D 169 -2.81 14.92 7.79
CA SER D 169 -1.94 16.07 7.54
C SER D 169 -2.51 17.30 8.23
N GLY D 170 -1.65 18.02 8.96
CA GLY D 170 -2.08 19.22 9.71
C GLY D 170 -2.60 18.89 11.10
N VAL D 171 -2.50 17.64 11.53
CA VAL D 171 -3.00 17.23 12.85
C VAL D 171 -1.88 17.39 13.88
N HIS D 172 -2.22 18.03 14.99
CA HIS D 172 -1.38 18.02 16.17
C HIS D 172 -2.23 17.53 17.34
N THR D 173 -1.88 16.38 17.86
CA THR D 173 -2.45 15.90 19.13
C THR D 173 -1.44 16.19 20.25
N PHE D 174 -1.79 17.07 21.17
CA PHE D 174 -0.84 17.54 22.20
C PHE D 174 -0.59 16.48 23.25
N PRO D 175 0.60 16.48 23.87
CA PRO D 175 0.80 15.66 25.05
C PRO D 175 -0.19 16.02 26.16
N ALA D 176 -0.66 15.00 26.83
CA ALA D 176 -1.53 15.15 27.97
C ALA D 176 -0.84 15.99 29.05
N VAL D 177 -1.57 16.91 29.65
CA VAL D 177 -1.17 17.54 30.90
C VAL D 177 -2.02 16.99 32.04
N LEU D 178 -1.40 16.81 33.19
CA LEU D 178 -2.07 16.34 34.40
C LEU D 178 -2.61 17.55 35.14
N GLN D 179 -3.92 17.61 35.37
CA GLN D 179 -4.54 18.78 36.01
C GLN D 179 -4.37 18.69 37.54
N SER D 180 -4.69 19.77 38.24
CA SER D 180 -4.58 19.79 39.70
C SER D 180 -5.57 18.79 40.30
N SER D 181 -6.63 18.46 39.55
CA SER D 181 -7.63 17.43 39.95
C SER D 181 -7.04 16.00 39.91
N GLY D 182 -5.85 15.80 39.36
CA GLY D 182 -5.28 14.45 39.24
C GLY D 182 -5.79 13.71 38.01
N LEU D 183 -6.48 14.41 37.12
CA LEU D 183 -6.97 13.85 35.86
C LEU D 183 -6.21 14.48 34.69
N TYR D 184 -6.05 13.73 33.62
CA TYR D 184 -5.35 14.17 32.44
C TYR D 184 -6.33 14.89 31.51
N SER D 185 -5.77 15.69 30.62
CA SER D 185 -6.53 16.44 29.64
C SER D 185 -5.61 16.74 28.44
N LEU D 186 -6.13 16.64 27.21
CA LEU D 186 -5.36 17.07 26.05
C LEU D 186 -6.30 17.59 24.97
N SER D 187 -5.72 18.31 24.02
CA SER D 187 -6.41 18.75 22.84
C SER D 187 -5.77 18.13 21.59
N SER D 188 -6.61 17.91 20.57
CA SER D 188 -6.16 17.52 19.25
C SER D 188 -6.69 18.58 18.28
N VAL D 189 -5.85 19.07 17.39
CA VAL D 189 -6.28 20.09 16.46
C VAL D 189 -5.82 19.72 15.06
N VAL D 190 -6.50 20.34 14.09
CA VAL D 190 -6.16 20.16 12.71
C VAL D 190 -6.44 21.48 11.99
N THR D 191 -5.66 21.78 10.96
CA THR D 191 -5.92 22.92 10.10
C THR D 191 -6.37 22.40 8.72
N VAL D 192 -7.39 23.06 8.20
CA VAL D 192 -8.07 22.65 6.99
C VAL D 192 -8.34 23.93 6.18
N PRO D 193 -8.61 23.78 4.87
CA PRO D 193 -8.95 24.95 4.06
C PRO D 193 -10.31 25.50 4.52
N SER D 194 -10.43 26.82 4.69
CA SER D 194 -11.64 27.40 5.31
C SER D 194 -12.83 27.36 4.35
N SER D 195 -12.56 27.25 3.05
CA SER D 195 -13.61 27.11 2.02
C SER D 195 -14.29 25.73 2.11
N SER D 196 -13.70 24.79 2.84
CA SER D 196 -14.27 23.47 3.08
C SER D 196 -15.16 23.45 4.32
N LEU D 197 -15.19 24.49 5.15
CA LEU D 197 -16.11 24.51 6.31
C LEU D 197 -17.55 24.57 5.81
N GLY D 198 -18.47 23.90 6.50
CA GLY D 198 -19.88 23.86 6.04
C GLY D 198 -20.12 22.77 5.00
N THR D 199 -19.36 22.80 3.89
CA THR D 199 -19.31 21.74 2.86
C THR D 199 -18.89 20.39 3.47
N GLN D 200 -17.70 20.33 4.03
CA GLN D 200 -17.07 19.08 4.49
C GLN D 200 -17.32 18.93 5.99
N THR D 201 -17.18 17.73 6.52
CA THR D 201 -17.43 17.45 7.91
C THR D 201 -16.15 16.87 8.52
N TYR D 202 -15.99 17.18 9.80
CA TYR D 202 -14.79 16.85 10.55
C TYR D 202 -15.21 16.18 11.85
N ILE D 203 -14.75 14.95 12.05
CA ILE D 203 -15.08 14.15 13.20
C ILE D 203 -13.80 13.70 13.89
N CYS D 204 -13.71 13.87 15.19
CA CYS D 204 -12.57 13.31 15.88
C CYS D 204 -13.00 12.03 16.62
N ASN D 205 -12.15 11.02 16.54
CA ASN D 205 -12.44 9.72 17.09
C ASN D 205 -11.51 9.50 18.29
N VAL D 206 -12.08 9.47 19.47
CA VAL D 206 -11.31 9.35 20.68
C VAL D 206 -11.48 7.93 21.23
N ASN D 207 -10.39 7.33 21.66
CA ASN D 207 -10.44 5.99 22.24
C ASN D 207 -9.65 6.01 23.56
N HIS D 208 -10.30 5.65 24.67
CA HIS D 208 -9.62 5.50 25.95
C HIS D 208 -9.79 4.07 26.45
N LYS D 209 -8.85 3.20 26.09
CA LYS D 209 -8.99 1.74 26.28
C LYS D 209 -9.07 1.38 27.77
N PRO D 210 -8.36 2.09 28.65
CA PRO D 210 -8.49 1.69 30.06
C PRO D 210 -9.91 1.76 30.62
N SER D 211 -10.79 2.59 30.06
CA SER D 211 -12.16 2.71 30.55
C SER D 211 -13.17 2.24 29.49
N ASN D 212 -12.68 1.57 28.45
CA ASN D 212 -13.51 1.10 27.32
C ASN D 212 -14.43 2.24 26.86
N THR D 213 -13.86 3.42 26.66
CA THR D 213 -14.55 4.59 26.13
C THR D 213 -14.17 4.77 24.66
N LYS D 214 -15.18 4.84 23.80
CA LYS D 214 -15.00 5.21 22.42
C LYS D 214 -15.97 6.34 22.09
N VAL D 215 -15.49 7.47 21.61
CA VAL D 215 -16.35 8.61 21.37
C VAL D 215 -15.97 9.24 20.03
N ASP D 216 -16.98 9.56 19.24
CA ASP D 216 -16.81 10.35 18.04
C ASP D 216 -17.46 11.67 18.33
N LYS D 217 -16.99 12.73 17.71
CA LYS D 217 -17.54 14.02 17.97
C LYS D 217 -17.35 14.88 16.76
N LYS D 218 -18.45 15.43 16.29
CA LYS D 218 -18.48 16.25 15.11
C LYS D 218 -18.12 17.66 15.55
N VAL D 219 -17.38 18.33 14.69
CA VAL D 219 -16.91 19.67 14.97
C VAL D 219 -17.39 20.58 13.84
N GLU D 220 -18.21 21.56 14.15
CA GLU D 220 -18.58 22.51 13.09
C GLU D 220 -18.65 23.92 13.67
N PRO D 221 -18.53 24.95 12.80
CA PRO D 221 -18.65 26.34 13.20
C PRO D 221 -20.07 26.63 13.72
N ASP E 1 30.84 -4.59 35.79
CA ASP E 1 29.90 -3.51 36.23
C ASP E 1 30.31 -2.10 35.68
N ILE E 2 30.56 -2.03 34.38
CA ILE E 2 30.98 -0.78 33.72
C ILE E 2 29.73 0.01 33.31
N GLN E 3 29.79 1.33 33.45
CA GLN E 3 28.73 2.25 33.07
C GLN E 3 29.22 3.18 31.95
N MET E 4 28.31 3.61 31.08
CA MET E 4 28.68 4.50 30.00
C MET E 4 28.21 5.92 30.34
N THR E 5 29.07 6.88 30.10
CA THR E 5 28.67 8.25 30.20
C THR E 5 28.61 8.85 28.77
N GLN E 6 27.50 9.46 28.48
CA GLN E 6 27.18 9.92 27.17
C GLN E 6 27.23 11.45 27.15
N SER E 7 27.70 11.99 26.06
CA SER E 7 27.85 13.42 25.97
C SER E 7 27.71 13.87 24.51
N PRO E 8 27.15 15.06 24.28
CA PRO E 8 26.60 15.99 25.21
C PRO E 8 25.21 15.55 25.69
N SER E 9 24.66 16.31 26.60
CA SER E 9 23.38 15.99 27.14
C SER E 9 22.28 16.40 26.14
N SER E 10 22.48 17.55 25.49
CA SER E 10 21.59 17.94 24.41
C SER E 10 22.37 18.80 23.42
N LEU E 11 21.87 18.89 22.19
CA LEU E 11 22.47 19.74 21.22
C LEU E 11 21.42 20.10 20.18
N SER E 12 21.75 21.16 19.47
CA SER E 12 20.87 21.74 18.49
C SER E 12 21.69 21.98 17.22
N ALA E 13 21.24 21.43 16.10
CA ALA E 13 22.03 21.43 14.88
C ALA E 13 21.13 21.56 13.66
N SER E 14 21.69 22.09 12.58
CA SER E 14 20.97 22.44 11.33
C SER E 14 20.93 21.24 10.36
N VAL E 15 19.91 21.21 9.51
CA VAL E 15 19.86 20.24 8.40
C VAL E 15 21.16 20.33 7.60
N GLY E 16 21.79 19.19 7.34
CA GLY E 16 23.06 19.12 6.59
C GLY E 16 24.29 19.10 7.48
N ASP E 17 24.16 19.41 8.76
CA ASP E 17 25.31 19.40 9.67
C ASP E 17 25.86 18.01 9.96
N ARG E 18 27.12 17.97 10.37
CA ARG E 18 27.78 16.77 10.84
C ARG E 18 27.75 16.78 12.38
N VAL E 19 27.02 15.86 12.96
CA VAL E 19 26.75 15.83 14.39
C VAL E 19 27.53 14.67 15.02
N THR E 20 28.21 14.90 16.15
CA THR E 20 28.96 13.87 16.82
C THR E 20 28.52 13.77 18.29
N ILE E 21 28.24 12.55 18.71
CA ILE E 21 27.81 12.18 20.06
C ILE E 21 28.81 11.17 20.62
N THR E 22 29.07 11.23 21.91
CA THR E 22 30.15 10.46 22.54
C THR E 22 29.61 9.54 23.66
N CYS E 23 30.29 8.44 23.86
CA CYS E 23 29.95 7.46 24.88
C CYS E 23 31.28 7.02 25.51
N ARG E 24 31.41 7.18 26.81
CA ARG E 24 32.63 6.82 27.48
C ARG E 24 32.49 5.80 28.61
N ALA E 25 33.33 4.79 28.62
CA ALA E 25 33.26 3.76 29.68
C ALA E 25 33.88 4.27 31.00
N SER E 26 33.32 3.81 32.10
CA SER E 26 33.74 4.19 33.46
C SER E 26 35.09 3.55 33.85
N GLN E 27 35.43 2.41 33.27
CA GLN E 27 36.61 1.65 33.63
C GLN E 27 37.70 1.92 32.57
N ASP E 28 38.96 1.74 32.93
CA ASP E 28 40.02 1.75 31.95
C ASP E 28 39.96 0.48 31.09
N ILE E 29 39.89 0.66 29.77
CA ILE E 29 39.80 -0.45 28.82
C ILE E 29 40.83 -0.12 27.72
N PRO E 30 41.70 -1.06 27.40
CA PRO E 30 42.76 -0.69 26.45
C PRO E 30 42.26 -0.60 25.00
N ARG E 31 43.02 0.11 24.17
CA ARG E 31 42.65 0.38 22.77
C ARG E 31 42.61 -0.92 21.94
N SER E 32 43.14 -2.02 22.47
CA SER E 32 43.05 -3.33 21.79
C SER E 32 41.62 -3.88 21.83
N ILE E 33 40.78 -3.38 22.73
CA ILE E 33 39.42 -3.83 22.77
C ILE E 33 38.52 -2.83 22.03
N SER E 34 37.52 -3.38 21.33
CA SER E 34 36.61 -2.60 20.54
C SER E 34 35.29 -3.34 20.39
N GLY E 35 34.36 -2.75 19.66
CA GLY E 35 33.18 -3.46 19.20
C GLY E 35 32.20 -3.86 20.31
N TYR E 36 32.09 -3.13 21.40
CA TYR E 36 31.15 -3.54 22.46
C TYR E 36 30.01 -2.53 22.69
N VAL E 37 29.85 -1.52 21.82
CA VAL E 37 28.81 -0.51 22.01
C VAL E 37 27.80 -0.57 20.85
N ALA E 38 26.51 -0.49 21.20
CA ALA E 38 25.45 -0.31 20.25
C ALA E 38 24.80 1.06 20.43
N TRP E 39 24.23 1.61 19.35
CA TRP E 39 23.59 2.92 19.37
C TRP E 39 22.13 2.80 18.91
N TYR E 40 21.26 3.54 19.58
CA TYR E 40 19.83 3.53 19.31
C TYR E 40 19.33 4.95 19.10
N GLN E 41 18.26 5.04 18.32
CA GLN E 41 17.52 6.26 18.08
C GLN E 41 16.12 6.09 18.67
N GLN E 42 15.69 6.96 19.55
CA GLN E 42 14.34 6.86 20.05
C GLN E 42 13.56 8.14 19.73
N LYS E 43 12.53 8.02 18.92
CA LYS E 43 11.58 9.13 18.75
C LYS E 43 10.67 9.15 19.97
N PRO E 44 10.16 10.32 20.37
CA PRO E 44 9.43 10.38 21.63
C PRO E 44 8.20 9.45 21.63
N GLY E 45 8.12 8.62 22.67
CA GLY E 45 6.99 7.69 22.83
C GLY E 45 7.11 6.42 22.01
N LYS E 46 8.10 6.27 21.11
CA LYS E 46 8.22 5.08 20.27
C LYS E 46 9.33 4.18 20.83
N ALA E 47 9.43 2.98 20.29
CA ALA E 47 10.49 2.08 20.66
C ALA E 47 11.81 2.55 20.05
N PRO E 48 12.91 2.40 20.78
CA PRO E 48 14.22 2.67 20.19
C PRO E 48 14.47 1.80 18.95
N LYS E 49 15.25 2.31 18.00
CA LYS E 49 15.69 1.58 16.84
C LYS E 49 17.20 1.44 16.87
N LEU E 50 17.70 0.28 16.52
CA LEU E 50 19.11 0.03 16.48
C LEU E 50 19.68 0.71 15.24
N LEU E 51 20.77 1.46 15.40
CA LEU E 51 21.45 2.13 14.31
C LEU E 51 22.77 1.45 14.03
N ILE E 52 23.58 1.28 15.09
CA ILE E 52 24.96 0.83 14.97
C ILE E 52 25.21 -0.27 15.99
N TYR E 53 25.93 -1.31 15.60
CA TYR E 53 26.22 -2.42 16.46
C TYR E 53 27.71 -2.74 16.34
N TRP E 54 28.21 -3.44 17.35
CA TRP E 54 29.61 -3.74 17.48
C TRP E 54 30.48 -2.51 17.21
N GLY E 55 30.10 -1.36 17.75
CA GLY E 55 30.97 -0.18 17.68
C GLY E 55 30.89 0.57 16.36
N SER E 56 30.89 -0.12 15.22
CA SER E 56 31.09 0.56 13.94
C SER E 56 30.23 0.00 12.80
N TYR E 57 29.35 -0.97 13.05
CA TYR E 57 28.65 -1.64 11.94
C TYR E 57 27.24 -1.10 11.81
N LEU E 58 26.89 -0.80 10.57
CA LEU E 58 25.62 -0.17 10.23
C LEU E 58 24.56 -1.26 10.18
N TYR E 59 23.53 -1.11 11.00
CA TYR E 59 22.47 -2.09 11.02
C TYR E 59 21.66 -2.01 9.71
N SER E 60 21.07 -3.15 9.36
CA SER E 60 20.30 -3.33 8.14
C SER E 60 19.17 -2.31 8.03
N GLY E 61 19.14 -1.58 6.90
CA GLY E 61 18.03 -0.68 6.58
C GLY E 61 18.14 0.70 7.23
N VAL E 62 19.33 1.02 7.74
CA VAL E 62 19.58 2.31 8.40
C VAL E 62 20.34 3.17 7.41
N PRO E 63 19.90 4.41 7.23
CA PRO E 63 20.55 5.24 6.20
C PRO E 63 22.05 5.39 6.49
N SER E 64 22.86 5.54 5.46
CA SER E 64 24.31 5.38 5.64
C SER E 64 24.94 6.68 6.16
N ARG E 65 24.15 7.73 6.35
CA ARG E 65 24.65 8.92 7.03
C ARG E 65 24.94 8.65 8.52
N PHE E 66 24.44 7.55 9.08
CA PHE E 66 24.81 7.12 10.42
C PHE E 66 26.08 6.27 10.35
N SER E 67 27.08 6.59 11.18
CA SER E 67 28.25 5.75 11.34
C SER E 67 28.73 5.80 12.80
N GLY E 68 29.65 4.90 13.13
CA GLY E 68 30.13 4.84 14.48
C GLY E 68 31.56 4.37 14.53
N SER E 69 32.28 4.76 15.56
CA SER E 69 33.59 4.15 15.77
C SER E 69 33.99 4.21 17.25
N GLY E 70 35.03 3.50 17.59
CA GLY E 70 35.55 3.56 18.93
C GLY E 70 36.44 2.38 19.27
N SER E 71 37.14 2.57 20.36
CA SER E 71 38.04 1.59 20.90
C SER E 71 38.39 2.01 22.32
N GLY E 72 38.90 1.08 23.11
CA GLY E 72 39.19 1.36 24.49
C GLY E 72 37.93 1.81 25.20
N THR E 73 37.97 3.04 25.72
CA THR E 73 36.87 3.55 26.52
C THR E 73 35.96 4.45 25.67
N ASP E 74 36.38 4.86 24.46
CA ASP E 74 35.72 5.99 23.79
C ASP E 74 35.03 5.61 22.49
N PHE E 75 33.72 5.87 22.42
CA PHE E 75 32.91 5.50 21.28
C PHE E 75 32.15 6.72 20.76
N THR E 76 31.92 6.74 19.47
CA THR E 76 31.38 7.90 18.82
C THR E 76 30.26 7.47 17.87
N LEU E 77 29.17 8.22 17.87
CA LEU E 77 28.15 8.12 16.85
C LEU E 77 28.18 9.40 16.00
N THR E 78 28.23 9.27 14.68
CA THR E 78 28.25 10.42 13.79
C THR E 78 27.04 10.36 12.85
N ILE E 79 26.35 11.48 12.72
CA ILE E 79 25.36 11.66 11.68
C ILE E 79 25.94 12.65 10.67
N SER E 80 26.22 12.21 9.45
CA SER E 80 27.10 12.99 8.56
C SER E 80 26.30 14.07 7.84
N SER E 81 24.99 13.90 7.73
CA SER E 81 24.22 14.90 6.98
C SER E 81 22.81 15.03 7.59
N LEU E 82 22.71 15.83 8.64
CA LEU E 82 21.60 15.73 9.52
C LEU E 82 20.31 16.04 8.77
N GLN E 83 19.30 15.22 8.97
CA GLN E 83 17.99 15.39 8.32
C GLN E 83 16.95 15.77 9.39
N PRO E 84 15.85 16.37 8.96
CA PRO E 84 14.80 16.80 9.90
C PRO E 84 14.24 15.63 10.72
N GLU E 85 14.13 14.47 10.10
CA GLU E 85 13.59 13.26 10.73
C GLU E 85 14.56 12.73 11.78
N ASP E 86 15.80 13.20 11.81
CA ASP E 86 16.76 12.72 12.79
C ASP E 86 16.59 13.32 14.22
N PHE E 87 15.63 14.22 14.36
CA PHE E 87 15.17 14.62 15.67
C PHE E 87 14.82 13.39 16.50
N ALA E 88 15.40 13.30 17.69
CA ALA E 88 15.31 12.11 18.53
C ALA E 88 16.21 12.23 19.76
N THR E 89 16.07 11.28 20.69
CA THR E 89 17.06 11.06 21.71
C THR E 89 17.90 9.84 21.29
N TYR E 90 19.24 9.96 21.37
CA TYR E 90 20.12 8.88 20.97
C TYR E 90 20.75 8.26 22.21
N TYR E 91 20.81 6.92 22.25
CA TYR E 91 21.32 6.20 23.41
C TYR E 91 22.45 5.28 22.99
N CYS E 92 23.53 5.22 23.75
CA CYS E 92 24.45 4.12 23.62
C CYS E 92 24.11 3.00 24.62
N GLN E 93 24.72 1.84 24.39
CA GLN E 93 24.55 0.66 25.21
C GLN E 93 25.88 -0.12 25.18
N GLN E 94 26.36 -0.59 26.35
CA GLN E 94 27.55 -1.45 26.36
C GLN E 94 27.11 -2.90 26.63
N HIS E 95 27.81 -3.84 26.03
CA HIS E 95 27.67 -5.24 26.36
C HIS E 95 29.05 -5.86 26.54
N TYR E 96 30.01 -5.05 27.00
CA TYR E 96 31.32 -5.55 27.39
C TYR E 96 31.17 -6.49 28.60
N THR E 97 30.39 -6.02 29.57
CA THR E 97 29.97 -6.80 30.68
C THR E 97 28.46 -6.65 30.81
N THR E 98 27.76 -7.73 30.56
CA THR E 98 26.34 -7.72 30.69
C THR E 98 26.00 -8.00 32.16
N PRO E 99 24.75 -7.68 32.57
CA PRO E 99 23.63 -7.05 31.81
C PRO E 99 23.96 -5.71 31.13
N PRO E 100 23.37 -5.48 29.94
CA PRO E 100 23.81 -4.39 29.09
C PRO E 100 23.14 -3.07 29.48
N THR E 101 23.94 -2.12 29.98
CA THR E 101 23.44 -0.83 30.46
C THR E 101 23.47 0.23 29.33
N PHE E 102 22.58 1.21 29.49
CA PHE E 102 22.46 2.33 28.57
C PHE E 102 23.17 3.57 29.11
N GLY E 103 23.60 4.44 28.22
CA GLY E 103 23.94 5.82 28.59
C GLY E 103 22.70 6.62 28.91
N GLN E 104 22.87 7.88 29.27
CA GLN E 104 21.77 8.75 29.75
C GLN E 104 21.05 9.43 28.58
N GLY E 105 21.62 9.35 27.37
CA GLY E 105 20.94 9.87 26.21
C GLY E 105 21.39 11.27 25.85
N THR E 106 21.35 11.54 24.55
CA THR E 106 21.66 12.85 24.02
C THR E 106 20.44 13.32 23.23
N LYS E 107 19.81 14.40 23.65
CA LYS E 107 18.63 14.91 22.91
C LYS E 107 19.09 15.77 21.72
N VAL E 108 18.74 15.41 20.50
CA VAL E 108 19.12 16.19 19.34
C VAL E 108 17.91 16.99 18.86
N GLU E 109 18.01 18.31 18.86
CA GLU E 109 16.99 19.20 18.29
C GLU E 109 17.47 19.74 16.94
N ILE E 110 16.55 19.91 16.00
CA ILE E 110 16.92 20.42 14.67
C ILE E 110 16.80 21.93 14.70
N LYS E 111 17.87 22.61 14.39
CA LYS E 111 17.82 24.06 14.34
C LYS E 111 17.40 24.48 12.94
N ARG E 112 16.40 25.32 12.87
CA ARG E 112 15.89 25.80 11.61
C ARG E 112 15.72 27.31 11.70
N THR E 113 15.25 27.89 10.61
CA THR E 113 14.98 29.30 10.55
C THR E 113 13.77 29.63 11.43
N VAL E 114 13.74 30.89 11.83
CA VAL E 114 12.72 31.42 12.67
C VAL E 114 11.41 31.45 11.88
N ALA E 115 10.34 31.05 12.56
CA ALA E 115 9.00 31.07 12.00
C ALA E 115 8.01 31.52 13.07
N ALA E 116 7.23 32.55 12.77
CA ALA E 116 6.24 33.02 13.70
C ALA E 116 5.07 32.02 13.77
N PRO E 117 4.43 31.98 14.93
CA PRO E 117 3.27 31.14 15.06
C PRO E 117 2.07 31.76 14.36
N SER E 118 1.21 30.91 13.79
CA SER E 118 -0.17 31.31 13.46
C SER E 118 -1.03 31.07 14.71
N VAL E 119 -1.84 32.03 15.12
CA VAL E 119 -2.55 31.97 16.40
C VAL E 119 -4.08 31.89 16.17
N PHE E 120 -4.73 31.08 17.00
CA PHE E 120 -6.15 30.80 16.91
C PHE E 120 -6.72 30.65 18.31
N ILE E 121 -7.95 31.12 18.53
CA ILE E 121 -8.57 30.98 19.86
C ILE E 121 -9.92 30.28 19.70
N PHE E 122 -10.28 29.48 20.70
CA PHE E 122 -11.48 28.67 20.68
C PHE E 122 -12.31 28.91 21.96
N PRO E 123 -13.56 29.40 21.79
CA PRO E 123 -14.45 29.52 22.97
C PRO E 123 -14.85 28.14 23.49
N PRO E 124 -15.29 28.04 24.73
CA PRO E 124 -15.76 26.78 25.24
C PRO E 124 -17.06 26.38 24.50
N SER E 125 -17.30 25.09 24.43
CA SER E 125 -18.49 24.56 23.78
C SER E 125 -19.70 24.73 24.72
N ASP E 126 -20.87 24.89 24.12
CA ASP E 126 -22.12 24.87 24.90
C ASP E 126 -22.30 23.56 25.65
N GLU E 127 -21.92 22.45 25.03
CA GLU E 127 -22.00 21.14 25.66
C GLU E 127 -21.21 21.14 26.98
N GLN E 128 -20.00 21.74 26.99
CA GLN E 128 -19.17 21.76 28.21
C GLN E 128 -19.79 22.69 29.27
N LEU E 129 -20.34 23.84 28.86
CA LEU E 129 -20.90 24.80 29.84
C LEU E 129 -22.00 24.14 30.67
N LYS E 130 -22.83 23.32 30.03
CA LYS E 130 -23.86 22.52 30.72
C LYS E 130 -23.29 21.80 31.95
N SER E 131 -22.04 21.38 31.94
CA SER E 131 -21.48 20.58 33.05
C SER E 131 -20.80 21.48 34.10
N GLY E 132 -20.76 22.79 33.89
CA GLY E 132 -20.28 23.69 34.94
C GLY E 132 -18.81 24.07 34.83
N THR E 133 -18.16 23.79 33.69
CA THR E 133 -16.77 24.21 33.49
C THR E 133 -16.64 24.89 32.13
N ALA E 134 -15.71 25.84 32.02
CA ALA E 134 -15.40 26.49 30.74
C ALA E 134 -13.89 26.42 30.46
N SER E 135 -13.52 25.72 29.38
CA SER E 135 -12.17 25.66 28.91
C SER E 135 -12.02 26.58 27.70
N VAL E 136 -11.09 27.53 27.76
CA VAL E 136 -10.79 28.34 26.60
C VAL E 136 -9.42 27.92 26.08
N VAL E 137 -9.29 27.74 24.77
CA VAL E 137 -8.08 27.18 24.22
C VAL E 137 -7.48 28.17 23.23
N CYS E 138 -6.14 28.24 23.27
CA CYS E 138 -5.39 29.05 22.35
C CYS E 138 -4.33 28.18 21.68
N LEU E 139 -4.27 28.24 20.35
CA LEU E 139 -3.37 27.42 19.60
C LEU E 139 -2.34 28.32 18.93
N LEU E 140 -1.05 27.98 19.15
CA LEU E 140 0.05 28.56 18.39
C LEU E 140 0.58 27.48 17.45
N ASN E 141 0.57 27.73 16.14
CA ASN E 141 0.76 26.67 15.20
C ASN E 141 2.03 26.92 14.36
N ASN E 142 2.89 25.89 14.37
CA ASN E 142 4.04 25.73 13.46
C ASN E 142 5.00 26.93 13.56
N PHE E 143 5.64 27.05 14.72
CA PHE E 143 6.59 28.12 15.00
C PHE E 143 7.95 27.54 15.42
N TYR E 144 8.95 28.40 15.33
CA TYR E 144 10.31 28.09 15.75
C TYR E 144 11.03 29.40 16.09
N PRO E 145 11.73 29.46 17.23
CA PRO E 145 12.03 28.38 18.18
C PRO E 145 10.88 28.11 19.17
N ARG E 146 11.12 27.16 20.06
CA ARG E 146 10.14 26.62 21.00
C ARG E 146 9.72 27.67 22.02
N GLU E 147 10.58 28.65 22.29
CA GLU E 147 10.31 29.68 23.30
C GLU E 147 9.17 30.58 22.83
N ALA E 148 8.10 30.61 23.60
CA ALA E 148 6.95 31.46 23.30
C ALA E 148 6.23 31.80 24.61
N LYS E 149 5.65 32.99 24.68
CA LYS E 149 4.87 33.36 25.85
C LYS E 149 3.40 33.58 25.46
N VAL E 150 2.52 33.03 26.29
CA VAL E 150 1.10 33.12 26.08
C VAL E 150 0.46 33.69 27.35
N GLN E 151 -0.17 34.85 27.21
CA GLN E 151 -0.83 35.50 28.35
C GLN E 151 -2.33 35.61 28.07
N TRP E 152 -3.10 35.08 29.01
CA TRP E 152 -4.55 35.18 28.97
C TRP E 152 -5.03 36.48 29.63
N LYS E 153 -5.85 37.24 28.91
CA LYS E 153 -6.54 38.41 29.46
C LYS E 153 -8.06 38.17 29.41
N VAL E 154 -8.71 38.39 30.54
CA VAL E 154 -10.17 38.33 30.67
C VAL E 154 -10.68 39.73 31.05
N ASP E 155 -11.36 40.40 30.11
CA ASP E 155 -11.71 41.83 30.24
C ASP E 155 -10.48 42.63 30.72
N ASN E 156 -9.32 42.35 30.12
CA ASN E 156 -8.10 43.17 30.31
C ASN E 156 -7.35 42.77 31.58
N ALA E 157 -7.92 41.90 32.42
CA ALA E 157 -7.21 41.42 33.61
C ALA E 157 -6.30 40.23 33.25
N LEU E 158 -4.98 40.40 33.36
CA LEU E 158 -4.07 39.30 33.10
C LEU E 158 -4.33 38.20 34.14
N GLN E 159 -4.38 36.96 33.67
CA GLN E 159 -4.74 35.80 34.48
C GLN E 159 -3.49 35.13 35.02
N SER E 160 -3.66 34.33 36.07
CA SER E 160 -2.57 33.53 36.61
C SER E 160 -3.15 32.38 37.45
N GLY E 161 -2.47 31.23 37.42
CA GLY E 161 -2.83 30.07 38.25
C GLY E 161 -3.90 29.18 37.60
N ASN E 162 -4.47 29.57 36.45
CA ASN E 162 -5.64 28.87 35.92
C ASN E 162 -5.41 28.44 34.46
N SER E 163 -4.14 28.31 34.03
CA SER E 163 -3.87 27.81 32.66
C SER E 163 -2.79 26.72 32.70
N GLN E 164 -2.81 25.91 31.65
CA GLN E 164 -1.81 24.88 31.45
C GLN E 164 -1.44 24.90 29.97
N GLU E 165 -0.16 24.65 29.72
CA GLU E 165 0.39 24.64 28.38
C GLU E 165 0.86 23.22 28.06
N SER E 166 0.79 22.90 26.80
CA SER E 166 1.36 21.68 26.26
C SER E 166 2.01 22.05 24.92
N VAL E 167 3.13 21.41 24.60
CA VAL E 167 3.78 21.72 23.34
C VAL E 167 4.15 20.38 22.67
N THR E 168 4.04 20.35 21.36
CA THR E 168 4.32 19.15 20.62
C THR E 168 5.83 18.96 20.54
N GLU E 169 6.21 17.72 20.22
CA GLU E 169 7.56 17.48 19.85
C GLU E 169 7.79 18.15 18.48
N GLN E 170 9.04 18.42 18.22
CA GLN E 170 9.43 19.00 16.99
C GLN E 170 8.91 18.13 15.84
N ASP E 171 8.36 18.77 14.82
CA ASP E 171 7.81 18.04 13.69
C ASP E 171 8.91 17.41 12.84
N SER E 172 8.68 16.19 12.38
CA SER E 172 9.75 15.43 11.72
C SER E 172 9.93 15.89 10.27
N LYS E 173 9.03 16.72 9.72
CA LYS E 173 9.22 17.18 8.33
C LYS E 173 9.70 18.63 8.29
N ASP E 174 9.05 19.54 9.01
CA ASP E 174 9.38 20.97 8.97
C ASP E 174 10.09 21.56 10.22
N SER E 175 10.24 20.74 11.26
CA SER E 175 11.06 21.07 12.43
C SER E 175 10.44 22.18 13.28
N THR E 176 9.14 22.39 13.18
CA THR E 176 8.44 23.41 13.97
C THR E 176 7.76 22.78 15.19
N TYR E 177 7.30 23.67 16.06
CA TYR E 177 6.60 23.29 17.25
C TYR E 177 5.18 23.86 17.17
N SER E 178 4.27 23.26 17.91
CA SER E 178 2.97 23.87 18.12
C SER E 178 2.69 23.84 19.61
N LEU E 179 1.84 24.75 20.07
CA LEU E 179 1.59 24.89 21.49
C LEU E 179 0.11 25.16 21.73
N SER E 180 -0.43 24.53 22.78
CA SER E 180 -1.80 24.78 23.22
C SER E 180 -1.78 25.39 24.61
N SER E 181 -2.55 26.45 24.81
CA SER E 181 -2.77 26.96 26.16
C SER E 181 -4.26 26.86 26.47
N THR E 182 -4.56 26.26 27.61
CA THR E 182 -5.94 25.97 28.02
C THR E 182 -6.26 26.75 29.31
N LEU E 183 -7.15 27.73 29.20
CA LEU E 183 -7.64 28.52 30.35
C LEU E 183 -8.88 27.83 30.94
N THR E 184 -8.84 27.48 32.21
CA THR E 184 -9.90 26.75 32.85
C THR E 184 -10.56 27.64 33.91
N LEU E 185 -11.84 27.93 33.69
CA LEU E 185 -12.70 28.76 34.58
C LEU E 185 -13.94 27.93 35.00
N SER E 186 -14.55 28.31 36.10
CA SER E 186 -15.91 27.80 36.39
C SER E 186 -16.91 28.44 35.42
N LYS E 187 -18.02 27.76 35.19
CA LYS E 187 -19.08 28.33 34.37
C LYS E 187 -19.53 29.66 34.98
N ALA E 188 -19.71 29.67 36.31
CA ALA E 188 -20.06 30.90 37.04
C ALA E 188 -19.15 32.05 36.55
N ASP E 189 -17.85 31.89 36.74
CA ASP E 189 -16.88 32.92 36.35
C ASP E 189 -16.89 33.23 34.85
N TYR E 190 -17.05 32.21 34.01
CA TYR E 190 -17.01 32.44 32.57
C TYR E 190 -18.10 33.44 32.17
N GLU E 191 -19.30 33.28 32.76
CA GLU E 191 -20.48 34.08 32.33
C GLU E 191 -20.39 35.53 32.84
N LYS E 192 -19.52 35.81 33.81
CA LYS E 192 -19.37 37.16 34.41
C LYS E 192 -18.67 38.15 33.45
N HIS E 193 -17.93 37.67 32.46
CA HIS E 193 -17.04 38.56 31.70
C HIS E 193 -17.33 38.42 30.21
N LYS E 194 -16.84 39.36 29.41
CA LYS E 194 -17.20 39.39 28.00
C LYS E 194 -16.01 39.08 27.08
N VAL E 195 -14.87 39.73 27.28
CA VAL E 195 -13.77 39.65 26.31
C VAL E 195 -12.72 38.64 26.83
N TYR E 196 -12.47 37.62 26.01
CA TYR E 196 -11.46 36.62 26.29
C TYR E 196 -10.36 36.76 25.24
N ALA E 197 -9.13 36.95 25.70
CA ALA E 197 -8.04 37.22 24.80
C ALA E 197 -6.82 36.37 25.15
N CYS E 198 -6.12 36.03 24.07
CA CYS E 198 -4.89 35.31 24.08
C CYS E 198 -3.81 36.24 23.53
N GLU E 199 -2.75 36.51 24.28
CA GLU E 199 -1.66 37.38 23.76
C GLU E 199 -0.37 36.58 23.64
N VAL E 200 0.24 36.62 22.45
CA VAL E 200 1.36 35.76 22.11
C VAL E 200 2.61 36.58 21.78
N THR E 201 3.69 36.24 22.45
CA THR E 201 4.99 36.83 22.23
C THR E 201 5.94 35.75 21.71
N HIS E 202 6.63 36.07 20.61
CA HIS E 202 7.54 35.12 19.98
C HIS E 202 8.53 35.93 19.13
N GLN E 203 9.77 35.44 19.07
CA GLN E 203 10.82 36.26 18.46
C GLN E 203 10.54 36.42 16.95
N GLY E 204 9.74 35.56 16.35
CA GLY E 204 9.37 35.70 14.93
C GLY E 204 8.29 36.75 14.69
N LEU E 205 7.70 37.31 15.74
CA LEU E 205 6.70 38.40 15.62
C LEU E 205 7.33 39.74 15.99
N SER E 206 7.20 40.71 15.08
CA SER E 206 7.61 42.10 15.29
C SER E 206 7.01 42.66 16.58
N SER E 207 5.70 42.47 16.76
CA SER E 207 4.99 42.88 17.96
C SER E 207 4.08 41.74 18.45
N PRO E 208 3.72 41.73 19.75
CA PRO E 208 2.75 40.75 20.25
C PRO E 208 1.48 40.63 19.40
N VAL E 209 0.99 39.41 19.18
CA VAL E 209 -0.26 39.17 18.47
C VAL E 209 -1.30 38.76 19.51
N THR E 210 -2.48 39.36 19.40
CA THR E 210 -3.61 39.02 20.27
C THR E 210 -4.74 38.45 19.41
N LYS E 211 -5.33 37.37 19.89
CA LYS E 211 -6.60 36.87 19.37
C LYS E 211 -7.61 36.93 20.50
N SER E 212 -8.81 37.41 20.19
CA SER E 212 -9.87 37.51 21.20
C SER E 212 -11.24 37.27 20.57
N PHE E 213 -12.16 36.93 21.44
CA PHE E 213 -13.56 36.82 21.09
C PHE E 213 -14.38 37.42 22.23
N ASN E 214 -15.61 37.84 21.89
CA ASN E 214 -16.66 38.22 22.85
C ASN E 214 -17.67 37.06 22.89
N ARG E 215 -18.16 36.68 24.06
CA ARG E 215 -19.14 35.56 24.19
C ARG E 215 -20.29 35.55 23.15
N GLY E 216 -20.67 36.66 22.49
CA GLY E 216 -21.74 36.63 21.47
C GLY E 216 -21.23 36.22 20.10
N VAL F 14 47.40 -36.56 -13.93
CA VAL F 14 48.18 -37.34 -12.92
C VAL F 14 49.38 -36.51 -12.45
N VAL F 15 49.53 -36.37 -11.13
CA VAL F 15 50.59 -35.50 -10.59
C VAL F 15 51.90 -36.30 -10.59
N LYS F 16 52.96 -35.67 -11.07
CA LYS F 16 54.21 -36.34 -11.31
C LYS F 16 55.06 -36.35 -10.03
N PHE F 17 55.79 -37.44 -9.88
CA PHE F 17 56.51 -37.74 -8.64
C PHE F 17 57.31 -36.54 -8.14
N MET F 18 58.08 -35.88 -9.00
CA MET F 18 58.99 -34.83 -8.52
C MET F 18 58.17 -33.59 -8.10
N ASP F 19 57.03 -33.35 -8.73
CA ASP F 19 56.09 -32.34 -8.26
C ASP F 19 55.50 -32.63 -6.90
N VAL F 20 55.01 -33.86 -6.71
CA VAL F 20 54.44 -34.26 -5.42
C VAL F 20 55.47 -34.03 -4.32
N TYR F 21 56.71 -34.42 -4.62
CA TYR F 21 57.76 -34.33 -3.63
C TYR F 21 58.03 -32.85 -3.29
N GLN F 22 58.11 -32.03 -4.33
CA GLN F 22 58.50 -30.64 -4.18
C GLN F 22 57.39 -29.83 -3.48
N ARG F 23 56.13 -30.19 -3.70
CA ARG F 23 55.04 -29.44 -3.10
C ARG F 23 54.72 -29.89 -1.71
N SER F 24 55.19 -31.05 -1.35
CA SER F 24 54.85 -31.61 -0.05
C SER F 24 56.02 -31.43 0.93
N TYR F 25 57.17 -30.96 0.47
CA TYR F 25 58.34 -30.88 1.35
C TYR F 25 58.17 -29.75 2.37
N CYS F 26 58.45 -30.09 3.64
CA CYS F 26 58.55 -29.16 4.78
C CYS F 26 58.67 -27.70 4.33
N HIS F 27 57.57 -26.96 4.47
CA HIS F 27 57.55 -25.53 4.19
C HIS F 27 56.44 -24.84 5.01
N PRO F 28 56.43 -23.50 5.05
CA PRO F 28 55.34 -22.80 5.71
C PRO F 28 54.10 -22.80 4.82
N ILE F 29 52.97 -23.23 5.37
CA ILE F 29 51.73 -23.29 4.58
C ILE F 29 50.57 -22.68 5.37
N GLU F 30 49.63 -22.04 4.65
CA GLU F 30 48.45 -21.50 5.30
C GLU F 30 47.66 -22.65 5.93
N THR F 31 47.51 -22.53 7.24
CA THR F 31 46.94 -23.54 8.10
C THR F 31 45.85 -22.88 8.96
N LEU F 32 44.72 -23.55 9.12
CA LEU F 32 43.65 -23.02 9.93
C LEU F 32 43.74 -23.65 11.31
N VAL F 33 44.17 -22.84 12.28
CA VAL F 33 44.45 -23.27 13.64
C VAL F 33 43.30 -22.84 14.56
N ASP F 34 42.83 -23.76 15.36
CA ASP F 34 41.80 -23.51 16.34
C ASP F 34 42.39 -22.61 17.46
N ILE F 35 41.66 -21.55 17.83
CA ILE F 35 42.21 -20.53 18.75
C ILE F 35 42.33 -21.11 20.16
N PHE F 36 41.42 -21.99 20.53
CA PHE F 36 41.47 -22.66 21.84
C PHE F 36 42.79 -23.42 21.98
N GLN F 37 43.36 -23.91 20.87
CA GLN F 37 44.67 -24.59 20.89
C GLN F 37 45.79 -23.59 21.22
N GLU F 38 45.76 -22.39 20.65
CA GLU F 38 46.84 -21.40 20.86
C GLU F 38 46.70 -20.69 22.22
N TYR F 39 45.51 -20.75 22.83
CA TYR F 39 45.28 -20.14 24.15
C TYR F 39 44.53 -21.17 25.00
N PRO F 40 45.23 -22.25 25.42
CA PRO F 40 44.57 -23.37 26.09
C PRO F 40 44.05 -22.97 27.49
N ASP F 41 44.64 -21.91 28.06
CA ASP F 41 44.25 -21.41 29.39
C ASP F 41 43.09 -20.45 29.42
N GLU F 42 42.66 -19.92 28.27
CA GLU F 42 41.52 -18.98 28.26
C GLU F 42 40.26 -19.83 28.10
N ILE F 43 39.80 -20.39 29.21
CA ILE F 43 38.65 -21.33 29.24
C ILE F 43 37.35 -20.56 29.52
N GLU F 44 37.46 -19.27 29.80
CA GLU F 44 36.31 -18.43 30.10
C GLU F 44 35.63 -18.03 28.78
N TYR F 45 36.40 -17.91 27.70
CA TYR F 45 35.95 -17.29 26.46
C TYR F 45 35.56 -18.33 25.40
N ILE F 46 34.55 -17.97 24.60
CA ILE F 46 34.29 -18.49 23.25
C ILE F 46 34.93 -17.52 22.24
N PHE F 47 35.49 -18.04 21.16
CA PHE F 47 36.06 -17.18 20.16
C PHE F 47 35.29 -17.34 18.86
N LYS F 48 35.17 -16.21 18.15
CA LYS F 48 34.45 -16.13 16.92
C LYS F 48 35.23 -15.19 15.99
N PRO F 49 35.72 -15.70 14.86
CA PRO F 49 35.76 -17.09 14.43
C PRO F 49 36.57 -17.95 15.41
N SER F 50 36.31 -19.26 15.41
CA SER F 50 36.95 -20.17 16.37
C SER F 50 38.35 -20.60 15.91
N CYS F 51 38.71 -20.30 14.66
CA CYS F 51 40.02 -20.65 14.13
C CYS F 51 40.54 -19.51 13.23
N VAL F 52 41.85 -19.48 13.03
CA VAL F 52 42.50 -18.42 12.27
C VAL F 52 43.47 -19.01 11.25
N PRO F 53 43.68 -18.31 10.12
CA PRO F 53 44.66 -18.64 9.10
C PRO F 53 46.07 -18.15 9.43
N LEU F 54 46.95 -19.09 9.77
CA LEU F 54 48.34 -18.80 10.13
C LEU F 54 49.30 -19.56 9.19
N MET F 55 50.40 -18.94 8.82
CA MET F 55 51.52 -19.69 8.23
C MET F 55 52.14 -20.56 9.32
N ARG F 56 52.20 -21.84 9.05
CA ARG F 56 52.80 -22.78 9.96
C ARG F 56 53.57 -23.81 9.17
N CYS F 57 54.39 -24.58 9.86
CA CYS F 57 55.18 -25.60 9.23
C CYS F 57 54.29 -26.80 8.96
N GLY F 58 54.29 -27.21 7.70
CA GLY F 58 53.62 -28.42 7.30
C GLY F 58 54.45 -29.17 6.28
N GLY F 59 54.02 -30.40 6.02
CA GLY F 59 54.69 -31.24 5.08
C GLY F 59 55.52 -32.28 5.81
N CYS F 60 56.44 -32.87 5.07
CA CYS F 60 57.14 -34.05 5.56
C CYS F 60 58.63 -33.94 5.20
N CYS F 61 59.41 -34.75 5.90
CA CYS F 61 60.85 -34.78 5.72
C CYS F 61 61.24 -36.13 5.13
N ASN F 62 62.45 -36.16 4.56
CA ASN F 62 62.96 -37.32 3.85
C ASN F 62 63.02 -38.54 4.78
N ASP F 63 63.65 -38.37 5.94
CA ASP F 63 63.83 -39.47 6.89
C ASP F 63 62.63 -39.49 7.82
N GLU F 64 62.43 -40.60 8.51
CA GLU F 64 61.39 -40.72 9.54
C GLU F 64 61.98 -40.28 10.90
N GLY F 65 63.30 -40.14 10.94
CA GLY F 65 64.00 -39.61 12.12
C GLY F 65 63.99 -38.09 12.13
N LEU F 66 63.74 -37.46 10.99
CA LEU F 66 63.62 -36.00 10.93
C LEU F 66 62.15 -35.60 11.16
N GLU F 67 61.93 -34.36 11.59
CA GLU F 67 60.59 -33.74 11.64
C GLU F 67 60.69 -32.27 11.24
N CYS F 68 59.55 -31.72 10.83
CA CYS F 68 59.49 -30.40 10.24
C CYS F 68 59.20 -29.39 11.36
N VAL F 69 60.13 -28.47 11.61
CA VAL F 69 60.00 -27.45 12.68
C VAL F 69 60.41 -26.07 12.15
N PRO F 70 59.97 -25.02 12.88
CA PRO F 70 60.25 -23.64 12.48
C PRO F 70 61.67 -23.19 12.86
N THR F 71 62.31 -22.44 11.99
CA THR F 71 63.57 -21.78 12.32
C THR F 71 63.29 -20.32 12.70
N GLU F 72 62.62 -19.61 11.80
CA GLU F 72 62.26 -18.21 11.98
C GLU F 72 60.77 -18.09 12.33
N GLU F 73 60.48 -17.34 13.40
CA GLU F 73 59.10 -17.14 13.89
C GLU F 73 58.83 -15.64 13.96
N SER F 74 57.55 -15.27 13.90
CA SER F 74 57.10 -13.88 14.07
C SER F 74 55.62 -13.86 14.50
N ASN F 75 55.13 -12.70 14.94
CA ASN F 75 53.81 -12.56 15.54
C ASN F 75 52.88 -11.87 14.54
N ILE F 76 51.63 -12.30 14.53
CA ILE F 76 50.58 -11.57 13.82
C ILE F 76 49.39 -11.36 14.77
N THR F 77 48.75 -10.19 14.62
CA THR F 77 47.69 -9.76 15.53
C THR F 77 46.38 -9.67 14.73
N MET F 78 45.34 -10.28 15.27
CA MET F 78 44.05 -10.38 14.57
C MET F 78 42.92 -9.97 15.53
N GLN F 79 41.88 -9.36 14.96
CA GLN F 79 40.68 -8.99 15.70
C GLN F 79 39.72 -10.17 15.75
N ILE F 80 39.43 -10.63 16.96
CA ILE F 80 38.60 -11.77 17.18
C ILE F 80 37.46 -11.36 18.10
N MET F 81 36.25 -11.86 17.85
CA MET F 81 35.20 -11.65 18.80
C MET F 81 35.37 -12.61 19.99
N ARG F 82 35.48 -12.05 21.19
CA ARG F 82 35.64 -12.81 22.43
C ARG F 82 34.34 -12.73 23.24
N ILE F 83 33.66 -13.86 23.40
CA ILE F 83 32.37 -13.95 24.11
C ILE F 83 32.58 -14.68 25.43
N LYS F 84 32.14 -14.06 26.52
CA LYS F 84 32.00 -14.74 27.80
C LYS F 84 30.52 -15.07 27.95
N PRO F 85 30.13 -16.31 27.74
CA PRO F 85 28.73 -16.70 27.75
C PRO F 85 27.97 -16.14 28.95
N HIS F 86 26.82 -15.53 28.65
CA HIS F 86 25.92 -14.94 29.66
C HIS F 86 26.52 -13.68 30.31
N GLN F 87 27.66 -13.27 29.83
CA GLN F 87 28.38 -12.15 30.40
C GLN F 87 28.89 -11.05 29.47
N GLY F 88 28.66 -11.13 28.18
CA GLY F 88 29.16 -10.07 27.34
C GLY F 88 30.14 -10.44 26.27
N GLN F 89 30.42 -9.52 25.39
CA GLN F 89 31.33 -9.80 24.31
C GLN F 89 31.89 -8.51 23.72
N HIS F 90 33.06 -8.67 23.11
CA HIS F 90 33.76 -7.56 22.51
C HIS F 90 34.66 -8.09 21.38
N ILE F 91 35.22 -7.17 20.61
CA ILE F 91 36.25 -7.52 19.67
C ILE F 91 37.60 -7.16 20.31
N GLY F 92 38.52 -8.11 20.27
CA GLY F 92 39.81 -7.99 20.89
C GLY F 92 40.93 -8.36 19.93
N GLU F 93 42.04 -7.66 20.09
CA GLU F 93 43.24 -7.98 19.32
C GLU F 93 43.94 -9.15 20.00
N MET F 94 44.13 -10.23 19.29
CA MET F 94 44.85 -11.38 19.82
C MET F 94 46.07 -11.68 18.94
N SER F 95 47.13 -12.16 19.59
CA SER F 95 48.39 -12.39 18.91
C SER F 95 48.61 -13.90 18.71
N PHE F 96 49.10 -14.24 17.53
CA PHE F 96 49.37 -15.63 17.15
C PHE F 96 50.77 -15.76 16.55
N LEU F 97 51.40 -16.90 16.82
CA LEU F 97 52.72 -17.19 16.27
C LEU F 97 52.60 -17.66 14.82
N GLN F 98 53.43 -17.11 13.95
CA GLN F 98 53.57 -17.58 12.58
C GLN F 98 54.99 -18.13 12.32
N HIS F 99 55.11 -18.98 11.31
CA HIS F 99 56.39 -19.56 10.92
C HIS F 99 56.81 -18.97 9.57
N ASN F 100 57.96 -18.31 9.56
CA ASN F 100 58.44 -17.61 8.37
C ASN F 100 59.36 -18.53 7.57
N LYS F 101 60.07 -19.44 8.27
CA LYS F 101 60.98 -20.40 7.66
C LYS F 101 60.97 -21.69 8.49
N CYS F 102 60.92 -22.82 7.79
CA CYS F 102 60.93 -24.15 8.41
C CYS F 102 62.14 -24.93 7.90
N GLU F 103 62.59 -25.89 8.70
CA GLU F 103 63.61 -26.81 8.23
C GLU F 103 63.39 -28.19 8.87
N CYS F 104 63.97 -29.20 8.25
CA CYS F 104 63.92 -30.54 8.79
C CYS F 104 65.06 -30.71 9.81
N ARG F 105 64.71 -31.02 11.06
CA ARG F 105 65.69 -31.21 12.13
C ARG F 105 65.50 -32.59 12.74
N PRO F 106 66.57 -33.19 13.26
CA PRO F 106 66.49 -34.43 14.03
C PRO F 106 65.46 -34.37 15.16
N LYS F 107 64.89 -35.52 15.48
CA LYS F 107 63.87 -35.63 16.52
C LYS F 107 64.55 -35.98 17.85
N GLU G 1 7.06 -0.49 -12.39
CA GLU G 1 5.60 -0.13 -12.38
C GLU G 1 5.22 0.41 -13.77
N VAL G 2 4.91 -0.51 -14.67
CA VAL G 2 4.40 -0.17 -16.00
C VAL G 2 2.98 0.38 -15.83
N GLN G 3 2.64 1.48 -16.48
CA GLN G 3 1.42 2.20 -16.16
C GLN G 3 1.03 3.14 -17.30
N LEU G 4 -0.27 3.39 -17.45
CA LEU G 4 -0.76 4.42 -18.37
C LEU G 4 -1.77 5.25 -17.59
N VAL G 5 -1.68 6.56 -17.73
CA VAL G 5 -2.61 7.46 -17.07
C VAL G 5 -3.24 8.40 -18.11
N GLU G 6 -4.54 8.25 -18.33
CA GLU G 6 -5.28 9.13 -19.22
C GLU G 6 -5.62 10.46 -18.52
N SER G 7 -5.75 11.52 -19.31
CA SER G 7 -6.41 12.73 -18.85
C SER G 7 -7.07 13.45 -20.03
N GLY G 8 -7.94 14.38 -19.69
CA GLY G 8 -8.46 15.32 -20.65
C GLY G 8 -9.89 15.02 -21.09
N GLY G 9 -10.59 14.12 -20.42
CA GLY G 9 -11.97 13.93 -20.81
C GLY G 9 -12.89 15.03 -20.28
N GLY G 10 -14.17 14.78 -20.36
CA GLY G 10 -15.15 15.63 -19.75
C GLY G 10 -16.28 15.91 -20.71
N LEU G 11 -17.03 16.94 -20.38
CA LEU G 11 -18.19 17.34 -21.15
C LEU G 11 -17.76 18.20 -22.36
N VAL G 12 -18.46 18.02 -23.47
CA VAL G 12 -18.22 18.78 -24.68
C VAL G 12 -19.51 18.80 -25.51
N GLN G 13 -19.74 19.91 -26.23
CA GLN G 13 -20.98 20.11 -26.98
C GLN G 13 -20.92 19.35 -28.31
N PRO G 14 -22.08 18.98 -28.85
CA PRO G 14 -22.05 18.40 -30.20
C PRO G 14 -21.30 19.34 -31.17
N GLY G 15 -20.53 18.75 -32.09
CA GLY G 15 -19.69 19.49 -33.04
C GLY G 15 -18.35 19.88 -32.43
N GLY G 16 -18.18 19.73 -31.12
CA GLY G 16 -16.99 20.26 -30.44
C GLY G 16 -15.79 19.34 -30.59
N SER G 17 -14.73 19.73 -29.88
CA SER G 17 -13.44 19.09 -29.94
C SER G 17 -12.96 18.79 -28.52
N LEU G 18 -12.10 17.80 -28.42
CA LEU G 18 -11.48 17.45 -27.15
C LEU G 18 -10.16 16.70 -27.46
N ARG G 19 -9.18 16.90 -26.59
CA ARG G 19 -7.89 16.24 -26.73
C ARG G 19 -7.65 15.35 -25.50
N LEU G 20 -7.43 14.08 -25.73
CA LEU G 20 -7.15 13.14 -24.63
C LEU G 20 -5.65 12.90 -24.62
N SER G 21 -5.11 12.74 -23.42
CA SER G 21 -3.69 12.50 -23.19
C SER G 21 -3.52 11.15 -22.52
N CYS G 22 -2.35 10.55 -22.70
CA CYS G 22 -2.05 9.30 -22.09
C CYS G 22 -0.55 9.21 -21.80
N ALA G 23 -0.22 9.25 -20.51
CA ALA G 23 1.14 9.31 -20.03
C ALA G 23 1.64 7.91 -19.65
N ALA G 24 2.70 7.46 -20.31
CA ALA G 24 3.29 6.15 -20.08
C ALA G 24 4.43 6.26 -19.06
N SER G 25 4.46 5.35 -18.08
CA SER G 25 5.56 5.19 -17.11
C SER G 25 6.07 3.76 -17.15
N GLY G 26 7.38 3.58 -16.99
CA GLY G 26 7.94 2.24 -16.77
C GLY G 26 8.33 1.56 -18.06
N PHE G 27 8.04 2.21 -19.18
CA PHE G 27 8.44 1.67 -20.48
C PHE G 27 8.52 2.84 -21.46
N ASN G 28 9.19 2.60 -22.58
CA ASN G 28 9.36 3.59 -23.65
C ASN G 28 8.29 3.34 -24.73
N ILE G 29 7.43 4.30 -25.05
CA ILE G 29 6.40 4.03 -26.09
C ILE G 29 7.04 3.81 -27.46
N LYS G 30 8.33 4.10 -27.63
CA LYS G 30 9.04 3.80 -28.89
C LYS G 30 9.02 2.31 -29.21
N ASP G 31 8.96 1.47 -28.19
CA ASP G 31 8.96 -0.01 -28.35
C ASP G 31 7.55 -0.62 -28.51
N THR G 32 6.57 0.18 -28.94
CA THR G 32 5.19 -0.14 -28.59
C THR G 32 4.24 0.35 -29.70
N TYR G 33 3.07 -0.24 -29.74
CA TYR G 33 1.92 0.40 -30.33
C TYR G 33 1.07 0.97 -29.19
N ILE G 34 0.57 2.19 -29.34
CA ILE G 34 -0.40 2.70 -28.37
C ILE G 34 -1.75 2.75 -29.07
N HIS G 35 -2.77 2.27 -28.35
CA HIS G 35 -4.12 2.13 -28.85
C HIS G 35 -5.08 2.94 -27.97
N TRP G 36 -6.16 3.45 -28.57
CA TRP G 36 -7.34 3.91 -27.85
C TRP G 36 -8.49 2.94 -28.12
N VAL G 37 -9.24 2.63 -27.08
CA VAL G 37 -10.37 1.73 -27.12
C VAL G 37 -11.49 2.44 -26.37
N ARG G 38 -12.72 2.39 -26.85
CA ARG G 38 -13.77 3.05 -26.10
C ARG G 38 -14.94 2.08 -25.82
N GLN G 39 -15.74 2.50 -24.86
CA GLN G 39 -16.91 1.75 -24.46
C GLN G 39 -18.06 2.72 -24.24
N ALA G 40 -18.98 2.75 -25.20
CA ALA G 40 -20.23 3.50 -25.04
C ALA G 40 -21.07 2.87 -23.91
N PRO G 41 -21.98 3.64 -23.30
CA PRO G 41 -22.73 3.13 -22.12
C PRO G 41 -23.55 1.86 -22.43
N GLY G 42 -23.30 0.80 -21.64
CA GLY G 42 -23.91 -0.53 -21.84
C GLY G 42 -23.55 -1.21 -23.16
N LYS G 43 -22.50 -0.80 -23.86
CA LYS G 43 -22.13 -1.43 -25.13
C LYS G 43 -20.81 -2.15 -24.96
N GLY G 44 -20.34 -2.76 -26.05
CA GLY G 44 -19.07 -3.52 -26.08
C GLY G 44 -17.82 -2.64 -26.23
N LEU G 45 -16.66 -3.25 -26.07
CA LEU G 45 -15.40 -2.58 -26.33
C LEU G 45 -15.29 -2.33 -27.84
N GLU G 46 -14.81 -1.15 -28.24
CA GLU G 46 -14.65 -0.81 -29.67
C GLU G 46 -13.27 -0.19 -29.84
N TRP G 47 -12.43 -0.88 -30.60
CA TRP G 47 -11.12 -0.33 -30.93
C TRP G 47 -11.32 0.92 -31.79
N VAL G 48 -10.57 2.00 -31.50
CA VAL G 48 -10.77 3.26 -32.23
C VAL G 48 -9.51 3.69 -32.99
N ALA G 49 -8.30 3.58 -32.43
CA ALA G 49 -7.13 4.12 -33.15
C ALA G 49 -5.84 3.51 -32.63
N ARG G 50 -4.77 3.66 -33.41
CA ARG G 50 -3.47 3.07 -33.09
C ARG G 50 -2.35 3.91 -33.70
N ILE G 51 -1.27 4.07 -32.93
CA ILE G 51 -0.09 4.76 -33.38
C ILE G 51 1.13 3.88 -33.13
N TYR G 52 2.05 3.91 -34.09
CA TYR G 52 3.42 3.41 -33.91
C TYR G 52 4.35 4.62 -33.73
N PRO G 53 4.68 4.96 -32.48
CA PRO G 53 5.28 6.29 -32.20
C PRO G 53 6.54 6.66 -33.01
N THR G 54 7.44 5.72 -33.24
CA THR G 54 8.72 6.02 -33.89
C THR G 54 8.47 6.71 -35.25
N ASN G 55 7.66 6.08 -36.11
CA ASN G 55 7.43 6.57 -37.45
C ASN G 55 6.13 7.35 -37.60
N GLY G 56 5.30 7.38 -36.57
CA GLY G 56 4.08 8.16 -36.59
C GLY G 56 2.98 7.53 -37.47
N TYR G 57 3.08 6.24 -37.80
CA TYR G 57 2.04 5.49 -38.54
C TYR G 57 0.76 5.37 -37.70
N THR G 58 -0.38 5.64 -38.33
CA THR G 58 -1.66 5.67 -37.65
C THR G 58 -2.66 4.77 -38.37
N ARG G 59 -3.56 4.16 -37.59
CA ARG G 59 -4.76 3.48 -38.13
C ARG G 59 -5.96 3.90 -37.29
N TYR G 60 -7.13 3.90 -37.92
CA TYR G 60 -8.39 4.38 -37.29
C TYR G 60 -9.53 3.45 -37.70
N ALA G 61 -10.47 3.27 -36.78
CA ALA G 61 -11.72 2.62 -37.11
C ALA G 61 -12.53 3.55 -38.02
N ASP G 62 -13.32 2.97 -38.93
CA ASP G 62 -14.23 3.74 -39.80
C ASP G 62 -15.16 4.69 -39.06
N SER G 63 -15.55 4.33 -37.85
CA SER G 63 -16.51 5.16 -37.12
C SER G 63 -15.88 6.49 -36.69
N VAL G 64 -14.55 6.61 -36.72
CA VAL G 64 -13.92 7.87 -36.27
C VAL G 64 -12.93 8.43 -37.33
N LYS G 65 -12.66 7.70 -38.40
CA LYS G 65 -11.66 8.07 -39.38
C LYS G 65 -12.03 9.42 -39.98
N GLY G 66 -11.05 10.30 -40.14
CA GLY G 66 -11.29 11.66 -40.63
C GLY G 66 -11.63 12.62 -39.52
N ARG G 67 -12.18 12.18 -38.39
CA ARG G 67 -12.57 13.12 -37.31
C ARG G 67 -11.57 13.08 -36.16
N PHE G 68 -10.88 11.96 -35.97
CA PHE G 68 -9.99 11.79 -34.84
C PHE G 68 -8.56 11.68 -35.37
N THR G 69 -7.61 12.12 -34.55
CA THR G 69 -6.21 12.02 -34.90
C THR G 69 -5.43 11.53 -33.69
N ILE G 70 -4.69 10.45 -33.88
CA ILE G 70 -3.86 9.90 -32.81
C ILE G 70 -2.41 10.33 -33.10
N SER G 71 -1.67 10.66 -32.05
CA SER G 71 -0.28 11.03 -32.17
C SER G 71 0.47 10.62 -30.91
N ALA G 72 1.80 10.68 -30.98
CA ALA G 72 2.65 10.37 -29.84
C ALA G 72 3.90 11.25 -29.87
N ASP G 73 4.23 11.78 -28.69
CA ASP G 73 5.44 12.54 -28.45
C ASP G 73 6.44 11.64 -27.68
N THR G 74 7.44 11.10 -28.38
CA THR G 74 8.34 10.12 -27.77
C THR G 74 9.16 10.76 -26.63
N SER G 75 9.44 12.06 -26.71
CA SER G 75 10.24 12.72 -25.68
C SER G 75 9.44 12.96 -24.38
N LYS G 76 8.12 13.10 -24.45
CA LYS G 76 7.29 13.18 -23.23
C LYS G 76 6.75 11.80 -22.82
N ASN G 77 6.98 10.78 -23.64
CA ASN G 77 6.45 9.42 -23.43
C ASN G 77 4.92 9.48 -23.30
N THR G 78 4.27 10.23 -24.16
CA THR G 78 2.85 10.53 -24.06
C THR G 78 2.18 10.34 -25.44
N ALA G 79 0.95 9.80 -25.43
CA ALA G 79 0.16 9.70 -26.64
C ALA G 79 -1.08 10.55 -26.48
N TYR G 80 -1.65 10.94 -27.62
CA TYR G 80 -2.76 11.89 -27.65
C TYR G 80 -3.84 11.40 -28.62
N LEU G 81 -5.08 11.72 -28.32
CA LEU G 81 -6.17 11.50 -29.27
C LEU G 81 -6.95 12.81 -29.42
N GLN G 82 -6.79 13.44 -30.59
CA GLN G 82 -7.49 14.67 -30.92
C GLN G 82 -8.82 14.25 -31.55
N MET G 83 -9.91 14.62 -30.89
CA MET G 83 -11.26 14.23 -31.34
C MET G 83 -11.99 15.47 -31.84
N ASN G 84 -12.40 15.47 -33.11
CA ASN G 84 -13.13 16.63 -33.67
C ASN G 84 -14.53 16.21 -34.14
N SER G 85 -15.43 17.18 -34.30
CA SER G 85 -16.79 16.91 -34.80
C SER G 85 -17.47 15.82 -33.97
N LEU G 86 -17.47 15.98 -32.65
CA LEU G 86 -18.02 14.95 -31.77
C LEU G 86 -19.54 14.90 -31.92
N ARG G 87 -20.11 13.69 -31.80
CA ARG G 87 -21.56 13.50 -31.78
C ARG G 87 -21.93 12.68 -30.53
N ALA G 88 -23.23 12.61 -30.26
CA ALA G 88 -23.79 11.79 -29.15
C ALA G 88 -23.20 10.36 -29.13
N GLU G 89 -22.98 9.77 -30.31
CA GLU G 89 -22.52 8.38 -30.44
C GLU G 89 -21.08 8.21 -29.98
N ASP G 90 -20.31 9.30 -29.79
CA ASP G 90 -18.92 9.20 -29.33
C ASP G 90 -18.80 9.26 -27.81
N THR G 91 -19.94 9.48 -27.14
CA THR G 91 -20.01 9.44 -25.69
C THR G 91 -19.62 8.04 -25.24
N ALA G 92 -18.66 7.94 -24.34
CA ALA G 92 -18.05 6.66 -24.00
C ALA G 92 -16.95 6.87 -22.98
N VAL G 93 -16.54 5.77 -22.35
CA VAL G 93 -15.31 5.75 -21.60
C VAL G 93 -14.21 5.41 -22.59
N TYR G 94 -13.13 6.16 -22.54
CA TYR G 94 -12.04 6.07 -23.51
C TYR G 94 -10.82 5.53 -22.75
N TYR G 95 -10.26 4.46 -23.27
CA TYR G 95 -9.14 3.84 -22.67
C TYR G 95 -7.96 3.90 -23.64
N CYS G 96 -6.82 4.12 -23.04
CA CYS G 96 -5.53 4.02 -23.59
C CYS G 96 -4.97 2.62 -23.28
N ALA G 97 -4.24 2.01 -24.20
CA ALA G 97 -3.70 0.68 -23.96
C ALA G 97 -2.45 0.42 -24.79
N LYS G 98 -1.57 -0.42 -24.26
CA LYS G 98 -0.28 -0.65 -24.84
C LYS G 98 -0.23 -2.07 -25.39
N LEU G 99 0.43 -2.23 -26.51
CA LEU G 99 0.80 -3.52 -27.08
C LEU G 99 2.30 -3.50 -27.43
N GLY G 100 3.07 -4.52 -27.03
CA GLY G 100 4.48 -4.63 -27.45
C GLY G 100 4.66 -5.09 -28.90
N ILE G 101 5.92 -5.37 -29.31
CA ILE G 101 6.25 -5.74 -30.72
C ILE G 101 6.92 -7.13 -30.73
N GLY G 102 6.70 -7.90 -31.80
CA GLY G 102 7.38 -9.18 -31.97
C GLY G 102 6.93 -10.20 -30.92
N TYR G 103 7.87 -10.62 -30.08
CA TYR G 103 7.62 -11.52 -28.99
C TYR G 103 6.87 -10.79 -27.88
N TYR G 104 6.87 -9.46 -27.93
CA TYR G 104 6.19 -8.68 -26.89
C TYR G 104 4.79 -8.24 -27.35
N TYR G 105 4.37 -8.70 -28.55
CA TYR G 105 3.01 -8.46 -29.05
C TYR G 105 2.11 -9.62 -28.64
N TYR G 106 1.45 -9.52 -27.49
CA TYR G 106 0.58 -10.63 -27.08
C TYR G 106 -0.81 -10.14 -26.66
N GLY G 107 -0.96 -8.86 -26.42
CA GLY G 107 -2.28 -8.31 -26.16
C GLY G 107 -2.16 -7.06 -25.33
N MET G 108 -3.29 -6.41 -25.11
CA MET G 108 -3.33 -5.20 -24.37
C MET G 108 -3.22 -5.55 -22.89
N ASP G 109 -1.98 -5.56 -22.42
CA ASP G 109 -1.70 -5.99 -21.07
C ASP G 109 -1.59 -4.84 -20.11
N VAL G 110 -1.54 -3.62 -20.62
CA VAL G 110 -1.54 -2.44 -19.78
C VAL G 110 -2.58 -1.45 -20.33
N TRP G 111 -3.49 -1.04 -19.45
CA TRP G 111 -4.58 -0.13 -19.76
C TRP G 111 -4.53 1.05 -18.79
N GLY G 112 -5.02 2.19 -19.22
CA GLY G 112 -5.30 3.24 -18.27
C GLY G 112 -6.63 2.97 -17.57
N GLN G 113 -7.00 3.88 -16.70
CA GLN G 113 -8.14 3.71 -15.80
C GLN G 113 -9.45 4.05 -16.53
N GLY G 114 -9.37 4.68 -17.70
CA GLY G 114 -10.54 5.10 -18.46
C GLY G 114 -10.95 6.54 -18.15
N THR G 115 -11.34 7.28 -19.18
CA THR G 115 -11.78 8.67 -19.01
C THR G 115 -13.15 8.86 -19.71
N LEU G 116 -14.14 9.35 -18.98
CA LEU G 116 -15.49 9.56 -19.57
C LEU G 116 -15.51 10.81 -20.45
N VAL G 117 -15.93 10.65 -21.69
CA VAL G 117 -16.22 11.77 -22.57
C VAL G 117 -17.74 11.79 -22.81
N THR G 118 -18.35 12.91 -22.51
CA THR G 118 -19.80 13.07 -22.63
C THR G 118 -20.08 14.16 -23.68
N VAL G 119 -20.79 13.79 -24.73
CA VAL G 119 -21.12 14.73 -25.78
C VAL G 119 -22.58 15.14 -25.62
N SER G 120 -22.80 16.30 -25.04
CA SER G 120 -24.15 16.80 -24.77
C SER G 120 -24.13 18.33 -24.69
N SER G 121 -25.28 18.95 -24.91
CA SER G 121 -25.33 20.43 -24.85
C SER G 121 -25.82 20.91 -23.48
N ALA G 122 -26.29 20.02 -22.61
CA ALA G 122 -26.62 20.39 -21.21
C ALA G 122 -25.35 20.90 -20.51
N SER G 123 -25.54 21.58 -19.38
CA SER G 123 -24.44 22.22 -18.65
C SER G 123 -24.18 21.50 -17.33
N THR G 124 -22.95 21.65 -16.86
CA THR G 124 -22.52 21.19 -15.56
C THR G 124 -23.49 21.70 -14.49
N LYS G 125 -23.73 20.85 -13.50
CA LYS G 125 -24.64 21.12 -12.39
C LYS G 125 -24.26 20.18 -11.25
N GLY G 126 -23.89 20.78 -10.12
CA GLY G 126 -23.50 20.01 -8.95
C GLY G 126 -24.72 19.43 -8.25
N PRO G 127 -24.53 18.32 -7.53
CA PRO G 127 -25.62 17.63 -6.90
C PRO G 127 -26.05 18.26 -5.57
N SER G 128 -27.31 18.01 -5.18
CA SER G 128 -27.70 18.12 -3.79
C SER G 128 -27.60 16.73 -3.15
N VAL G 129 -27.36 16.70 -1.85
CA VAL G 129 -27.15 15.46 -1.15
C VAL G 129 -28.11 15.42 0.04
N PHE G 130 -28.98 14.42 0.10
CA PHE G 130 -29.95 14.35 1.17
C PHE G 130 -29.79 13.04 1.91
N PRO G 131 -30.03 13.05 3.21
CA PRO G 131 -29.87 11.85 3.98
C PRO G 131 -31.05 10.91 3.75
N LEU G 132 -30.78 9.61 3.82
CA LEU G 132 -31.78 8.57 3.90
C LEU G 132 -31.66 7.96 5.30
N ALA G 133 -32.62 8.27 6.14
CA ALA G 133 -32.49 8.17 7.59
C ALA G 133 -33.01 6.82 8.10
N PRO G 134 -32.21 6.16 8.93
CA PRO G 134 -32.46 4.81 9.41
C PRO G 134 -33.62 4.78 10.40
N SER G 135 -34.49 3.78 10.22
CA SER G 135 -35.72 3.43 11.01
C SER G 135 -36.95 3.45 10.09
N GLY G 142 -31.67 -6.14 15.12
CA GLY G 142 -31.54 -6.59 13.74
C GLY G 142 -30.62 -5.70 12.91
N THR G 143 -30.99 -5.48 11.66
CA THR G 143 -30.16 -4.73 10.70
C THR G 143 -30.92 -3.48 10.23
N ALA G 144 -30.23 -2.35 10.25
CA ALA G 144 -30.82 -1.10 9.81
C ALA G 144 -30.12 -0.63 8.53
N ALA G 145 -30.83 0.13 7.71
CA ALA G 145 -30.22 0.67 6.53
C ALA G 145 -30.23 2.19 6.63
N LEU G 146 -29.22 2.83 6.06
CA LEU G 146 -29.23 4.24 5.89
C LEU G 146 -28.46 4.57 4.62
N GLY G 147 -28.61 5.79 4.14
CA GLY G 147 -27.97 6.14 2.89
C GLY G 147 -28.00 7.64 2.63
N CYS G 148 -27.54 7.99 1.45
CA CYS G 148 -27.53 9.33 0.93
C CYS G 148 -28.16 9.31 -0.46
N LEU G 149 -29.02 10.26 -0.73
CA LEU G 149 -29.57 10.43 -2.05
C LEU G 149 -28.81 11.58 -2.73
N VAL G 150 -28.17 11.30 -3.85
CA VAL G 150 -27.37 12.27 -4.54
C VAL G 150 -28.11 12.71 -5.80
N LYS G 151 -28.71 13.88 -5.77
CA LYS G 151 -29.74 14.21 -6.71
C LYS G 151 -29.38 15.44 -7.57
N ASP G 152 -29.74 15.33 -8.84
CA ASP G 152 -29.72 16.42 -9.82
C ASP G 152 -28.34 16.92 -10.22
N TYR G 153 -27.55 16.07 -10.87
CA TYR G 153 -26.22 16.48 -11.28
C TYR G 153 -26.01 16.20 -12.76
N PHE G 154 -24.99 16.87 -13.31
CA PHE G 154 -24.58 16.66 -14.70
C PHE G 154 -23.14 17.16 -14.88
N PRO G 155 -22.32 16.43 -15.66
CA PRO G 155 -22.51 15.09 -16.21
C PRO G 155 -22.14 14.01 -15.18
N GLU G 156 -22.10 12.76 -15.59
CA GLU G 156 -21.43 11.72 -14.79
C GLU G 156 -19.92 12.04 -14.78
N PRO G 157 -19.16 11.51 -13.81
CA PRO G 157 -19.54 10.64 -12.69
C PRO G 157 -19.55 11.33 -11.32
N VAL G 158 -20.03 10.62 -10.33
CA VAL G 158 -20.05 11.01 -8.95
C VAL G 158 -19.38 9.89 -8.16
N THR G 159 -18.54 10.19 -7.16
CA THR G 159 -18.06 9.14 -6.26
C THR G 159 -18.71 9.32 -4.89
N VAL G 160 -18.98 8.20 -4.22
CA VAL G 160 -19.47 8.21 -2.89
C VAL G 160 -18.62 7.26 -2.05
N SER G 161 -18.33 7.68 -0.83
CA SER G 161 -17.68 6.81 0.11
C SER G 161 -18.32 7.04 1.46
N TRP G 162 -18.06 6.15 2.40
CA TRP G 162 -18.62 6.25 3.75
C TRP G 162 -17.49 6.34 4.78
N ASN G 163 -17.58 7.31 5.69
CA ASN G 163 -16.53 7.58 6.71
C ASN G 163 -15.14 7.60 6.05
N SER G 164 -15.03 8.42 5.02
CA SER G 164 -13.82 8.71 4.22
C SER G 164 -13.11 7.42 3.79
N GLY G 165 -13.84 6.33 3.59
CA GLY G 165 -13.26 5.10 3.04
C GLY G 165 -13.18 3.98 4.07
N ALA G 166 -13.36 4.31 5.35
CA ALA G 166 -13.22 3.34 6.46
C ALA G 166 -14.39 2.36 6.53
N LEU G 167 -15.53 2.72 5.94
CA LEU G 167 -16.70 1.85 5.90
C LEU G 167 -16.95 1.40 4.46
N THR G 168 -16.69 0.13 4.19
CA THR G 168 -16.86 -0.41 2.86
C THR G 168 -17.82 -1.59 2.87
N SER G 169 -17.90 -2.35 3.97
CA SER G 169 -18.74 -3.53 3.93
C SER G 169 -20.20 -3.10 4.15
N GLY G 170 -21.08 -3.67 3.34
CA GLY G 170 -22.50 -3.37 3.39
C GLY G 170 -22.90 -2.21 2.47
N VAL G 171 -21.95 -1.61 1.76
CA VAL G 171 -22.23 -0.42 0.96
C VAL G 171 -22.67 -0.83 -0.44
N HIS G 172 -23.79 -0.27 -0.87
CA HIS G 172 -24.23 -0.36 -2.24
C HIS G 172 -24.44 1.05 -2.78
N THR G 173 -23.62 1.43 -3.74
CA THR G 173 -23.78 2.70 -4.45
C THR G 173 -24.41 2.38 -5.81
N PHE G 174 -25.64 2.81 -6.04
CA PHE G 174 -26.39 2.38 -7.23
C PHE G 174 -25.90 3.11 -8.47
N PRO G 175 -26.07 2.49 -9.65
CA PRO G 175 -25.84 3.23 -10.87
C PRO G 175 -26.76 4.46 -10.95
N ALA G 176 -26.21 5.53 -11.47
CA ALA G 176 -26.97 6.71 -11.77
C ALA G 176 -28.09 6.37 -12.76
N VAL G 177 -29.28 6.91 -12.51
CA VAL G 177 -30.34 6.95 -13.49
C VAL G 177 -30.49 8.41 -13.97
N LEU G 178 -30.78 8.56 -15.25
CA LEU G 178 -31.02 9.85 -15.86
C LEU G 178 -32.50 10.18 -15.70
N GLN G 179 -32.81 11.30 -15.05
CA GLN G 179 -34.21 11.72 -14.83
C GLN G 179 -34.77 12.37 -16.10
N SER G 180 -36.08 12.58 -16.12
CA SER G 180 -36.75 13.20 -17.28
C SER G 180 -36.23 14.63 -17.45
N SER G 181 -35.74 15.25 -16.37
CA SER G 181 -35.14 16.59 -16.40
C SER G 181 -33.77 16.62 -17.13
N GLY G 182 -33.20 15.47 -17.47
CA GLY G 182 -31.88 15.42 -18.10
C GLY G 182 -30.74 15.51 -17.08
N LEU G 183 -31.07 15.38 -15.81
CA LEU G 183 -30.06 15.34 -14.75
C LEU G 183 -30.01 13.94 -14.13
N TYR G 184 -28.83 13.57 -13.64
CA TYR G 184 -28.61 12.26 -13.06
C TYR G 184 -28.95 12.31 -11.57
N SER G 185 -29.16 11.13 -11.03
CA SER G 185 -29.50 10.95 -9.64
C SER G 185 -29.09 9.54 -9.20
N LEU G 186 -28.51 9.37 -8.02
CA LEU G 186 -28.26 8.06 -7.48
C LEU G 186 -28.38 8.07 -5.97
N SER G 187 -28.52 6.87 -5.41
CA SER G 187 -28.45 6.66 -3.98
C SER G 187 -27.26 5.78 -3.63
N SER G 188 -26.73 5.99 -2.44
CA SER G 188 -25.76 5.11 -1.83
C SER G 188 -26.33 4.67 -0.50
N VAL G 189 -26.28 3.39 -0.20
CA VAL G 189 -26.82 2.89 1.05
C VAL G 189 -25.82 1.95 1.71
N VAL G 190 -26.03 1.76 3.00
CA VAL G 190 -25.26 0.87 3.77
C VAL G 190 -26.15 0.27 4.84
N THR G 191 -25.89 -0.97 5.16
CA THR G 191 -26.59 -1.65 6.26
C THR G 191 -25.63 -1.82 7.43
N VAL G 192 -26.14 -1.50 8.61
CA VAL G 192 -25.38 -1.40 9.82
C VAL G 192 -26.18 -2.06 10.94
N PRO G 193 -25.51 -2.43 12.05
CA PRO G 193 -26.24 -3.01 13.17
C PRO G 193 -27.12 -1.90 13.80
N SER G 194 -28.38 -2.23 14.12
CA SER G 194 -29.31 -1.18 14.58
C SER G 194 -28.98 -0.71 16.00
N SER G 195 -28.34 -1.60 16.76
CA SER G 195 -27.97 -1.33 18.16
C SER G 195 -26.79 -0.34 18.21
N SER G 196 -26.15 -0.10 17.05
CA SER G 196 -25.03 0.85 16.94
C SER G 196 -25.53 2.28 16.64
N LEU G 197 -26.82 2.47 16.33
CA LEU G 197 -27.29 3.80 15.94
C LEU G 197 -27.20 4.75 17.15
N GLY G 198 -26.90 6.02 16.88
CA GLY G 198 -26.76 7.01 17.96
C GLY G 198 -25.36 7.03 18.56
N THR G 199 -24.87 5.86 19.01
CA THR G 199 -23.43 5.67 19.37
C THR G 199 -22.50 5.94 18.17
N GLN G 200 -22.71 5.22 17.06
CA GLN G 200 -21.80 5.27 15.91
C GLN G 200 -22.23 6.37 14.94
N THR G 201 -21.28 6.91 14.19
CA THR G 201 -21.60 8.01 13.29
C THR G 201 -21.28 7.58 11.86
N TYR G 202 -22.11 8.07 10.96
CA TYR G 202 -22.12 7.65 9.58
C TYR G 202 -22.15 8.90 8.71
N ILE G 203 -21.11 9.07 7.90
CA ILE G 203 -20.99 10.23 7.03
C ILE G 203 -20.80 9.74 5.61
N CYS G 204 -21.55 10.29 4.66
CA CYS G 204 -21.25 9.95 3.29
C CYS G 204 -20.51 11.09 2.62
N ASN G 205 -19.50 10.75 1.83
CA ASN G 205 -18.63 11.71 1.21
C ASN G 205 -18.90 11.67 -0.28
N VAL G 206 -19.47 12.73 -0.81
CA VAL G 206 -19.83 12.76 -2.20
C VAL G 206 -18.85 13.67 -2.93
N ASN G 207 -18.39 13.25 -4.10
CA ASN G 207 -17.46 14.06 -4.87
C ASN G 207 -17.97 14.10 -6.30
N HIS G 208 -18.25 15.29 -6.82
CA HIS G 208 -18.61 15.49 -8.21
C HIS G 208 -17.59 16.43 -8.87
N LYS G 209 -16.52 15.86 -9.40
CA LYS G 209 -15.35 16.60 -9.87
C LYS G 209 -15.69 17.55 -11.02
N PRO G 210 -16.62 17.17 -11.91
CA PRO G 210 -16.93 18.12 -12.98
C PRO G 210 -17.41 19.50 -12.50
N SER G 211 -18.00 19.60 -11.32
CA SER G 211 -18.49 20.88 -10.79
C SER G 211 -17.72 21.30 -9.53
N ASN G 212 -16.61 20.61 -9.25
CA ASN G 212 -15.82 20.83 -8.02
C ASN G 212 -16.75 20.93 -6.81
N THR G 213 -17.65 19.94 -6.70
CA THR G 213 -18.53 19.77 -5.55
C THR G 213 -18.01 18.63 -4.68
N LYS G 214 -17.78 18.94 -3.43
CA LYS G 214 -17.26 17.97 -2.47
C LYS G 214 -18.12 18.15 -1.22
N VAL G 215 -18.92 17.16 -0.86
CA VAL G 215 -19.92 17.36 0.18
C VAL G 215 -19.92 16.13 1.09
N ASP G 216 -19.98 16.39 2.38
CA ASP G 216 -20.11 15.37 3.37
C ASP G 216 -21.47 15.57 3.95
N LYS G 217 -22.09 14.50 4.43
CA LYS G 217 -23.37 14.61 5.03
C LYS G 217 -23.49 13.54 6.12
N LYS G 218 -23.77 13.97 7.32
CA LYS G 218 -23.95 13.09 8.43
C LYS G 218 -25.40 12.57 8.37
N VAL G 219 -25.56 11.29 8.68
CA VAL G 219 -26.83 10.63 8.53
C VAL G 219 -27.21 10.03 9.89
N GLU G 220 -28.34 10.48 10.40
CA GLU G 220 -28.71 10.19 11.75
C GLU G 220 -30.17 9.75 11.78
N PRO G 221 -30.53 8.99 12.83
CA PRO G 221 -31.91 8.54 12.99
C PRO G 221 -32.86 9.73 13.16
N LYS G 222 -34.11 9.56 12.73
CA LYS G 222 -35.13 10.63 12.80
C LYS G 222 -34.77 11.65 11.71
N ASP H 1 -11.33 -7.23 -43.40
CA ASP H 1 -10.66 -8.43 -42.83
C ASP H 1 -11.58 -9.06 -41.75
N ILE H 2 -11.01 -9.87 -40.83
CA ILE H 2 -11.78 -10.84 -40.09
C ILE H 2 -12.37 -10.22 -38.82
N GLN H 3 -13.60 -10.63 -38.49
CA GLN H 3 -14.31 -10.24 -37.27
C GLN H 3 -14.57 -11.50 -36.42
N MET H 4 -14.65 -11.34 -35.10
CA MET H 4 -14.84 -12.47 -34.23
C MET H 4 -16.29 -12.49 -33.73
N THR H 5 -16.91 -13.64 -33.74
CA THR H 5 -18.20 -13.79 -33.11
C THR H 5 -18.04 -14.62 -31.83
N GLN H 6 -18.65 -14.11 -30.79
CA GLN H 6 -18.49 -14.68 -29.49
C GLN H 6 -19.80 -15.34 -29.06
N SER H 7 -19.69 -16.49 -28.43
CA SER H 7 -20.83 -17.19 -27.97
C SER H 7 -20.53 -17.93 -26.65
N PRO H 8 -21.50 -18.02 -25.77
CA PRO H 8 -22.85 -17.49 -25.85
C PRO H 8 -22.85 -15.99 -25.53
N SER H 9 -24.02 -15.42 -25.64
CA SER H 9 -24.15 -13.99 -25.41
C SER H 9 -24.16 -13.73 -23.90
N SER H 10 -24.83 -14.61 -23.17
CA SER H 10 -24.77 -14.56 -21.72
C SER H 10 -24.95 -15.97 -21.15
N LEU H 11 -24.53 -16.17 -19.92
CA LEU H 11 -24.74 -17.43 -19.27
C LEU H 11 -24.70 -17.24 -17.78
N SER H 12 -25.25 -18.23 -17.12
CA SER H 12 -25.36 -18.27 -15.71
C SER H 12 -24.83 -19.62 -15.19
N ALA H 13 -23.87 -19.57 -14.28
CA ALA H 13 -23.22 -20.75 -13.81
C ALA H 13 -22.89 -20.66 -12.32
N SER H 14 -22.78 -21.82 -11.67
CA SER H 14 -22.60 -21.93 -10.18
C SER H 14 -21.12 -21.91 -9.81
N VAL H 15 -20.83 -21.47 -8.59
CA VAL H 15 -19.48 -21.57 -8.03
C VAL H 15 -19.00 -23.03 -8.13
N GLY H 16 -17.80 -23.23 -8.64
CA GLY H 16 -17.21 -24.57 -8.81
C GLY H 16 -17.43 -25.15 -10.21
N ASP H 17 -18.32 -24.60 -11.00
CA ASP H 17 -18.59 -25.10 -12.34
C ASP H 17 -17.44 -24.89 -13.32
N ARG H 18 -17.43 -25.72 -14.36
CA ARG H 18 -16.52 -25.56 -15.50
C ARG H 18 -17.26 -24.85 -16.62
N VAL H 19 -16.85 -23.63 -16.93
CA VAL H 19 -17.59 -22.76 -17.86
C VAL H 19 -16.75 -22.60 -19.14
N THR H 20 -17.37 -22.71 -20.31
CA THR H 20 -16.68 -22.56 -21.57
C THR H 20 -17.34 -21.50 -22.46
N ILE H 21 -16.54 -20.60 -23.02
CA ILE H 21 -16.94 -19.50 -23.91
C ILE H 21 -16.21 -19.65 -25.25
N THR H 22 -16.82 -19.24 -26.33
CA THR H 22 -16.36 -19.50 -27.67
C THR H 22 -16.16 -18.20 -28.48
N CYS H 23 -15.21 -18.24 -29.41
CA CYS H 23 -14.86 -17.13 -30.27
C CYS H 23 -14.67 -17.73 -31.67
N ARG H 24 -15.35 -17.20 -32.66
CA ARG H 24 -15.27 -17.69 -34.02
C ARG H 24 -14.90 -16.65 -35.04
N ALA H 25 -13.94 -16.97 -35.88
CA ALA H 25 -13.56 -16.03 -36.96
C ALA H 25 -14.60 -16.08 -38.13
N SER H 26 -14.81 -14.93 -38.75
CA SER H 26 -15.75 -14.75 -39.86
C SER H 26 -15.22 -15.38 -41.17
N GLN H 27 -13.91 -15.50 -41.34
CA GLN H 27 -13.38 -16.02 -42.60
C GLN H 27 -12.85 -17.43 -42.34
N ASP H 28 -12.71 -18.21 -43.39
CA ASP H 28 -12.21 -19.57 -43.25
C ASP H 28 -10.70 -19.56 -43.06
N ILE H 29 -10.24 -20.17 -41.97
CA ILE H 29 -8.82 -20.18 -41.59
C ILE H 29 -8.47 -21.63 -41.28
N PRO H 30 -7.39 -22.14 -41.84
CA PRO H 30 -7.13 -23.57 -41.68
C PRO H 30 -6.62 -23.92 -40.27
N ARG H 31 -6.76 -25.18 -39.90
CA ARG H 31 -6.37 -25.67 -38.57
C ARG H 31 -4.86 -25.55 -38.33
N SER H 32 -4.08 -25.32 -39.38
CA SER H 32 -2.61 -25.12 -39.22
C SER H 32 -2.31 -23.75 -38.58
N ILE H 33 -3.27 -22.84 -38.60
CA ILE H 33 -3.05 -21.55 -38.00
C ILE H 33 -3.67 -21.52 -36.60
N SER H 34 -3.00 -20.87 -35.68
CA SER H 34 -3.41 -20.80 -34.28
C SER H 34 -2.82 -19.54 -33.64
N GLY H 35 -3.06 -19.37 -32.36
CA GLY H 35 -2.34 -18.39 -31.55
C GLY H 35 -2.60 -16.93 -31.92
N TYR H 36 -3.78 -16.57 -32.42
CA TYR H 36 -4.02 -15.18 -32.82
C TYR H 36 -5.15 -14.53 -31.99
N VAL H 37 -5.59 -15.16 -30.89
CA VAL H 37 -6.70 -14.63 -30.09
C VAL H 37 -6.20 -14.35 -28.67
N ALA H 38 -6.59 -13.19 -28.14
CA ALA H 38 -6.40 -12.85 -26.75
C ALA H 38 -7.77 -12.79 -26.07
N TRP H 39 -7.80 -13.05 -24.74
CA TRP H 39 -9.02 -12.99 -23.96
C TRP H 39 -8.86 -12.01 -22.81
N TYR H 40 -9.92 -11.25 -22.56
CA TYR H 40 -9.97 -10.24 -21.51
C TYR H 40 -11.17 -10.47 -20.59
N GLN H 41 -11.01 -10.02 -19.34
CA GLN H 41 -12.06 -9.99 -18.35
C GLN H 41 -12.35 -8.54 -18.02
N GLN H 42 -13.58 -8.10 -18.15
CA GLN H 42 -13.88 -6.73 -17.76
C GLN H 42 -14.96 -6.71 -16.68
N LYS H 43 -14.59 -6.26 -15.49
CA LYS H 43 -15.58 -5.96 -14.45
C LYS H 43 -16.29 -4.65 -14.81
N PRO H 44 -17.56 -4.50 -14.42
CA PRO H 44 -18.34 -3.40 -14.99
C PRO H 44 -17.72 -2.02 -14.67
N GLY H 45 -17.51 -1.22 -15.73
CA GLY H 45 -16.92 0.13 -15.62
C GLY H 45 -15.43 0.17 -15.29
N LYS H 46 -14.72 -0.95 -15.29
CA LYS H 46 -13.25 -0.99 -15.06
C LYS H 46 -12.56 -1.28 -16.39
N ALA H 47 -11.24 -1.15 -16.41
CA ALA H 47 -10.48 -1.52 -17.58
C ALA H 47 -10.43 -3.06 -17.71
N PRO H 48 -10.50 -3.58 -18.93
CA PRO H 48 -10.29 -5.00 -19.13
C PRO H 48 -8.93 -5.47 -18.60
N LYS H 49 -8.85 -6.73 -18.15
CA LYS H 49 -7.60 -7.38 -17.84
C LYS H 49 -7.33 -8.51 -18.82
N LEU H 50 -6.08 -8.65 -19.20
CA LEU H 50 -5.69 -9.69 -20.12
C LEU H 50 -5.60 -10.99 -19.32
N LEU H 51 -6.19 -12.06 -19.85
CA LEU H 51 -6.17 -13.36 -19.19
C LEU H 51 -5.27 -14.32 -19.99
N ILE H 52 -5.51 -14.38 -21.31
CA ILE H 52 -4.91 -15.38 -22.16
C ILE H 52 -4.41 -14.69 -23.42
N TYR H 53 -3.23 -15.07 -23.87
CA TYR H 53 -2.65 -14.49 -25.07
C TYR H 53 -2.15 -15.62 -25.97
N TRP H 54 -1.98 -15.28 -27.23
CA TRP H 54 -1.62 -16.23 -28.27
C TRP H 54 -2.47 -17.50 -28.18
N GLY H 55 -3.76 -17.35 -27.97
CA GLY H 55 -4.66 -18.51 -28.05
C GLY H 55 -4.72 -19.33 -26.76
N SER H 56 -3.58 -19.60 -26.11
CA SER H 56 -3.52 -20.63 -25.11
C SER H 56 -2.56 -20.32 -23.96
N TYR H 57 -1.93 -19.15 -23.93
CA TYR H 57 -0.90 -18.88 -22.91
C TYR H 57 -1.50 -18.01 -21.80
N LEU H 58 -1.23 -18.45 -20.57
CA LEU H 58 -1.76 -17.83 -19.38
C LEU H 58 -0.91 -16.60 -19.06
N TYR H 59 -1.51 -15.44 -19.03
CA TYR H 59 -0.79 -14.22 -18.74
C TYR H 59 -0.34 -14.23 -17.28
N SER H 60 0.75 -13.51 -17.04
CA SER H 60 1.41 -13.50 -15.74
C SER H 60 0.45 -12.95 -14.67
N GLY H 61 0.33 -13.69 -13.57
CA GLY H 61 -0.43 -13.22 -12.40
C GLY H 61 -1.92 -13.54 -12.47
N VAL H 62 -2.33 -14.35 -13.45
CA VAL H 62 -3.72 -14.73 -13.65
C VAL H 62 -3.92 -16.13 -13.07
N PRO H 63 -4.97 -16.30 -12.27
CA PRO H 63 -5.19 -17.60 -11.63
C PRO H 63 -5.22 -18.73 -12.67
N SER H 64 -4.78 -19.92 -12.30
CA SER H 64 -4.59 -20.97 -13.30
C SER H 64 -5.90 -21.69 -13.64
N ARG H 65 -6.98 -21.32 -12.99
CA ARG H 65 -8.30 -21.86 -13.39
C ARG H 65 -8.72 -21.31 -14.78
N PHE H 66 -8.08 -20.24 -15.26
CA PHE H 66 -8.31 -19.74 -16.62
C PHE H 66 -7.37 -20.47 -17.58
N SER H 67 -7.92 -20.95 -18.69
CA SER H 67 -7.12 -21.52 -19.78
C SER H 67 -7.82 -21.27 -21.12
N GLY H 68 -7.13 -21.51 -22.21
CA GLY H 68 -7.63 -21.21 -23.53
C GLY H 68 -7.07 -22.14 -24.56
N SER H 69 -7.81 -22.38 -25.61
CA SER H 69 -7.23 -23.10 -26.74
C SER H 69 -7.95 -22.75 -28.04
N GLY H 70 -7.38 -23.19 -29.14
CA GLY H 70 -8.06 -23.02 -30.42
C GLY H 70 -7.11 -23.13 -31.58
N SER H 71 -7.71 -23.24 -32.75
CA SER H 71 -6.99 -23.31 -33.99
C SER H 71 -8.01 -23.07 -35.12
N GLY H 72 -7.52 -22.78 -36.32
CA GLY H 72 -8.39 -22.44 -37.42
C GLY H 72 -9.25 -21.24 -37.07
N THR H 73 -10.56 -21.46 -37.09
CA THR H 73 -11.50 -20.38 -36.84
C THR H 73 -12.00 -20.41 -35.39
N ASP H 74 -11.73 -21.48 -34.63
CA ASP H 74 -12.47 -21.72 -33.38
C ASP H 74 -11.59 -21.65 -32.12
N PHE H 75 -11.94 -20.74 -31.21
CA PHE H 75 -11.18 -20.52 -30.00
C PHE H 75 -12.09 -20.64 -28.78
N THR H 76 -11.50 -21.03 -27.67
CA THR H 76 -12.24 -21.34 -26.47
C THR H 76 -11.53 -20.72 -25.26
N LEU H 77 -12.31 -20.13 -24.35
CA LEU H 77 -11.82 -19.75 -23.03
C LEU H 77 -12.52 -20.65 -22.01
N THR H 78 -11.79 -21.24 -21.07
CA THR H 78 -12.36 -22.12 -20.05
C THR H 78 -12.01 -21.59 -18.66
N ILE H 79 -12.99 -21.52 -17.79
CA ILE H 79 -12.77 -21.30 -16.38
C ILE H 79 -13.08 -22.61 -15.66
N SER H 80 -12.10 -23.22 -15.03
CA SER H 80 -12.25 -24.62 -14.61
C SER H 80 -12.97 -24.70 -13.27
N SER H 81 -12.97 -23.63 -12.49
CA SER H 81 -13.56 -23.72 -11.16
C SER H 81 -14.15 -22.38 -10.75
N LEU H 82 -15.36 -22.13 -11.22
CA LEU H 82 -15.84 -20.78 -11.28
C LEU H 82 -15.93 -20.22 -9.86
N GLN H 83 -15.44 -19.00 -9.68
CA GLN H 83 -15.45 -18.34 -8.38
C GLN H 83 -16.45 -17.16 -8.45
N PRO H 84 -16.93 -16.72 -7.29
CA PRO H 84 -17.85 -15.59 -7.23
C PRO H 84 -17.29 -14.32 -7.88
N GLU H 85 -15.99 -14.09 -7.73
CA GLU H 85 -15.29 -12.92 -8.29
C GLU H 85 -15.25 -12.97 -9.82
N ASP H 86 -15.53 -14.13 -10.42
CA ASP H 86 -15.43 -14.25 -11.87
C ASP H 86 -16.60 -13.65 -12.65
N PHE H 87 -17.59 -13.17 -11.93
CA PHE H 87 -18.62 -12.32 -12.53
C PHE H 87 -17.95 -11.18 -13.34
N ALA H 88 -18.32 -11.06 -14.60
CA ALA H 88 -17.68 -10.12 -15.53
C ALA H 88 -18.24 -10.30 -16.94
N THR H 89 -17.84 -9.41 -17.83
CA THR H 89 -18.01 -9.65 -19.26
C THR H 89 -16.65 -10.07 -19.84
N TYR H 90 -16.64 -11.13 -20.62
CA TYR H 90 -15.39 -11.66 -21.19
C TYR H 90 -15.35 -11.33 -22.69
N TYR H 91 -14.22 -10.85 -23.16
CA TYR H 91 -14.08 -10.43 -24.55
C TYR H 91 -12.93 -11.21 -25.20
N CYS H 92 -13.10 -11.69 -26.42
CA CYS H 92 -11.96 -12.06 -27.22
C CYS H 92 -11.51 -10.90 -28.13
N GLN H 93 -10.32 -11.08 -28.67
CA GLN H 93 -9.70 -10.13 -29.56
C GLN H 93 -8.86 -10.89 -30.58
N GLN H 94 -8.95 -10.55 -31.85
CA GLN H 94 -8.07 -11.16 -32.86
C GLN H 94 -6.98 -10.16 -33.24
N HIS H 95 -5.79 -10.69 -33.52
CA HIS H 95 -4.73 -9.92 -34.15
C HIS H 95 -4.14 -10.73 -35.30
N TYR H 96 -4.98 -11.53 -35.95
CA TYR H 96 -4.61 -12.22 -37.18
C TYR H 96 -4.38 -11.19 -38.29
N THR H 97 -5.32 -10.27 -38.40
CA THR H 97 -5.21 -9.10 -39.22
C THR H 97 -5.56 -7.88 -38.38
N THR H 98 -4.57 -7.09 -38.08
CA THR H 98 -4.76 -5.90 -37.33
C THR H 98 -5.17 -4.78 -38.29
N PRO H 99 -5.73 -3.70 -37.76
CA PRO H 99 -6.10 -3.38 -36.36
C PRO H 99 -6.96 -4.44 -35.65
N PRO H 100 -6.68 -4.65 -34.34
CA PRO H 100 -7.20 -5.81 -33.63
C PRO H 100 -8.62 -5.57 -33.11
N THR H 101 -9.57 -6.33 -33.65
CA THR H 101 -10.98 -6.16 -33.29
C THR H 101 -11.39 -7.08 -32.14
N PHE H 102 -12.42 -6.63 -31.42
CA PHE H 102 -12.98 -7.36 -30.29
C PHE H 102 -14.25 -8.11 -30.69
N GLY H 103 -14.52 -9.21 -30.00
CA GLY H 103 -15.83 -9.81 -30.03
C GLY H 103 -16.82 -8.97 -29.27
N GLN H 104 -18.09 -9.37 -29.24
CA GLN H 104 -19.16 -8.55 -28.63
C GLN H 104 -19.29 -8.85 -27.12
N GLY H 105 -18.57 -9.86 -26.61
CA GLY H 105 -18.58 -10.11 -25.20
C GLY H 105 -19.58 -11.20 -24.80
N THR H 106 -19.24 -11.91 -23.73
CA THR H 106 -20.11 -12.88 -23.12
C THR H 106 -20.32 -12.44 -21.67
N LYS H 107 -21.54 -12.15 -21.27
CA LYS H 107 -21.78 -11.76 -19.86
C LYS H 107 -21.90 -13.02 -18.98
N VAL H 108 -21.05 -13.18 -17.98
CA VAL H 108 -21.15 -14.32 -17.08
C VAL H 108 -21.79 -13.88 -15.76
N GLU H 109 -22.92 -14.47 -15.42
CA GLU H 109 -23.56 -14.27 -14.12
C GLU H 109 -23.34 -15.52 -13.23
N ILE H 110 -23.14 -15.31 -11.95
CA ILE H 110 -22.95 -16.39 -11.01
C ILE H 110 -24.33 -16.84 -10.51
N LYS H 111 -24.62 -18.11 -10.69
CA LYS H 111 -25.87 -18.65 -10.18
C LYS H 111 -25.67 -19.09 -8.73
N ARG H 112 -26.57 -18.66 -7.88
CA ARG H 112 -26.54 -19.03 -6.50
C ARG H 112 -27.97 -19.43 -6.07
N THR H 113 -28.09 -19.79 -4.80
CA THR H 113 -29.36 -20.10 -4.23
C THR H 113 -30.21 -18.83 -4.08
N VAL H 114 -31.49 -19.07 -4.06
CA VAL H 114 -32.48 -18.04 -3.93
C VAL H 114 -32.36 -17.36 -2.57
N ALA H 115 -32.44 -16.04 -2.60
CA ALA H 115 -32.38 -15.22 -1.38
C ALA H 115 -33.41 -14.09 -1.49
N ALA H 116 -34.31 -14.02 -0.51
CA ALA H 116 -35.30 -12.94 -0.49
C ALA H 116 -34.62 -11.60 -0.19
N PRO H 117 -35.20 -10.53 -0.72
CA PRO H 117 -34.68 -9.22 -0.39
C PRO H 117 -35.09 -8.80 1.02
N SER H 118 -34.20 -8.11 1.72
CA SER H 118 -34.59 -7.31 2.89
C SER H 118 -35.04 -5.94 2.38
N VAL H 119 -36.19 -5.46 2.84
CA VAL H 119 -36.81 -4.26 2.30
C VAL H 119 -36.81 -3.14 3.36
N PHE H 120 -36.53 -1.94 2.90
CA PHE H 120 -36.51 -0.75 3.72
C PHE H 120 -37.12 0.41 2.93
N ILE H 121 -37.87 1.27 3.61
CA ILE H 121 -38.39 2.47 2.97
C ILE H 121 -37.87 3.72 3.70
N PHE H 122 -37.62 4.76 2.95
CA PHE H 122 -37.04 6.01 3.44
C PHE H 122 -37.92 7.21 3.04
N PRO H 123 -38.47 7.94 4.01
CA PRO H 123 -39.20 9.18 3.71
C PRO H 123 -38.25 10.25 3.17
N PRO H 124 -38.77 11.25 2.46
CA PRO H 124 -37.91 12.32 2.01
C PRO H 124 -37.40 13.12 3.22
N SER H 125 -36.25 13.72 3.06
CA SER H 125 -35.63 14.54 4.11
C SER H 125 -36.34 15.89 4.21
N ASP H 126 -36.34 16.46 5.41
CA ASP H 126 -36.81 17.84 5.58
C ASP H 126 -36.05 18.83 4.71
N GLU H 127 -34.74 18.64 4.60
CA GLU H 127 -33.88 19.50 3.76
C GLU H 127 -34.43 19.51 2.31
N GLN H 128 -34.80 18.34 1.77
CA GLN H 128 -35.29 18.27 0.37
C GLN H 128 -36.68 18.95 0.25
N LEU H 129 -37.56 18.75 1.22
CA LEU H 129 -38.92 19.30 1.14
C LEU H 129 -38.87 20.83 1.02
N LYS H 130 -37.95 21.47 1.74
CA LYS H 130 -37.71 22.92 1.61
C LYS H 130 -37.60 23.35 0.14
N SER H 131 -37.05 22.52 -0.74
CA SER H 131 -36.81 22.93 -2.13
C SER H 131 -37.99 22.56 -3.04
N GLY H 132 -39.04 21.94 -2.51
CA GLY H 132 -40.26 21.73 -3.26
C GLY H 132 -40.36 20.37 -3.95
N THR H 133 -39.47 19.42 -3.66
CA THR H 133 -39.58 18.07 -4.22
C THR H 133 -39.50 17.03 -3.09
N ALA H 134 -40.18 15.90 -3.30
CA ALA H 134 -40.11 14.78 -2.36
C ALA H 134 -39.70 13.50 -3.11
N SER H 135 -38.54 12.95 -2.75
CA SER H 135 -38.09 11.66 -3.22
C SER H 135 -38.34 10.62 -2.12
N VAL H 136 -39.09 9.58 -2.43
CA VAL H 136 -39.27 8.48 -1.48
C VAL H 136 -38.50 7.29 -2.02
N VAL H 137 -37.73 6.62 -1.19
CA VAL H 137 -36.82 5.59 -1.66
C VAL H 137 -37.17 4.28 -0.99
N CYS H 138 -37.11 3.23 -1.78
CA CYS H 138 -37.31 1.87 -1.31
C CYS H 138 -36.07 1.03 -1.70
N LEU H 139 -35.52 0.34 -0.73
CA LEU H 139 -34.33 -0.45 -0.93
C LEU H 139 -34.71 -1.93 -0.82
N LEU H 140 -34.33 -2.71 -1.83
CA LEU H 140 -34.35 -4.18 -1.76
C LEU H 140 -32.90 -4.66 -1.67
N ASN H 141 -32.54 -5.31 -0.58
CA ASN H 141 -31.13 -5.54 -0.29
C ASN H 141 -30.82 -7.05 -0.33
N ASN H 142 -29.79 -7.36 -1.11
CA ASN H 142 -29.08 -8.67 -1.14
C ASN H 142 -30.05 -9.81 -1.44
N PHE H 143 -30.56 -9.80 -2.67
CA PHE H 143 -31.50 -10.82 -3.15
C PHE H 143 -30.97 -11.51 -4.41
N TYR H 144 -31.56 -12.67 -4.68
CA TYR H 144 -31.27 -13.44 -5.87
C TYR H 144 -32.47 -14.34 -6.17
N PRO H 145 -32.92 -14.39 -7.41
CA PRO H 145 -32.34 -13.81 -8.64
C PRO H 145 -32.74 -12.34 -8.84
N ARG H 146 -32.24 -11.74 -9.89
CA ARG H 146 -32.39 -10.33 -10.21
C ARG H 146 -33.75 -9.80 -10.45
N GLU H 147 -34.64 -10.67 -10.80
CA GLU H 147 -36.03 -10.34 -11.11
C GLU H 147 -36.76 -10.01 -9.80
N ALA H 148 -37.26 -8.79 -9.70
CA ALA H 148 -38.06 -8.36 -8.56
C ALA H 148 -39.07 -7.30 -9.01
N LYS H 149 -40.22 -7.25 -8.35
CA LYS H 149 -41.21 -6.23 -8.67
C LYS H 149 -41.41 -5.32 -7.46
N VAL H 150 -41.45 -4.03 -7.74
CA VAL H 150 -41.66 -3.02 -6.73
C VAL H 150 -42.85 -2.16 -7.16
N GLN H 151 -43.89 -2.14 -6.32
CA GLN H 151 -45.06 -1.29 -6.56
C GLN H 151 -45.18 -0.25 -5.44
N TRP H 152 -45.28 1.01 -5.82
CA TRP H 152 -45.55 2.09 -4.89
C TRP H 152 -47.07 2.28 -4.71
N LYS H 153 -47.52 2.29 -3.47
CA LYS H 153 -48.90 2.67 -3.11
C LYS H 153 -48.87 3.93 -2.25
N VAL H 154 -49.67 4.92 -2.65
CA VAL H 154 -49.88 6.16 -1.92
C VAL H 154 -51.36 6.22 -1.50
N ASP H 155 -51.61 6.08 -0.20
CA ASP H 155 -52.98 5.89 0.33
C ASP H 155 -53.71 4.82 -0.49
N ASN H 156 -53.04 3.72 -0.76
CA ASN H 156 -53.62 2.52 -1.38
C ASN H 156 -53.75 2.66 -2.90
N ALA H 157 -53.46 3.83 -3.46
CA ALA H 157 -53.53 4.01 -4.91
C ALA H 157 -52.19 3.62 -5.54
N LEU H 158 -52.20 2.57 -6.35
CA LEU H 158 -51.00 2.14 -7.02
C LEU H 158 -50.54 3.24 -7.98
N GLN H 159 -49.25 3.53 -7.96
CA GLN H 159 -48.66 4.63 -8.69
C GLN H 159 -48.11 4.12 -10.01
N SER H 160 -47.93 5.05 -10.96
CA SER H 160 -47.33 4.70 -12.21
C SER H 160 -46.74 5.95 -12.88
N GLY H 161 -45.60 5.79 -13.55
CA GLY H 161 -44.96 6.87 -14.32
C GLY H 161 -44.04 7.77 -13.49
N ASN H 162 -43.99 7.60 -12.17
CA ASN H 162 -43.31 8.57 -11.31
C ASN H 162 -42.23 7.89 -10.44
N SER H 163 -41.75 6.70 -10.85
CA SER H 163 -40.66 6.03 -10.16
C SER H 163 -39.60 5.53 -11.15
N GLN H 164 -38.40 5.33 -10.63
CA GLN H 164 -37.29 4.81 -11.40
C GLN H 164 -36.53 3.82 -10.52
N GLU H 165 -36.00 2.79 -11.15
CA GLU H 165 -35.24 1.76 -10.50
C GLU H 165 -33.77 1.83 -10.95
N SER H 166 -32.90 1.40 -10.05
CA SER H 166 -31.54 1.13 -10.35
C SER H 166 -31.15 -0.16 -9.64
N VAL H 167 -30.29 -0.99 -10.25
CA VAL H 167 -29.91 -2.22 -9.60
C VAL H 167 -28.38 -2.37 -9.71
N THR H 168 -27.78 -2.87 -8.65
CA THR H 168 -26.33 -3.02 -8.60
C THR H 168 -25.91 -4.21 -9.46
N GLU H 169 -24.64 -4.23 -9.77
CA GLU H 169 -24.03 -5.42 -10.34
C GLU H 169 -24.02 -6.49 -9.24
N GLN H 170 -23.95 -7.71 -9.67
CA GLN H 170 -23.82 -8.82 -8.74
C GLN H 170 -22.65 -8.55 -7.77
N ASP H 171 -22.87 -8.84 -6.50
CA ASP H 171 -21.82 -8.74 -5.52
C ASP H 171 -20.72 -9.81 -5.72
N SER H 172 -19.47 -9.40 -5.53
CA SER H 172 -18.35 -10.26 -5.86
C SER H 172 -18.12 -11.33 -4.78
N LYS H 173 -18.77 -11.24 -3.62
CA LYS H 173 -18.55 -12.27 -2.58
C LYS H 173 -19.77 -13.19 -2.50
N ASP H 174 -20.97 -12.64 -2.40
CA ASP H 174 -22.19 -13.46 -2.18
C ASP H 174 -23.13 -13.59 -3.39
N SER H 175 -22.82 -12.88 -4.49
CA SER H 175 -23.49 -13.07 -5.79
C SER H 175 -24.94 -12.57 -5.76
N THR H 176 -25.27 -11.68 -4.83
CA THR H 176 -26.63 -11.10 -4.74
C THR H 176 -26.69 -9.74 -5.43
N TYR H 177 -27.90 -9.27 -5.59
CA TYR H 177 -28.18 -7.99 -6.19
C TYR H 177 -28.84 -7.08 -5.14
N SER H 178 -28.76 -5.79 -5.33
CA SER H 178 -29.59 -4.87 -4.58
C SER H 178 -30.28 -3.92 -5.54
N LEU H 179 -31.39 -3.35 -5.11
CA LEU H 179 -32.21 -2.54 -6.01
C LEU H 179 -32.79 -1.34 -5.23
N SER H 180 -32.78 -0.18 -5.89
CA SER H 180 -33.41 1.02 -5.33
C SER H 180 -34.57 1.46 -6.21
N SER H 181 -35.71 1.77 -5.61
CA SER H 181 -36.81 2.38 -6.31
C SER H 181 -37.09 3.74 -5.68
N THR H 182 -37.13 4.76 -6.54
CA THR H 182 -37.24 6.15 -6.12
C THR H 182 -38.55 6.74 -6.65
N LEU H 183 -39.49 7.05 -5.75
CA LEU H 183 -40.77 7.70 -6.08
C LEU H 183 -40.58 9.21 -5.98
N THR H 184 -40.86 9.91 -7.06
CA THR H 184 -40.62 11.35 -7.12
C THR H 184 -41.96 12.09 -7.24
N LEU H 185 -42.29 12.89 -6.23
CA LEU H 185 -43.51 13.70 -6.13
C LEU H 185 -43.15 15.18 -5.93
N SER H 186 -44.05 16.09 -6.27
CA SER H 186 -43.90 17.49 -5.82
C SER H 186 -44.20 17.55 -4.33
N LYS H 187 -43.64 18.54 -3.64
CA LYS H 187 -43.98 18.76 -2.23
C LYS H 187 -45.51 18.93 -2.10
N ALA H 188 -46.10 19.73 -2.97
CA ALA H 188 -47.56 19.92 -2.98
C ALA H 188 -48.25 18.55 -2.89
N ASP H 189 -47.99 17.69 -3.88
CA ASP H 189 -48.60 16.35 -3.91
C ASP H 189 -48.22 15.48 -2.71
N TYR H 190 -46.98 15.57 -2.25
CA TYR H 190 -46.53 14.74 -1.13
C TYR H 190 -47.40 15.03 0.10
N GLU H 191 -47.70 16.30 0.34
CA GLU H 191 -48.40 16.73 1.60
C GLU H 191 -49.90 16.37 1.54
N LYS H 192 -50.44 16.05 0.35
CA LYS H 192 -51.86 15.68 0.18
C LYS H 192 -52.19 14.29 0.77
N HIS H 193 -51.20 13.42 0.96
CA HIS H 193 -51.49 12.03 1.27
C HIS H 193 -50.75 11.60 2.54
N LYS H 194 -51.15 10.49 3.13
CA LYS H 194 -50.59 10.09 4.45
C LYS H 194 -49.73 8.83 4.35
N VAL H 195 -50.24 7.77 3.70
CA VAL H 195 -49.56 6.47 3.76
C VAL H 195 -48.74 6.27 2.48
N TYR H 196 -47.44 6.07 2.66
CA TYR H 196 -46.53 5.77 1.58
C TYR H 196 -46.01 4.35 1.78
N ALA H 197 -46.22 3.50 0.78
CA ALA H 197 -45.91 2.11 0.91
C ALA H 197 -45.16 1.62 -0.33
N CYS H 198 -44.29 0.68 -0.04
CA CYS H 198 -43.47 -0.03 -0.99
C CYS H 198 -43.89 -1.50 -0.94
N GLU H 199 -44.33 -2.06 -2.06
CA GLU H 199 -44.73 -3.48 -2.08
C GLU H 199 -43.82 -4.31 -2.99
N VAL H 200 -43.25 -5.38 -2.45
CA VAL H 200 -42.15 -6.11 -3.11
C VAL H 200 -42.53 -7.56 -3.37
N THR H 201 -42.38 -7.99 -4.63
CA THR H 201 -42.61 -9.34 -5.03
C THR H 201 -41.30 -9.96 -5.53
N HIS H 202 -41.01 -11.16 -5.03
CA HIS H 202 -39.78 -11.86 -5.38
C HIS H 202 -39.96 -13.35 -5.09
N GLN H 203 -39.31 -14.21 -5.89
CA GLN H 203 -39.60 -15.64 -5.78
C GLN H 203 -39.12 -16.17 -4.43
N GLY H 204 -38.20 -15.47 -3.76
CA GLY H 204 -37.73 -15.87 -2.42
C GLY H 204 -38.70 -15.50 -1.32
N LEU H 205 -39.78 -14.75 -1.62
CA LEU H 205 -40.83 -14.43 -0.62
C LEU H 205 -42.08 -15.25 -0.92
N SER H 206 -42.56 -15.98 0.09
CA SER H 206 -43.82 -16.75 -0.02
C SER H 206 -44.98 -15.80 -0.36
N SER H 207 -45.02 -14.65 0.32
CA SER H 207 -46.03 -13.63 0.04
C SER H 207 -45.38 -12.25 -0.14
N PRO H 208 -45.98 -11.36 -0.93
CA PRO H 208 -45.50 -9.98 -1.06
C PRO H 208 -45.21 -9.28 0.28
N VAL H 209 -44.11 -8.53 0.35
CA VAL H 209 -43.73 -7.80 1.55
C VAL H 209 -43.98 -6.31 1.30
N THR H 210 -44.63 -5.66 2.26
CA THR H 210 -44.87 -4.23 2.20
C THR H 210 -44.11 -3.55 3.35
N LYS H 211 -43.46 -2.45 3.02
CA LYS H 211 -42.96 -1.52 4.01
C LYS H 211 -43.65 -0.18 3.78
N SER H 212 -44.04 0.48 4.87
CA SER H 212 -44.73 1.76 4.77
C SER H 212 -44.38 2.68 5.93
N PHE H 213 -44.67 3.95 5.73
CA PHE H 213 -44.64 4.92 6.79
C PHE H 213 -45.82 5.87 6.60
N ASN H 214 -46.22 6.53 7.69
CA ASN H 214 -47.21 7.60 7.67
C ASN H 214 -46.49 8.95 7.69
N ARG H 215 -46.88 9.86 6.79
CA ARG H 215 -46.19 11.15 6.67
C ARG H 215 -46.42 11.99 7.94
N GLY H 216 -45.36 12.65 8.41
CA GLY H 216 -45.42 13.47 9.61
C GLY H 216 -45.19 12.66 10.89
N GLU H 217 -44.19 11.76 10.88
CA GLU H 217 -43.95 10.81 11.98
C GLU H 217 -42.50 10.32 11.93
N GLU I 13 43.26 -32.39 -24.37
CA GLU I 13 43.66 -33.62 -25.11
C GLU I 13 43.51 -33.38 -26.63
N VAL I 14 44.43 -33.96 -27.39
CA VAL I 14 44.41 -33.87 -28.83
C VAL I 14 43.41 -34.90 -29.39
N VAL I 15 42.57 -34.46 -30.34
CA VAL I 15 41.68 -35.38 -31.06
C VAL I 15 42.51 -36.12 -32.11
N LYS I 16 42.31 -37.43 -32.17
CA LYS I 16 43.13 -38.28 -33.00
C LYS I 16 42.56 -38.36 -34.41
N PHE I 17 43.49 -38.45 -35.36
CA PHE I 17 43.18 -38.37 -36.77
C PHE I 17 41.97 -39.25 -37.13
N MET I 18 41.91 -40.51 -36.70
CA MET I 18 40.86 -41.40 -37.22
C MET I 18 39.50 -40.97 -36.63
N ASP I 19 39.49 -40.42 -35.42
CA ASP I 19 38.21 -39.90 -34.96
C ASP I 19 37.82 -38.57 -35.61
N VAL I 20 38.76 -37.67 -35.89
CA VAL I 20 38.43 -36.45 -36.65
C VAL I 20 37.80 -36.85 -38.00
N TYR I 21 38.39 -37.85 -38.64
CA TYR I 21 37.93 -38.28 -39.95
C TYR I 21 36.51 -38.84 -39.83
N GLN I 22 36.30 -39.67 -38.82
CA GLN I 22 35.05 -40.40 -38.65
C GLN I 22 33.92 -39.43 -38.24
N ARG I 23 34.21 -38.42 -37.42
CA ARG I 23 33.19 -37.48 -36.93
C ARG I 23 32.89 -36.41 -37.98
N SER I 24 33.78 -36.21 -38.95
CA SER I 24 33.60 -35.14 -39.92
C SER I 24 33.06 -35.67 -41.26
N TYR I 25 32.96 -36.98 -41.40
CA TYR I 25 32.56 -37.56 -42.69
C TYR I 25 31.07 -37.33 -42.92
N CYS I 26 30.76 -36.86 -44.13
CA CYS I 26 29.41 -36.70 -44.68
C CYS I 26 28.37 -37.51 -43.90
N HIS I 27 27.57 -36.80 -43.10
CA HIS I 27 26.47 -37.40 -42.35
C HIS I 27 25.40 -36.33 -42.06
N PRO I 28 24.22 -36.77 -41.60
CA PRO I 28 23.18 -35.83 -41.22
C PRO I 28 23.50 -35.24 -39.83
N ILE I 29 23.49 -33.92 -39.73
CA ILE I 29 23.81 -33.25 -38.46
C ILE I 29 22.77 -32.15 -38.16
N GLU I 30 22.48 -31.95 -36.87
CA GLU I 30 21.58 -30.88 -36.47
C GLU I 30 22.19 -29.55 -36.88
N THR I 31 21.43 -28.85 -37.72
CA THR I 31 21.84 -27.64 -38.39
C THR I 31 20.76 -26.58 -38.15
N LEU I 32 21.16 -25.35 -37.83
CA LEU I 32 20.21 -24.29 -37.61
C LEU I 32 20.08 -23.50 -38.90
N VAL I 33 18.94 -23.68 -39.56
CA VAL I 33 18.66 -23.14 -40.89
C VAL I 33 17.73 -21.93 -40.74
N ASP I 34 18.10 -20.85 -41.40
CA ASP I 34 17.30 -19.65 -41.41
C ASP I 34 16.03 -19.91 -42.24
N ILE I 35 14.87 -19.53 -41.72
CA ILE I 35 13.59 -19.87 -42.34
C ILE I 35 13.43 -19.08 -43.66
N PHE I 36 13.94 -17.86 -43.71
CA PHE I 36 13.87 -17.05 -44.91
C PHE I 36 14.59 -17.78 -46.06
N GLN I 37 15.60 -18.59 -45.76
CA GLN I 37 16.29 -19.38 -46.79
C GLN I 37 15.38 -20.48 -47.34
N GLU I 38 14.63 -21.16 -46.48
CA GLU I 38 13.76 -22.27 -46.91
C GLU I 38 12.47 -21.77 -47.57
N TYR I 39 12.10 -20.51 -47.33
CA TYR I 39 10.91 -19.90 -47.93
C TYR I 39 11.30 -18.52 -48.47
N PRO I 40 12.09 -18.49 -49.56
CA PRO I 40 12.62 -17.22 -50.09
C PRO I 40 11.50 -16.34 -50.67
N ASP I 41 10.36 -16.95 -50.99
CA ASP I 41 9.18 -16.27 -51.53
C ASP I 41 8.32 -15.52 -50.52
N GLU I 42 8.43 -15.86 -49.24
CA GLU I 42 7.54 -15.27 -48.24
C GLU I 42 8.23 -14.02 -47.70
N ILE I 43 8.14 -12.95 -48.46
CA ILE I 43 8.81 -11.66 -48.16
C ILE I 43 7.87 -10.75 -47.36
N GLU I 44 6.64 -11.20 -47.14
CA GLU I 44 5.67 -10.45 -46.33
C GLU I 44 6.02 -10.60 -44.84
N TYR I 45 6.57 -11.76 -44.44
CA TYR I 45 6.59 -12.19 -43.07
C TYR I 45 7.97 -12.02 -42.43
N ILE I 46 7.95 -11.71 -41.13
CA ILE I 46 9.04 -11.97 -40.18
C ILE I 46 8.73 -13.29 -39.47
N PHE I 47 9.75 -14.10 -39.20
CA PHE I 47 9.53 -15.34 -38.53
C PHE I 47 10.24 -15.31 -37.18
N LYS I 48 9.60 -15.94 -36.22
CA LYS I 48 10.08 -16.00 -34.85
C LYS I 48 9.75 -17.40 -34.33
N PRO I 49 10.77 -18.20 -34.01
CA PRO I 49 12.21 -17.95 -34.20
C PRO I 49 12.54 -17.83 -35.68
N SER I 50 13.65 -17.15 -36.00
CA SER I 50 14.00 -16.88 -37.41
C SER I 50 14.75 -18.05 -38.04
N CYS I 51 15.15 -19.03 -37.22
CA CYS I 51 15.81 -20.24 -37.71
C CYS I 51 15.29 -21.47 -36.97
N VAL I 52 15.46 -22.64 -37.57
CA VAL I 52 14.98 -23.89 -37.01
C VAL I 52 16.08 -24.95 -37.04
N PRO I 53 16.05 -25.89 -36.08
CA PRO I 53 16.93 -27.05 -36.03
C PRO I 53 16.46 -28.21 -36.92
N LEU I 54 17.19 -28.43 -38.01
CA LEU I 54 16.88 -29.48 -38.99
C LEU I 54 18.08 -30.42 -39.15
N MET I 55 17.82 -31.72 -39.30
CA MET I 55 18.87 -32.64 -39.75
C MET I 55 19.16 -32.35 -41.22
N ARG I 56 20.41 -32.07 -41.52
CA ARG I 56 20.83 -31.80 -42.85
C ARG I 56 22.20 -32.43 -43.08
N CYS I 57 22.58 -32.56 -44.33
CA CYS I 57 23.85 -33.16 -44.69
C CYS I 57 24.95 -32.12 -44.43
N GLY I 58 25.92 -32.54 -43.63
CA GLY I 58 27.12 -31.77 -43.42
C GLY I 58 28.35 -32.66 -43.44
N GLY I 59 29.51 -32.02 -43.43
CA GLY I 59 30.77 -32.72 -43.45
C GLY I 59 31.38 -32.70 -44.82
N CYS I 60 32.31 -33.61 -45.03
CA CYS I 60 33.16 -33.56 -46.20
C CYS I 60 33.35 -34.97 -46.75
N CYS I 61 33.81 -35.03 -48.00
CA CYS I 61 34.02 -36.29 -48.68
C CYS I 61 35.53 -36.46 -48.95
N ASN I 62 35.91 -37.69 -49.26
CA ASN I 62 37.31 -38.05 -49.46
C ASN I 62 37.92 -37.24 -50.60
N ASP I 63 37.26 -37.21 -51.75
CA ASP I 63 37.72 -36.46 -52.90
C ASP I 63 37.14 -35.05 -52.89
N GLU I 64 37.73 -34.15 -53.67
CA GLU I 64 37.18 -32.80 -53.86
C GLU I 64 36.25 -32.80 -55.08
N GLY I 65 36.25 -33.91 -55.82
CA GLY I 65 35.31 -34.12 -56.92
C GLY I 65 33.99 -34.68 -56.41
N LEU I 66 33.96 -35.21 -55.20
CA LEU I 66 32.71 -35.63 -54.58
C LEU I 66 32.10 -34.46 -53.81
N GLU I 67 30.78 -34.52 -53.57
CA GLU I 67 30.07 -33.60 -52.67
C GLU I 67 29.05 -34.40 -51.84
N CYS I 68 28.71 -33.84 -50.70
CA CYS I 68 27.88 -34.52 -49.72
C CYS I 68 26.41 -34.14 -49.99
N VAL I 69 25.58 -35.13 -50.34
CA VAL I 69 24.17 -34.90 -50.71
C VAL I 69 23.26 -35.93 -50.03
N PRO I 70 21.97 -35.58 -49.91
CA PRO I 70 20.98 -36.44 -49.28
C PRO I 70 20.50 -37.57 -50.20
N THR I 71 20.32 -38.75 -49.63
CA THR I 71 19.70 -39.85 -50.36
C THR I 71 18.23 -39.95 -49.94
N GLU I 72 18.02 -40.06 -48.63
CA GLU I 72 16.68 -40.22 -48.05
C GLU I 72 16.26 -38.89 -47.39
N GLU I 73 15.05 -38.44 -47.73
CA GLU I 73 14.49 -37.18 -47.23
C GLU I 73 13.16 -37.44 -46.53
N SER I 74 12.78 -36.52 -45.65
CA SER I 74 11.47 -36.53 -44.98
C SER I 74 11.11 -35.11 -44.53
N ASN I 75 9.84 -34.92 -44.15
CA ASN I 75 9.32 -33.60 -43.78
C ASN I 75 9.17 -33.55 -42.25
N ILE I 76 9.45 -32.39 -41.68
CA ILE I 76 9.08 -32.11 -40.28
C ILE I 76 8.29 -30.78 -40.24
N THR I 77 7.32 -30.74 -39.33
CA THR I 77 6.44 -29.57 -39.19
C THR I 77 6.70 -28.92 -37.83
N MET I 78 6.86 -27.60 -37.86
CA MET I 78 7.14 -26.83 -36.65
C MET I 78 6.18 -25.64 -36.57
N GLN I 79 5.84 -25.27 -35.34
CA GLN I 79 5.02 -24.07 -35.09
C GLN I 79 5.93 -22.84 -35.00
N ILE I 80 5.70 -21.89 -35.89
CA ILE I 80 6.50 -20.70 -35.97
C ILE I 80 5.59 -19.48 -35.84
N MET I 81 6.04 -18.45 -35.14
CA MET I 81 5.30 -17.21 -35.12
C MET I 81 5.56 -16.45 -36.42
N ARG I 82 4.50 -16.16 -37.17
CA ARG I 82 4.59 -15.42 -38.45
C ARG I 82 4.01 -14.01 -38.26
N ILE I 83 4.87 -13.00 -38.33
CA ILE I 83 4.47 -11.59 -38.15
C ILE I 83 4.51 -10.85 -39.48
N LYS I 84 3.41 -10.20 -39.84
CA LYS I 84 3.39 -9.23 -40.91
C LYS I 84 3.41 -7.86 -40.25
N PRO I 85 4.56 -7.20 -40.24
CA PRO I 85 4.71 -5.94 -39.48
C PRO I 85 3.58 -4.96 -39.75
N HIS I 86 2.98 -4.45 -38.66
CA HIS I 86 1.88 -3.46 -38.69
C HIS I 86 0.57 -4.08 -39.21
N GLN I 87 0.54 -5.39 -39.47
CA GLN I 87 -0.62 -6.03 -40.09
C GLN I 87 -1.09 -7.27 -39.33
N GLY I 88 -0.37 -7.78 -38.34
CA GLY I 88 -0.87 -8.86 -37.50
C GLY I 88 0.09 -10.02 -37.35
N GLN I 89 -0.25 -10.99 -36.51
CA GLN I 89 0.59 -12.13 -36.33
C GLN I 89 -0.20 -13.31 -35.80
N HIS I 90 0.34 -14.50 -36.07
CA HIS I 90 -0.23 -15.75 -35.65
C HIS I 90 0.86 -16.81 -35.52
N ILE I 91 0.48 -17.95 -34.96
CA ILE I 91 1.35 -19.09 -34.96
C ILE I 91 0.89 -20.02 -36.07
N GLY I 92 1.84 -20.46 -36.89
CA GLY I 92 1.54 -21.27 -38.05
C GLY I 92 2.43 -22.49 -38.14
N GLU I 93 1.87 -23.57 -38.64
CA GLU I 93 2.61 -24.79 -38.87
C GLU I 93 3.37 -24.65 -40.19
N MET I 94 4.69 -24.76 -40.13
CA MET I 94 5.49 -24.69 -41.33
C MET I 94 6.28 -26.00 -41.51
N SER I 95 6.46 -26.38 -42.76
CA SER I 95 7.06 -27.65 -43.08
C SER I 95 8.47 -27.43 -43.63
N PHE I 96 9.40 -28.26 -43.18
CA PHE I 96 10.79 -28.18 -43.58
C PHE I 96 11.31 -29.56 -43.99
N LEU I 97 12.20 -29.55 -44.98
CA LEU I 97 12.86 -30.77 -45.43
C LEU I 97 13.98 -31.18 -44.47
N GLN I 98 14.00 -32.47 -44.12
CA GLN I 98 15.11 -33.05 -43.36
C GLN I 98 15.83 -34.13 -44.19
N HIS I 99 17.09 -34.39 -43.81
CA HIS I 99 17.89 -35.43 -44.47
C HIS I 99 18.09 -36.59 -43.48
N ASN I 100 17.61 -37.77 -43.85
CA ASN I 100 17.66 -38.93 -42.97
C ASN I 100 18.93 -39.76 -43.27
N LYS I 101 19.39 -39.70 -44.52
CA LYS I 101 20.62 -40.39 -44.95
C LYS I 101 21.32 -39.54 -46.03
N CYS I 102 22.64 -39.46 -45.92
CA CYS I 102 23.48 -38.74 -46.87
C CYS I 102 24.47 -39.73 -47.50
N GLU I 103 25.00 -39.38 -48.67
CA GLU I 103 26.11 -40.12 -49.25
C GLU I 103 26.98 -39.15 -50.07
N CYS I 104 28.21 -39.55 -50.32
CA CYS I 104 29.10 -38.79 -51.18
C CYS I 104 28.84 -39.21 -52.63
N ARG I 105 28.46 -38.25 -53.49
CA ARG I 105 28.19 -38.51 -54.90
C ARG I 105 29.08 -37.59 -55.74
N PRO I 106 29.47 -38.05 -56.94
CA PRO I 106 30.17 -37.20 -57.91
C PRO I 106 29.42 -35.89 -58.20
N LYS I 107 30.12 -34.83 -58.52
CA LYS I 107 29.42 -33.59 -58.92
C LYS I 107 29.08 -33.67 -60.40
N GLU J 1 55.41 42.71 26.07
CA GLU J 1 54.34 41.80 25.61
C GLU J 1 53.88 42.21 24.20
N VAL J 2 53.56 41.18 23.42
CA VAL J 2 52.96 41.36 22.09
C VAL J 2 51.52 41.83 22.30
N GLN J 3 51.06 42.82 21.53
CA GLN J 3 49.79 43.50 21.84
C GLN J 3 49.24 44.22 20.59
N LEU J 4 47.92 44.34 20.49
CA LEU J 4 47.30 45.23 19.50
C LEU J 4 46.26 46.07 20.21
N VAL J 5 46.21 47.36 19.90
CA VAL J 5 45.25 48.28 20.51
C VAL J 5 44.52 49.03 19.39
N GLU J 6 43.22 48.79 19.29
CA GLU J 6 42.37 49.50 18.34
C GLU J 6 41.91 50.84 18.92
N SER J 7 41.78 51.87 18.06
CA SER J 7 41.08 53.11 18.39
C SER J 7 40.16 53.50 17.22
N GLY J 8 39.20 54.35 17.54
CA GLY J 8 38.57 55.17 16.54
C GLY J 8 37.14 54.78 16.24
N GLY J 9 36.55 53.90 17.02
CA GLY J 9 35.14 53.58 16.75
C GLY J 9 34.20 54.65 17.29
N GLY J 10 32.92 54.35 17.28
CA GLY J 10 31.92 55.23 17.79
C GLY J 10 30.72 55.29 16.88
N LEU J 11 29.86 56.28 17.13
CA LEU J 11 28.61 56.47 16.39
C LEU J 11 28.90 57.16 15.06
N VAL J 12 28.15 56.77 14.02
CA VAL J 12 28.23 57.40 12.72
C VAL J 12 26.88 57.20 12.00
N GLN J 13 26.52 58.17 11.17
CA GLN J 13 25.22 58.19 10.47
C GLN J 13 25.29 57.29 9.24
N PRO J 14 24.14 56.75 8.80
CA PRO J 14 24.14 56.04 7.52
C PRO J 14 24.79 56.90 6.42
N GLY J 15 25.56 56.26 5.53
CA GLY J 15 26.30 56.96 4.48
C GLY J 15 27.62 57.53 4.97
N GLY J 16 27.88 57.53 6.27
CA GLY J 16 29.05 58.24 6.79
C GLY J 16 30.34 57.43 6.69
N SER J 17 31.39 58.01 7.24
CA SER J 17 32.74 57.48 7.17
C SER J 17 33.36 57.42 8.57
N LEU J 18 34.30 56.49 8.75
CA LEU J 18 35.05 56.37 9.97
C LEU J 18 36.39 55.68 9.68
N ARG J 19 37.42 56.06 10.45
CA ARG J 19 38.74 55.46 10.32
C ARG J 19 39.09 54.74 11.63
N LEU J 20 39.42 53.45 11.52
CA LEU J 20 39.86 52.70 12.68
C LEU J 20 41.39 52.60 12.64
N SER J 21 42.00 52.58 13.82
CA SER J 21 43.44 52.48 13.98
C SER J 21 43.77 51.22 14.77
N CYS J 22 45.00 50.73 14.60
CA CYS J 22 45.43 49.56 15.31
C CYS J 22 46.95 49.61 15.52
N ALA J 23 47.35 49.82 16.79
CA ALA J 23 48.74 50.03 17.17
C ALA J 23 49.35 48.72 17.67
N ALA J 24 50.42 48.28 17.02
CA ALA J 24 51.14 47.06 17.41
C ALA J 24 52.30 47.39 18.36
N SER J 25 52.44 46.60 19.44
CA SER J 25 53.64 46.62 20.30
C SER J 25 54.25 45.21 20.38
N GLY J 26 55.57 45.14 20.46
CA GLY J 26 56.26 43.91 20.83
C GLY J 26 56.59 43.04 19.63
N PHE J 27 56.16 43.48 18.44
CA PHE J 27 56.52 42.83 17.20
C PHE J 27 56.45 43.88 16.09
N ASN J 28 57.09 43.56 14.97
CA ASN J 28 57.12 44.46 13.81
C ASN J 28 56.06 44.00 12.80
N ILE J 29 55.10 44.85 12.45
CA ILE J 29 54.03 44.42 11.53
C ILE J 29 54.58 44.08 10.14
N LYS J 30 55.83 44.44 9.86
CA LYS J 30 56.51 44.09 8.60
C LYS J 30 56.52 42.56 8.39
N ASP J 31 56.59 41.81 9.49
CA ASP J 31 56.71 40.34 9.45
C ASP J 31 55.37 39.61 9.43
N THR J 32 54.29 40.30 9.07
CA THR J 32 52.98 39.81 9.45
C THR J 32 51.90 40.20 8.43
N TYR J 33 50.76 39.52 8.50
CA TYR J 33 49.52 40.02 7.95
C TYR J 33 48.71 40.66 9.08
N ILE J 34 48.09 41.80 8.83
CA ILE J 34 47.15 42.38 9.77
C ILE J 34 45.75 42.25 9.17
N HIS J 35 44.81 41.81 9.99
CA HIS J 35 43.43 41.53 9.59
C HIS J 35 42.48 42.36 10.44
N TRP J 36 41.32 42.71 9.86
CA TRP J 36 40.17 43.18 10.58
C TRP J 36 39.06 42.12 10.49
N VAL J 37 38.39 41.91 11.61
CA VAL J 37 37.35 40.91 11.77
C VAL J 37 36.23 41.63 12.53
N ARG J 38 34.98 41.41 12.17
CA ARG J 38 33.93 42.08 12.91
C ARG J 38 32.87 41.09 13.41
N GLN J 39 32.12 41.55 14.39
CA GLN J 39 31.09 40.77 15.03
C GLN J 39 29.87 41.65 15.27
N ALA J 40 28.84 41.46 14.47
CA ALA J 40 27.56 42.13 14.68
C ALA J 40 26.94 41.62 16.00
N PRO J 41 26.03 42.41 16.61
CA PRO J 41 25.56 42.06 17.98
C PRO J 41 24.83 40.70 18.02
N GLY J 42 25.30 39.81 18.89
CA GLY J 42 24.78 38.42 18.98
C GLY J 42 25.06 37.55 17.76
N LYS J 43 25.94 37.92 16.84
CA LYS J 43 26.19 37.12 15.64
C LYS J 43 27.62 36.56 15.69
N GLY J 44 28.01 35.85 14.64
CA GLY J 44 29.35 35.24 14.54
C GLY J 44 30.43 36.18 14.03
N LEU J 45 31.66 35.70 14.05
CA LEU J 45 32.80 36.42 13.53
C LEU J 45 32.67 36.47 12.00
N GLU J 46 33.06 37.60 11.41
CA GLU J 46 33.10 37.77 9.95
C GLU J 46 34.42 38.43 9.57
N TRP J 47 35.25 37.72 8.81
CA TRP J 47 36.49 38.33 8.33
C TRP J 47 36.13 39.45 7.34
N VAL J 48 36.81 40.60 7.44
CA VAL J 48 36.49 41.74 6.53
C VAL J 48 37.69 42.17 5.67
N ALA J 49 38.92 42.21 6.14
CA ALA J 49 40.02 42.74 5.29
C ALA J 49 41.38 42.29 5.81
N ARG J 50 42.39 42.41 4.96
CA ARG J 50 43.76 41.99 5.30
C ARG J 50 44.77 42.80 4.50
N ILE J 51 45.89 43.12 5.15
CA ILE J 51 47.00 43.82 4.54
C ILE J 51 48.28 43.04 4.85
N TYR J 52 49.19 42.98 3.87
CA TYR J 52 50.57 42.56 4.11
C TYR J 52 51.46 43.80 4.15
N PRO J 53 51.79 44.34 5.33
CA PRO J 53 52.45 45.66 5.35
C PRO J 53 53.76 45.79 4.53
N THR J 54 54.59 44.74 4.50
CA THR J 54 55.84 44.75 3.72
C THR J 54 55.61 45.33 2.31
N ASN J 55 54.63 44.86 1.56
CA ASN J 55 54.41 45.28 0.16
C ASN J 55 53.06 45.97 -0.03
N GLY J 56 52.26 46.12 1.01
CA GLY J 56 50.97 46.83 0.93
C GLY J 56 49.88 46.09 0.19
N TYR J 57 49.99 44.77 -0.06
CA TYR J 57 48.90 43.99 -0.76
C TYR J 57 47.67 43.86 0.16
N THR J 58 46.48 44.02 -0.41
CA THR J 58 45.23 44.05 0.36
C THR J 58 44.23 43.03 -0.20
N ARG J 59 43.40 42.45 0.68
CA ARG J 59 42.21 41.67 0.27
C ARG J 59 41.01 42.08 1.14
N TYR J 60 39.80 41.93 0.61
CA TYR J 60 38.55 42.42 1.25
C TYR J 60 37.43 41.39 1.04
N ALA J 61 36.57 41.24 2.03
CA ALA J 61 35.36 40.45 1.90
C ALA J 61 34.40 41.18 0.97
N ASP J 62 33.60 40.40 0.24
CA ASP J 62 32.58 40.95 -0.67
C ASP J 62 31.62 41.93 -0.01
N SER J 63 31.32 41.73 1.26
CA SER J 63 30.33 42.55 1.92
C SER J 63 30.86 43.99 2.13
N VAL J 64 32.16 44.22 2.01
CA VAL J 64 32.71 45.57 2.26
C VAL J 64 33.59 46.06 1.10
N LYS J 65 33.82 45.23 0.09
CA LYS J 65 34.80 45.52 -0.96
C LYS J 65 34.41 46.81 -1.67
N GLY J 66 35.39 47.68 -1.90
CA GLY J 66 35.13 48.97 -2.53
C GLY J 66 34.71 50.06 -1.54
N ARG J 67 34.09 49.70 -0.41
CA ARG J 67 33.68 50.72 0.57
C ARG J 67 34.74 50.88 1.66
N PHE J 68 35.54 49.84 1.90
CA PHE J 68 36.52 49.88 2.98
C PHE J 68 37.92 49.83 2.37
N THR J 69 38.88 50.44 3.06
CA THR J 69 40.26 50.41 2.62
C THR J 69 41.17 50.15 3.81
N ILE J 70 42.03 49.14 3.69
CA ILE J 70 42.96 48.80 4.76
C ILE J 70 44.35 49.28 4.34
N SER J 71 45.11 49.79 5.30
CA SER J 71 46.48 50.26 5.03
C SER J 71 47.36 50.11 6.27
N ALA J 72 48.66 50.30 6.11
CA ALA J 72 49.60 50.12 7.21
C ALA J 72 50.80 51.08 7.05
N ASP J 73 51.20 51.71 8.15
CA ASP J 73 52.39 52.52 8.24
C ASP J 73 53.48 51.76 8.98
N THR J 74 54.46 51.22 8.26
CA THR J 74 55.49 50.36 8.86
C THR J 74 56.32 51.12 9.92
N SER J 75 56.52 52.43 9.71
CA SER J 75 57.37 53.21 10.61
C SER J 75 56.63 53.53 11.93
N LYS J 76 55.30 53.62 11.93
CA LYS J 76 54.55 53.82 13.19
C LYS J 76 54.07 52.48 13.77
N ASN J 77 54.32 51.37 13.05
CA ASN J 77 53.89 50.03 13.48
C ASN J 77 52.36 50.03 13.70
N THR J 78 51.60 50.64 12.77
CA THR J 78 50.16 50.84 12.94
C THR J 78 49.43 50.48 11.65
N ALA J 79 48.23 49.90 11.77
CA ALA J 79 47.38 49.61 10.63
C ALA J 79 46.07 50.38 10.76
N TYR J 80 45.39 50.58 9.65
CA TYR J 80 44.20 51.43 9.59
C TYR J 80 43.10 50.76 8.75
N LEU J 81 41.85 51.01 9.07
CA LEU J 81 40.73 50.61 8.20
C LEU J 81 39.83 51.82 7.98
N GLN J 82 39.85 52.33 6.75
CA GLN J 82 38.98 53.41 6.32
C GLN J 82 37.65 52.81 5.86
N MET J 83 36.58 53.18 6.54
CA MET J 83 35.25 52.66 6.26
C MET J 83 34.38 53.76 5.65
N ASN J 84 33.87 53.57 4.45
CA ASN J 84 33.02 54.58 3.79
C ASN J 84 31.65 53.98 3.48
N SER J 85 30.65 54.85 3.28
CA SER J 85 29.30 54.43 2.88
C SER J 85 28.74 53.41 3.87
N LEU J 86 28.80 53.71 5.16
CA LEU J 86 28.37 52.75 6.18
C LEU J 86 26.85 52.56 6.14
N ARG J 87 26.39 51.35 6.44
CA ARG J 87 24.97 51.03 6.58
C ARG J 87 24.73 50.33 7.93
N ALA J 88 23.46 50.16 8.29
CA ALA J 88 23.04 49.47 9.54
C ALA J 88 23.78 48.13 9.72
N GLU J 89 24.00 47.39 8.63
CA GLU J 89 24.57 46.02 8.71
C GLU J 89 26.07 46.07 9.03
N ASP J 90 26.71 47.24 9.00
CA ASP J 90 28.12 47.37 9.38
C ASP J 90 28.32 47.62 10.90
N THR J 91 27.21 47.77 11.59
CA THR J 91 27.22 47.89 13.05
C THR J 91 27.76 46.59 13.64
N ALA J 92 28.80 46.71 14.45
CA ALA J 92 29.53 45.56 14.92
C ALA J 92 30.70 46.00 15.78
N VAL J 93 31.25 45.06 16.55
CA VAL J 93 32.53 45.23 17.17
C VAL J 93 33.58 44.82 16.13
N TYR J 94 34.61 45.65 16.00
CA TYR J 94 35.63 45.50 14.99
C TYR J 94 36.92 45.15 15.71
N TYR J 95 37.52 44.05 15.28
CA TYR J 95 38.72 43.58 15.86
C TYR J 95 39.84 43.60 14.82
N CYS J 96 40.98 43.96 15.33
CA CYS J 96 42.24 43.88 14.71
C CYS J 96 42.93 42.56 15.12
N ALA J 97 43.67 41.92 14.22
CA ALA J 97 44.33 40.67 14.56
C ALA J 97 45.55 40.41 13.67
N LYS J 98 46.51 39.71 14.22
CA LYS J 98 47.78 39.48 13.59
C LYS J 98 47.90 38.00 13.21
N LEU J 99 48.50 37.76 12.07
CA LEU J 99 48.94 36.44 11.62
C LEU J 99 50.41 36.53 11.21
N GLY J 100 51.28 35.60 11.63
CA GLY J 100 52.67 35.54 11.09
C GLY J 100 52.74 34.93 9.69
N ILE J 101 53.97 34.69 9.18
CA ILE J 101 54.19 34.15 7.80
C ILE J 101 55.00 32.85 7.86
N GLY J 102 54.75 31.95 6.91
CA GLY J 102 55.49 30.70 6.82
C GLY J 102 55.24 29.78 8.01
N TYR J 103 56.27 29.51 8.80
CA TYR J 103 56.13 28.70 10.01
C TYR J 103 55.45 29.54 11.10
N TYR J 104 55.35 30.85 10.90
CA TYR J 104 54.70 31.70 11.90
C TYR J 104 53.24 31.97 11.52
N TYR J 105 52.76 31.36 10.41
CA TYR J 105 51.37 31.45 9.99
C TYR J 105 50.59 30.29 10.59
N TYR J 106 50.02 30.47 11.77
CA TYR J 106 49.28 29.36 12.39
C TYR J 106 47.88 29.80 12.85
N GLY J 107 47.65 31.08 12.97
CA GLY J 107 46.33 31.56 13.26
C GLY J 107 46.40 32.90 13.94
N MET J 108 45.24 33.49 14.14
CA MET J 108 45.17 34.78 14.76
C MET J 108 45.40 34.61 16.26
N ASP J 109 46.66 34.75 16.63
CA ASP J 109 47.09 34.53 17.99
C ASP J 109 47.18 35.80 18.77
N VAL J 110 47.08 36.95 18.11
CA VAL J 110 47.03 38.20 18.84
C VAL J 110 45.88 39.05 18.30
N TRP J 111 45.00 39.49 19.20
CA TRP J 111 43.81 40.29 18.86
C TRP J 111 43.83 41.58 19.67
N GLY J 112 43.20 42.59 19.15
CA GLY J 112 42.89 43.73 19.99
C GLY J 112 41.64 43.47 20.80
N GLN J 113 41.23 44.47 21.57
CA GLN J 113 40.16 44.33 22.55
C GLN J 113 38.80 44.49 21.88
N GLY J 114 38.76 44.99 20.64
CA GLY J 114 37.50 45.24 19.95
C GLY J 114 37.02 46.69 20.12
N THR J 115 36.48 47.27 19.06
CA THR J 115 35.95 48.64 19.11
C THR J 115 34.54 48.65 18.50
N LEU J 116 33.54 49.15 19.22
CA LEU J 116 32.16 49.16 18.71
C LEU J 116 31.95 50.30 17.70
N VAL J 117 31.46 49.96 16.51
CA VAL J 117 31.04 50.93 15.53
C VAL J 117 29.51 50.79 15.39
N THR J 118 28.81 51.90 15.59
CA THR J 118 27.36 51.91 15.56
C THR J 118 26.89 52.81 14.43
N VAL J 119 26.14 52.26 13.49
CA VAL J 119 25.65 53.03 12.35
C VAL J 119 24.18 53.31 12.58
N SER J 120 23.87 54.52 13.02
CA SER J 120 22.48 54.91 13.28
C SER J 120 22.31 56.42 13.09
N SER J 121 21.08 56.84 12.82
CA SER J 121 20.76 58.26 12.66
C SER J 121 20.38 58.90 14.00
N ALA J 122 20.00 58.10 15.01
CA ALA J 122 19.70 58.64 16.34
C ALA J 122 20.94 59.34 16.92
N SER J 123 20.74 60.14 17.97
CA SER J 123 21.85 60.96 18.51
C SER J 123 22.29 60.45 19.88
N THR J 124 23.54 60.75 20.16
CA THR J 124 24.16 60.55 21.45
C THR J 124 23.26 61.13 22.55
N LYS J 125 23.22 60.42 23.67
CA LYS J 125 22.46 60.79 24.87
C LYS J 125 23.12 60.07 26.05
N GLY J 126 23.62 60.83 27.00
CA GLY J 126 24.26 60.29 28.19
C GLY J 126 23.21 59.73 29.16
N PRO J 127 23.62 58.78 30.00
CA PRO J 127 22.69 58.13 30.91
C PRO J 127 22.38 58.94 32.17
N SER J 128 21.24 58.66 32.79
CA SER J 128 21.02 58.96 34.19
C SER J 128 21.35 57.71 35.00
N VAL J 129 21.80 57.89 36.22
CA VAL J 129 22.24 56.80 37.05
C VAL J 129 21.50 56.88 38.38
N PHE J 130 20.75 55.84 38.75
CA PHE J 130 20.00 55.85 39.98
C PHE J 130 20.43 54.67 40.84
N PRO J 131 20.45 54.86 42.16
CA PRO J 131 20.86 53.80 43.04
C PRO J 131 19.73 52.77 43.19
N LEU J 132 20.13 51.53 43.39
CA LEU J 132 19.25 50.43 43.76
C LEU J 132 19.62 50.02 45.20
N ALA J 133 18.74 50.40 46.11
CA ALA J 133 19.04 50.45 47.52
C ALA J 133 18.46 49.22 48.22
N PRO J 134 19.30 48.55 49.01
CA PRO J 134 18.95 47.35 49.78
C PRO J 134 17.96 47.66 50.91
N SER J 135 17.17 46.65 51.35
CA SER J 135 16.03 46.86 52.31
C SER J 135 15.66 45.56 53.06
N SER J 136 16.11 45.40 54.33
CA SER J 136 15.72 44.22 55.17
C SER J 136 14.50 44.59 56.03
N GLY J 142 22.17 37.77 56.06
CA GLY J 142 23.58 37.50 55.77
C GLY J 142 24.06 38.27 54.53
N THR J 143 23.27 38.22 53.48
CA THR J 143 23.66 38.80 52.18
C THR J 143 22.63 39.87 51.75
N ALA J 144 23.14 41.03 51.37
CA ALA J 144 22.34 42.09 50.82
C ALA J 144 22.75 42.33 49.37
N ALA J 145 21.82 42.82 48.58
CA ALA J 145 22.15 43.18 47.23
C ALA J 145 21.92 44.67 47.07
N LEU J 146 22.75 45.30 46.27
CA LEU J 146 22.54 46.68 45.91
C LEU J 146 23.06 46.89 44.50
N GLY J 147 22.71 48.02 43.89
CA GLY J 147 23.08 48.20 42.50
C GLY J 147 22.85 49.62 42.02
N CYS J 148 23.07 49.82 40.73
CA CYS J 148 22.83 51.05 40.03
C CYS J 148 22.01 50.75 38.78
N LEU J 149 21.02 51.56 38.52
CA LEU J 149 20.25 51.48 37.32
C LEU J 149 20.76 52.59 36.37
N VAL J 150 21.23 52.20 35.21
CA VAL J 150 21.85 53.10 34.26
C VAL J 150 20.89 53.28 33.09
N LYS J 151 20.18 54.38 33.07
CA LYS J 151 18.97 54.49 32.28
C LYS J 151 19.08 55.58 31.20
N ASP J 152 18.53 55.26 30.03
CA ASP J 152 18.29 56.19 28.91
C ASP J 152 19.55 56.71 28.23
N TYR J 153 20.30 55.84 27.57
CA TYR J 153 21.51 56.29 26.89
C TYR J 153 21.51 55.79 25.45
N PHE J 154 22.35 56.44 24.63
CA PHE J 154 22.58 56.05 23.25
C PHE J 154 23.91 56.62 22.76
N PRO J 155 24.69 55.85 21.99
CA PRO J 155 24.56 54.43 21.67
C PRO J 155 25.18 53.56 22.77
N GLU J 156 25.28 52.26 22.53
CA GLU J 156 26.18 51.42 23.34
C GLU J 156 27.62 51.88 23.07
N PRO J 157 28.57 51.54 23.96
CA PRO J 157 28.47 50.82 25.20
C PRO J 157 28.62 51.73 26.43
N VAL J 158 28.35 51.14 27.58
CA VAL J 158 28.53 51.74 28.87
C VAL J 158 29.43 50.82 29.67
N THR J 159 30.37 51.35 30.45
CA THR J 159 31.10 50.51 31.40
C THR J 159 30.65 50.83 32.83
N VAL J 160 30.59 49.81 33.67
CA VAL J 160 30.27 49.98 35.06
C VAL J 160 31.32 49.24 35.89
N SER J 161 31.75 49.88 36.94
CA SER J 161 32.63 49.24 37.87
C SER J 161 32.17 49.65 39.28
N TRP J 162 32.70 48.97 40.28
CA TRP J 162 32.34 49.24 41.66
C TRP J 162 33.61 49.60 42.44
N ASN J 163 33.54 50.68 43.22
CA ASN J 163 34.69 51.18 44.04
C ASN J 163 35.95 51.26 43.14
N SER J 164 35.81 51.93 42.01
CA SER J 164 36.83 52.19 40.98
C SER J 164 37.61 50.92 40.60
N GLY J 165 36.97 49.75 40.67
CA GLY J 165 37.60 48.50 40.21
C GLY J 165 37.99 47.58 41.36
N ALA J 166 37.97 48.08 42.58
CA ALA J 166 38.39 47.32 43.78
C ALA J 166 37.37 46.24 44.16
N LEU J 167 36.13 46.39 43.73
CA LEU J 167 35.07 45.42 44.05
C LEU J 167 34.62 44.74 42.76
N THR J 168 34.99 43.47 42.61
CA THR J 168 34.66 42.72 41.41
C THR J 168 33.89 41.44 41.76
N SER J 169 34.09 40.88 42.94
CA SER J 169 33.41 39.67 43.33
C SER J 169 31.94 39.94 43.65
N GLY J 170 31.05 39.14 43.08
CA GLY J 170 29.59 39.29 43.32
C GLY J 170 28.93 40.29 42.39
N VAL J 171 29.65 40.82 41.41
CA VAL J 171 29.11 41.87 40.54
C VAL J 171 28.47 41.20 39.32
N HIS J 172 27.24 41.60 39.03
CA HIS J 172 26.59 41.28 37.78
C HIS J 172 26.17 42.57 37.09
N THR J 173 26.77 42.87 35.97
CA THR J 173 26.35 43.98 35.10
C THR J 173 25.53 43.40 33.94
N PHE J 174 24.24 43.68 33.90
CA PHE J 174 23.34 43.03 32.93
C PHE J 174 23.55 43.60 31.53
N PRO J 175 23.28 42.79 30.50
CA PRO J 175 23.23 43.33 29.15
C PRO J 175 22.17 44.44 29.06
N ALA J 176 22.53 45.45 28.30
CA ALA J 176 21.62 46.51 27.98
C ALA J 176 20.39 45.96 27.26
N VAL J 177 19.21 46.45 27.61
CA VAL J 177 18.01 46.27 26.83
C VAL J 177 17.65 47.60 26.17
N LEU J 178 17.15 47.53 24.95
CA LEU J 178 16.72 48.70 24.20
C LEU J 178 15.25 48.97 24.54
N GLN J 179 14.94 50.15 25.05
CA GLN J 179 13.55 50.48 25.45
C GLN J 179 12.73 50.89 24.22
N SER J 180 11.41 51.01 24.41
CA SER J 180 10.50 51.43 23.34
C SER J 180 10.89 52.83 22.83
N SER J 181 11.51 53.62 23.72
CA SER J 181 11.98 54.97 23.40
C SER J 181 13.20 54.97 22.47
N GLY J 182 13.81 53.82 22.19
CA GLY J 182 15.02 53.77 21.35
C GLY J 182 16.29 54.11 22.13
N LEU J 183 16.18 54.16 23.45
CA LEU J 183 17.33 54.35 24.32
C LEU J 183 17.59 53.07 25.12
N TYR J 184 18.86 52.86 25.45
CA TYR J 184 19.29 51.66 26.16
C TYR J 184 19.18 51.92 27.66
N SER J 185 19.16 50.83 28.40
CA SER J 185 19.07 50.85 29.85
C SER J 185 19.66 49.57 30.41
N LEU J 186 20.42 49.62 31.51
CA LEU J 186 20.89 48.41 32.15
C LEU J 186 21.03 48.64 33.65
N SER J 187 21.12 47.53 34.37
CA SER J 187 21.43 47.56 35.80
C SER J 187 22.74 46.84 36.08
N SER J 188 23.45 47.30 37.11
CA SER J 188 24.60 46.61 37.64
C SER J 188 24.31 46.33 39.11
N VAL J 189 24.57 45.12 39.58
CA VAL J 189 24.30 44.81 40.97
C VAL J 189 25.50 44.08 41.57
N VAL J 190 25.55 44.10 42.89
CA VAL J 190 26.55 43.41 43.62
C VAL J 190 25.91 42.93 44.93
N THR J 191 26.37 41.77 45.40
CA THR J 191 25.96 41.25 46.69
C THR J 191 27.13 41.37 47.67
N VAL J 192 26.79 41.85 48.86
CA VAL J 192 27.76 42.18 49.90
C VAL J 192 27.20 41.67 51.22
N PRO J 193 28.05 41.54 52.26
CA PRO J 193 27.55 41.17 53.58
C PRO J 193 26.67 42.30 54.13
N SER J 194 25.53 41.96 54.73
CA SER J 194 24.58 42.95 55.28
C SER J 194 25.17 43.68 56.49
N SER J 195 26.10 43.03 57.19
CA SER J 195 26.76 43.60 58.36
C SER J 195 27.72 44.73 57.96
N SER J 196 28.03 44.84 56.65
CA SER J 196 28.90 45.88 56.11
C SER J 196 28.08 47.12 55.69
N LEU J 197 26.75 47.06 55.67
CA LEU J 197 25.96 48.22 55.23
C LEU J 197 26.13 49.37 56.25
N GLY J 198 26.15 50.60 55.75
CA GLY J 198 26.43 51.78 56.62
C GLY J 198 27.93 52.02 56.85
N THR J 199 28.58 51.01 57.43
CA THR J 199 30.03 50.93 57.70
C THR J 199 30.87 51.09 56.42
N GLN J 200 30.68 50.20 55.46
CA GLN J 200 31.38 50.25 54.17
C GLN J 200 30.58 51.13 53.19
N THR J 201 31.25 51.66 52.18
CA THR J 201 30.58 52.48 51.20
C THR J 201 30.79 51.84 49.81
N TYR J 202 29.76 52.01 48.99
CA TYR J 202 29.64 51.34 47.73
C TYR J 202 29.33 52.37 46.66
N ILE J 203 30.22 52.47 45.70
CA ILE J 203 30.12 53.50 44.67
C ILE J 203 30.13 52.80 43.31
N CYS J 204 29.19 53.13 42.46
CA CYS J 204 29.27 52.57 41.13
C CYS J 204 29.76 53.67 40.18
N ASN J 205 30.68 53.27 39.29
CA ASN J 205 31.32 54.19 38.38
C ASN J 205 30.82 53.85 36.99
N VAL J 206 30.06 54.77 36.42
CA VAL J 206 29.49 54.55 35.12
C VAL J 206 30.24 55.43 34.13
N ASN J 207 30.59 54.87 32.98
CA ASN J 207 31.38 55.60 32.01
C ASN J 207 30.72 55.37 30.65
N HIS J 208 30.26 56.47 30.05
CA HIS J 208 29.65 56.43 28.73
C HIS J 208 30.46 57.33 27.79
N LYS J 209 31.49 56.78 27.16
CA LYS J 209 32.48 57.56 26.42
C LYS J 209 31.87 58.26 25.22
N PRO J 210 30.86 57.67 24.56
CA PRO J 210 30.27 58.42 23.44
C PRO J 210 29.75 59.82 23.81
N SER J 211 29.36 60.06 25.06
CA SER J 211 28.83 61.37 25.47
C SER J 211 29.76 62.02 26.50
N ASN J 212 30.98 61.50 26.67
CA ASN J 212 31.91 61.93 27.71
C ASN J 212 31.17 62.15 29.04
N THR J 213 30.43 61.12 29.43
CA THR J 213 29.76 61.06 30.73
C THR J 213 30.57 60.11 31.63
N LYS J 214 30.98 60.63 32.77
CA LYS J 214 31.54 59.84 33.82
C LYS J 214 30.74 60.18 35.09
N VAL J 215 30.06 59.20 35.65
CA VAL J 215 29.23 59.46 36.81
C VAL J 215 29.50 58.39 37.87
N ASP J 216 29.66 58.89 39.09
CA ASP J 216 29.84 58.05 40.25
C ASP J 216 28.58 58.24 41.02
N LYS J 217 28.18 57.21 41.75
CA LYS J 217 26.96 57.27 42.50
C LYS J 217 27.13 56.38 43.74
N LYS J 218 26.91 56.98 44.90
CA LYS J 218 26.98 56.29 46.14
C LYS J 218 25.65 55.61 46.36
N VAL J 219 25.70 54.40 46.89
CA VAL J 219 24.53 53.58 47.08
C VAL J 219 24.48 53.16 48.53
N GLU J 220 23.44 53.59 49.23
CA GLU J 220 23.31 53.20 50.61
C GLU J 220 21.84 52.90 50.90
N PRO J 221 21.60 52.11 51.96
CA PRO J 221 20.24 51.72 52.34
C PRO J 221 19.38 52.97 52.67
N LYS J 222 18.09 52.88 52.38
CA LYS J 222 17.07 53.86 52.83
C LYS J 222 17.29 55.19 52.10
N ASP K 1 37.74 29.42 -2.51
CA ASP K 1 36.62 30.09 -1.78
C ASP K 1 35.72 29.07 -1.00
N ILE K 2 36.30 28.50 0.05
CA ILE K 2 35.61 27.50 0.88
C ILE K 2 34.80 28.22 1.96
N GLN K 3 33.64 27.64 2.28
CA GLN K 3 32.94 27.87 3.56
C GLN K 3 33.12 26.65 4.48
N MET K 4 33.21 26.93 5.78
CA MET K 4 33.16 25.88 6.77
C MET K 4 31.76 25.80 7.37
N THR K 5 31.21 24.61 7.48
CA THR K 5 29.95 24.45 8.18
C THR K 5 30.23 23.72 9.52
N GLN K 6 29.80 24.38 10.59
CA GLN K 6 30.22 24.03 11.91
C GLN K 6 29.01 23.48 12.64
N SER K 7 29.24 22.49 13.47
CA SER K 7 28.15 21.81 14.12
C SER K 7 28.63 21.23 15.46
N PRO K 8 27.75 21.19 16.46
CA PRO K 8 26.39 21.67 16.48
C PRO K 8 26.36 23.19 16.67
N SER K 9 25.18 23.74 16.62
CA SER K 9 25.03 25.16 16.76
C SER K 9 25.09 25.52 18.26
N SER K 10 24.51 24.68 19.10
CA SER K 10 24.76 24.80 20.54
C SER K 10 24.68 23.42 21.20
N LEU K 11 25.22 23.30 22.40
CA LEU K 11 25.10 22.08 23.16
C LEU K 11 25.28 22.40 24.64
N SER K 12 24.83 21.44 25.43
CA SER K 12 24.88 21.46 26.86
C SER K 12 25.54 20.18 27.33
N ALA K 13 26.47 20.34 28.25
CA ALA K 13 27.26 19.20 28.70
C ALA K 13 27.69 19.46 30.13
N SER K 14 27.93 18.37 30.87
CA SER K 14 28.30 18.40 32.32
C SER K 14 29.81 18.55 32.49
N VAL K 15 30.21 19.11 33.64
CA VAL K 15 31.63 19.14 34.02
C VAL K 15 32.20 17.72 33.97
N GLY K 16 33.35 17.54 33.31
CA GLY K 16 33.98 16.22 33.16
C GLY K 16 33.64 15.52 31.86
N ASP K 17 32.63 15.98 31.15
CA ASP K 17 32.22 15.31 29.89
C ASP K 17 33.20 15.60 28.78
N ARG K 18 33.12 14.79 27.73
CA ARG K 18 33.77 14.96 26.46
C ARG K 18 32.84 15.74 25.51
N VAL K 19 33.28 16.91 25.10
CA VAL K 19 32.56 17.73 24.12
C VAL K 19 33.25 17.64 22.76
N THR K 20 32.47 17.44 21.72
CA THR K 20 33.01 17.29 20.38
C THR K 20 32.29 18.26 19.44
N ILE K 21 33.08 19.08 18.77
CA ILE K 21 32.60 20.11 17.86
C ILE K 21 33.18 19.87 16.47
N THR K 22 32.41 20.09 15.44
CA THR K 22 32.75 19.60 14.10
C THR K 22 32.76 20.74 13.07
N CYS K 23 33.62 20.64 12.08
CA CYS K 23 33.77 21.68 11.06
C CYS K 23 33.93 20.94 9.72
N ARG K 24 33.05 21.22 8.74
CA ARG K 24 33.12 20.56 7.42
C ARG K 24 33.36 21.61 6.30
N ALA K 25 34.34 21.36 5.44
CA ALA K 25 34.59 22.20 4.24
C ALA K 25 33.53 21.95 3.15
N SER K 26 33.18 23.03 2.44
CA SER K 26 32.17 23.03 1.38
C SER K 26 32.66 22.34 0.11
N GLN K 27 33.97 22.30 -0.12
CA GLN K 27 34.56 21.83 -1.35
C GLN K 27 35.14 20.45 -1.09
N ASP K 28 35.25 19.63 -2.12
CA ASP K 28 35.73 18.26 -1.90
C ASP K 28 37.27 18.30 -1.80
N ILE K 29 37.82 17.80 -0.70
CA ILE K 29 39.25 17.89 -0.41
C ILE K 29 39.69 16.49 0.02
N PRO K 30 40.75 15.97 -0.60
CA PRO K 30 41.09 14.58 -0.30
C PRO K 30 41.74 14.40 1.08
N ARG K 31 41.68 13.18 1.60
CA ARG K 31 42.17 12.84 2.93
C ARG K 31 43.69 13.03 3.05
N SER K 32 44.39 13.20 1.93
CA SER K 32 45.83 13.47 1.93
C SER K 32 46.12 14.89 2.46
N ILE K 33 45.13 15.77 2.43
CA ILE K 33 45.35 17.13 2.86
C ILE K 33 44.81 17.28 4.29
N SER K 34 45.52 18.05 5.09
CA SER K 34 45.17 18.28 6.48
C SER K 34 45.74 19.63 6.94
N GLY K 35 45.60 19.93 8.22
CA GLY K 35 46.36 21.01 8.83
C GLY K 35 45.96 22.40 8.36
N TYR K 36 44.72 22.64 7.95
CA TYR K 36 44.36 23.97 7.45
C TYR K 36 43.25 24.61 8.31
N VAL K 37 42.92 24.04 9.48
CA VAL K 37 41.85 24.61 10.33
C VAL K 37 42.44 25.06 11.67
N ALA K 38 42.02 26.23 12.13
CA ALA K 38 42.30 26.75 13.43
C ALA K 38 41.01 26.82 14.24
N TRP K 39 41.12 26.72 15.57
CA TRP K 39 39.96 26.78 16.46
C TRP K 39 40.17 27.89 17.49
N TYR K 40 39.09 28.63 17.75
CA TYR K 40 39.11 29.75 18.68
C TYR K 40 38.01 29.61 19.72
N GLN K 41 38.29 30.16 20.90
CA GLN K 41 37.36 30.23 22.01
C GLN K 41 37.03 31.70 22.26
N GLN K 42 35.78 32.07 22.23
CA GLN K 42 35.43 33.44 22.54
C GLN K 42 34.49 33.49 23.75
N LYS K 43 34.99 34.06 24.84
CA LYS K 43 34.11 34.33 26.00
C LYS K 43 33.33 35.61 25.67
N PRO K 44 32.14 35.73 26.22
CA PRO K 44 31.25 36.83 25.75
C PRO K 44 31.89 38.21 25.97
N GLY K 45 31.91 39.00 24.90
CA GLY K 45 32.44 40.37 24.91
C GLY K 45 33.97 40.45 24.99
N LYS K 46 34.69 39.33 24.81
CA LYS K 46 36.15 39.34 24.77
C LYS K 46 36.58 39.04 23.34
N ALA K 47 37.86 39.21 23.07
CA ALA K 47 38.42 38.77 21.80
C ALA K 47 38.54 37.25 21.80
N PRO K 48 38.33 36.62 20.66
CA PRO K 48 38.62 35.18 20.56
C PRO K 48 40.07 34.85 20.89
N LYS K 49 40.32 33.67 21.45
CA LYS K 49 41.67 33.17 21.71
C LYS K 49 41.90 31.91 20.87
N LEU K 50 43.12 31.77 20.38
CA LEU K 50 43.48 30.63 19.58
C LEU K 50 43.69 29.45 20.51
N LEU K 51 43.12 28.31 20.15
CA LEU K 51 43.28 27.07 20.91
C LEU K 51 44.17 26.10 20.14
N ILE K 52 43.82 25.89 18.87
CA ILE K 52 44.38 24.83 18.06
C ILE K 52 44.72 25.43 16.70
N TYR K 53 45.88 25.07 16.18
CA TYR K 53 46.31 25.52 14.88
C TYR K 53 46.81 24.33 14.08
N TRP K 54 46.86 24.53 12.77
CA TRP K 54 47.18 23.50 11.82
C TRP K 54 46.43 22.20 12.12
N GLY K 55 45.15 22.30 12.42
CA GLY K 55 44.29 21.12 12.54
C GLY K 55 44.39 20.43 13.89
N SER K 56 45.60 20.26 14.43
CA SER K 56 45.78 19.35 15.54
C SER K 56 46.81 19.85 16.57
N TYR K 57 47.39 21.04 16.41
CA TYR K 57 48.48 21.47 17.29
C TYR K 57 47.97 22.44 18.36
N LEU K 58 48.35 22.15 19.58
CA LEU K 58 47.89 22.85 20.75
C LEU K 58 48.72 24.14 20.91
N TYR K 59 48.05 25.27 20.90
CA TYR K 59 48.72 26.54 21.01
C TYR K 59 49.30 26.69 22.43
N SER K 60 50.34 27.50 22.53
CA SER K 60 51.07 27.75 23.77
C SER K 60 50.13 28.27 24.86
N GLY K 61 50.17 27.63 26.03
CA GLY K 61 49.49 28.12 27.22
C GLY K 61 48.04 27.68 27.30
N VAL K 62 47.62 26.76 26.42
CA VAL K 62 46.25 26.28 26.36
C VAL K 62 46.21 24.92 27.05
N PRO K 63 45.26 24.73 27.96
CA PRO K 63 45.23 23.47 28.70
C PRO K 63 45.14 22.27 27.75
N SER K 64 45.70 21.14 28.13
CA SER K 64 45.86 20.04 27.19
C SER K 64 44.57 19.20 27.07
N ARG K 65 43.53 19.55 27.80
CA ARG K 65 42.21 18.91 27.57
C ARG K 65 41.63 19.33 26.21
N PHE K 66 42.14 20.40 25.58
CA PHE K 66 41.78 20.77 24.21
C PHE K 66 42.67 19.99 23.24
N SER K 67 42.04 19.39 22.24
CA SER K 67 42.78 18.77 21.14
C SER K 67 41.95 18.89 19.86
N GLY K 68 42.58 18.57 18.75
CA GLY K 68 41.88 18.65 17.48
C GLY K 68 42.42 17.65 16.51
N SER K 69 41.59 17.26 15.55
CA SER K 69 42.12 16.48 14.44
C SER K 69 41.25 16.65 13.20
N GLY K 70 41.72 16.12 12.08
CA GLY K 70 40.98 16.19 10.87
C GLY K 70 41.83 16.01 9.64
N SER K 71 41.15 15.77 8.54
CA SER K 71 41.75 15.58 7.26
C SER K 71 40.65 15.68 6.19
N GLY K 72 41.04 15.88 4.95
CA GLY K 72 40.06 16.06 3.89
C GLY K 72 39.18 17.25 4.20
N THR K 73 37.88 16.99 4.30
CA THR K 73 36.91 18.04 4.54
C THR K 73 36.54 18.12 6.03
N ASP K 74 36.93 17.16 6.86
CA ASP K 74 36.29 16.98 8.21
C ASP K 74 37.25 17.22 9.37
N PHE K 75 36.92 18.17 10.23
CA PHE K 75 37.77 18.56 11.34
C PHE K 75 36.98 18.53 12.64
N THR K 76 37.68 18.26 13.73
CA THR K 76 37.05 18.07 15.00
C THR K 76 37.85 18.83 16.06
N LEU K 77 37.15 19.50 16.97
CA LEU K 77 37.71 20.01 18.21
C LEU K 77 37.15 19.20 19.38
N THR K 78 38.00 18.71 20.25
CA THR K 78 37.55 17.93 21.42
C THR K 78 38.01 18.62 22.71
N ILE K 79 37.10 18.76 23.64
CA ILE K 79 37.42 19.11 24.99
C ILE K 79 37.22 17.84 25.85
N SER K 80 38.30 17.29 26.40
CA SER K 80 38.23 15.93 26.90
C SER K 80 37.64 15.90 28.31
N SER K 81 37.70 17.01 29.04
CA SER K 81 37.23 17.02 30.41
C SER K 81 36.64 18.39 30.76
N LEU K 82 35.38 18.59 30.37
CA LEU K 82 34.82 19.90 30.31
C LEU K 82 34.88 20.57 31.69
N GLN K 83 35.35 21.81 31.70
CA GLN K 83 35.43 22.60 32.92
C GLN K 83 34.44 23.75 32.85
N PRO K 84 34.07 24.30 34.00
CA PRO K 84 33.12 25.41 34.05
C PRO K 84 33.57 26.63 33.24
N GLU K 85 34.88 26.88 33.24
CA GLU K 85 35.48 28.02 32.53
C GLU K 85 35.40 27.82 31.02
N ASP K 86 35.12 26.60 30.55
CA ASP K 86 35.01 26.35 29.14
C ASP K 86 33.70 26.84 28.49
N PHE K 87 32.79 27.39 29.29
CA PHE K 87 31.67 28.10 28.74
C PHE K 87 32.17 29.19 27.79
N ALA K 88 31.67 29.16 26.55
CA ALA K 88 32.15 30.04 25.51
C ALA K 88 31.47 29.67 24.18
N THR K 89 31.70 30.49 23.17
CA THR K 89 31.39 30.15 21.81
C THR K 89 32.69 29.76 21.10
N TYR K 90 32.69 28.63 20.40
CA TYR K 90 33.89 28.12 19.74
C TYR K 90 33.73 28.29 18.22
N TYR K 91 34.78 28.72 17.55
CA TYR K 91 34.75 29.00 16.11
C TYR K 91 35.87 28.22 15.42
N CYS K 92 35.58 27.59 14.29
CA CYS K 92 36.68 27.18 13.42
C CYS K 92 36.98 28.26 12.36
N GLN K 93 38.13 28.10 11.73
CA GLN K 93 38.60 28.95 10.67
C GLN K 93 39.42 28.12 9.68
N GLN K 94 39.18 28.29 8.38
CA GLN K 94 40.03 27.66 7.38
C GLN K 94 40.98 28.70 6.79
N HIS K 95 42.20 28.26 6.50
CA HIS K 95 43.15 29.05 5.73
C HIS K 95 43.73 28.18 4.61
N TYR K 96 42.95 27.25 4.11
CA TYR K 96 43.30 26.48 2.92
C TYR K 96 43.37 27.42 1.71
N THR K 97 42.35 28.24 1.61
CA THR K 97 42.25 29.29 0.63
C THR K 97 41.92 30.61 1.33
N THR K 98 42.41 31.70 0.79
CA THR K 98 42.02 33.01 1.24
C THR K 98 40.88 33.51 0.35
N PRO K 99 40.02 34.39 0.87
CA PRO K 99 39.97 34.90 2.29
C PRO K 99 39.71 33.78 3.32
N PRO K 100 40.29 33.90 4.52
CA PRO K 100 40.13 32.86 5.54
C PRO K 100 38.80 33.02 6.32
N THR K 101 37.88 32.10 6.11
CA THR K 101 36.53 32.19 6.60
C THR K 101 36.38 31.42 7.93
N PHE K 102 35.40 31.89 8.70
CA PHE K 102 35.03 31.31 9.98
C PHE K 102 33.80 30.41 9.80
N GLY K 103 33.68 29.41 10.65
CA GLY K 103 32.41 28.74 10.86
C GLY K 103 31.47 29.66 11.64
N GLN K 104 30.23 29.21 11.83
CA GLN K 104 29.16 30.02 12.42
C GLN K 104 29.19 29.93 13.96
N GLY K 105 29.99 29.03 14.52
CA GLY K 105 30.19 29.00 15.94
C GLY K 105 29.30 27.96 16.64
N THR K 106 29.80 27.45 17.73
CA THR K 106 29.12 26.49 18.56
C THR K 106 29.05 27.04 19.97
N LYS K 107 27.88 27.33 20.50
CA LYS K 107 27.77 27.81 21.87
C LYS K 107 27.80 26.61 22.85
N VAL K 108 28.74 26.56 23.76
CA VAL K 108 28.79 25.48 24.76
C VAL K 108 28.24 25.99 26.10
N GLU K 109 27.17 25.39 26.58
CA GLU K 109 26.63 25.68 27.90
C GLU K 109 27.03 24.55 28.88
N ILE K 110 27.35 24.93 30.10
CA ILE K 110 27.73 23.93 31.09
C ILE K 110 26.47 23.49 31.83
N LYS K 111 26.18 22.21 31.80
CA LYS K 111 25.05 21.71 32.55
C LYS K 111 25.48 21.39 33.97
N ARG K 112 24.80 21.95 34.94
CA ARG K 112 25.21 21.83 36.32
C ARG K 112 23.98 21.43 37.13
N THR K 113 24.16 21.27 38.43
CA THR K 113 23.04 20.96 39.30
C THR K 113 22.10 22.16 39.41
N VAL K 114 20.86 21.85 39.71
CA VAL K 114 19.83 22.81 39.86
C VAL K 114 20.12 23.68 41.09
N ALA K 115 19.93 24.97 40.92
CA ALA K 115 20.10 25.95 41.98
C ALA K 115 18.98 26.98 41.94
N ALA K 116 18.29 27.15 43.04
CA ALA K 116 17.22 28.15 43.11
C ALA K 116 17.84 29.56 43.15
N PRO K 117 17.09 30.52 42.63
CA PRO K 117 17.54 31.88 42.67
C PRO K 117 17.36 32.47 44.07
N SER K 118 18.28 33.33 44.47
CA SER K 118 18.05 34.26 45.59
C SER K 118 17.39 35.52 45.03
N VAL K 119 16.32 36.00 45.65
CA VAL K 119 15.50 37.06 45.06
C VAL K 119 15.57 38.33 45.93
N PHE K 120 15.63 39.47 45.26
CA PHE K 120 15.71 40.78 45.88
C PHE K 120 14.89 41.79 45.08
N ILE K 121 14.25 42.74 45.75
CA ILE K 121 13.47 43.76 45.07
C ILE K 121 13.98 45.13 45.51
N PHE K 122 13.95 46.08 44.57
CA PHE K 122 14.43 47.41 44.78
C PHE K 122 13.36 48.44 44.39
N PRO K 123 12.92 49.28 45.35
CA PRO K 123 12.02 50.39 45.00
C PRO K 123 12.74 51.43 44.14
N PRO K 124 11.99 52.25 43.43
CA PRO K 124 12.62 53.32 42.67
C PRO K 124 13.27 54.33 43.62
N SER K 125 14.32 54.99 43.15
CA SER K 125 15.01 56.00 43.93
C SER K 125 14.18 57.29 43.98
N ASP K 126 14.31 58.03 45.06
CA ASP K 126 13.70 59.37 45.14
C ASP K 126 14.24 60.28 44.04
N GLU K 127 15.52 60.18 43.75
CA GLU K 127 16.14 61.00 42.68
CA GLU K 127 16.11 61.04 42.70
C GLU K 127 15.39 60.76 41.36
N GLN K 128 15.08 59.49 41.03
CA GLN K 128 14.37 59.17 39.77
C GLN K 128 12.93 59.70 39.79
N LEU K 129 12.24 59.58 40.93
CA LEU K 129 10.82 60.00 41.00
C LEU K 129 10.70 61.49 40.65
N LYS K 130 11.64 62.31 41.13
CA LYS K 130 11.70 63.73 40.78
C LYS K 130 11.54 63.95 39.26
N SER K 131 12.03 63.05 38.42
CA SER K 131 12.02 63.27 36.96
C SER K 131 10.76 62.67 36.31
N GLY K 132 9.89 62.03 37.08
CA GLY K 132 8.58 61.64 36.56
C GLY K 132 8.49 60.19 36.09
N THR K 133 9.49 59.36 36.37
CA THR K 133 9.42 57.92 36.04
C THR K 133 9.77 57.09 37.29
N ALA K 134 9.18 55.90 37.38
CA ALA K 134 9.51 54.97 38.46
C ALA K 134 9.91 53.60 37.88
N SER K 135 11.16 53.21 38.10
CA SER K 135 11.63 51.88 37.73
C SER K 135 11.69 51.00 38.98
N VAL K 136 10.99 49.87 38.98
CA VAL K 136 11.12 48.92 40.07
C VAL K 136 11.90 47.70 39.55
N VAL K 137 12.87 47.24 40.32
CA VAL K 137 13.77 46.21 39.81
C VAL K 137 13.69 44.99 40.74
N CYS K 138 13.75 43.83 40.11
CA CYS K 138 13.77 42.56 40.79
C CYS K 138 14.97 41.75 40.30
N LEU K 139 15.77 41.26 41.24
CA LEU K 139 16.96 40.55 40.91
C LEU K 139 16.78 39.08 41.31
N LEU K 140 17.05 38.17 40.37
CA LEU K 140 17.17 36.75 40.63
C LEU K 140 18.65 36.39 40.50
N ASN K 141 19.25 35.89 41.56
CA ASN K 141 20.70 35.81 41.62
C ASN K 141 21.15 34.34 41.71
N ASN K 142 22.06 34.00 40.80
CA ASN K 142 22.86 32.75 40.81
C ASN K 142 21.98 31.49 40.85
N PHE K 143 21.27 31.27 39.76
CA PHE K 143 20.37 30.14 39.60
C PHE K 143 20.72 29.31 38.34
N TYR K 144 20.17 28.09 38.32
CA TYR K 144 20.33 27.18 37.20
C TYR K 144 19.18 26.18 37.23
N PRO K 145 18.51 25.94 36.09
CA PRO K 145 18.82 26.44 34.72
C PRO K 145 18.29 27.84 34.47
N ARG K 146 18.51 28.33 33.25
CA ARG K 146 18.25 29.71 32.83
C ARG K 146 16.75 30.05 32.87
N GLU K 147 15.91 29.04 32.71
CA GLU K 147 14.48 29.22 32.60
C GLU K 147 13.91 29.65 33.94
N ALA K 148 13.29 30.83 33.96
CA ALA K 148 12.66 31.36 35.16
C ALA K 148 11.50 32.26 34.77
N LYS K 149 10.47 32.33 35.59
CA LYS K 149 9.35 33.21 35.29
C LYS K 149 9.17 34.23 36.42
N VAL K 150 8.98 35.48 36.02
CA VAL K 150 8.90 36.59 36.95
C VAL K 150 7.61 37.35 36.70
N GLN K 151 6.74 37.40 37.72
CA GLN K 151 5.46 38.10 37.61
C GLN K 151 5.43 39.27 38.59
N TRP K 152 5.17 40.45 38.04
CA TRP K 152 4.98 41.65 38.82
C TRP K 152 3.50 41.77 39.26
N LYS K 153 3.30 41.98 40.55
CA LYS K 153 1.97 42.34 41.08
C LYS K 153 2.06 43.73 41.73
N VAL K 154 1.10 44.58 41.36
CA VAL K 154 0.90 45.89 41.94
C VAL K 154 -0.47 45.90 42.62
N ASP K 155 -0.47 45.95 43.96
CA ASP K 155 -1.64 45.77 44.81
C ASP K 155 -2.17 44.34 44.76
N ASN K 156 -2.40 43.86 43.57
CA ASN K 156 -2.59 42.45 43.23
C ASN K 156 -2.90 42.32 41.73
N ALA K 157 -3.06 43.44 41.02
CA ALA K 157 -3.09 43.42 39.57
C ALA K 157 -1.77 42.81 39.03
N LEU K 158 -1.86 41.64 38.42
CA LEU K 158 -0.75 41.12 37.63
C LEU K 158 -0.50 42.09 36.47
N GLN K 159 0.77 42.41 36.24
CA GLN K 159 1.16 43.43 35.27
C GLN K 159 1.49 42.79 33.92
N SER K 160 1.43 43.59 32.86
CA SER K 160 1.81 43.14 31.53
C SER K 160 2.12 44.34 30.63
N GLY K 161 3.11 44.20 29.75
CA GLY K 161 3.46 45.21 28.76
C GLY K 161 4.44 46.26 29.28
N ASN K 162 4.77 46.23 30.57
CA ASN K 162 5.51 47.35 31.18
C ASN K 162 6.79 46.83 31.88
N SER K 163 7.28 45.64 31.52
CA SER K 163 8.51 45.10 32.12
C SER K 163 9.44 44.57 31.02
N GLN K 164 10.73 44.53 31.36
CA GLN K 164 11.74 43.95 30.52
C GLN K 164 12.68 43.13 31.40
N GLU K 165 13.16 42.03 30.82
CA GLU K 165 14.11 41.15 31.48
C GLU K 165 15.45 41.20 30.76
N SER K 166 16.50 41.01 31.52
CA SER K 166 17.85 40.85 31.01
C SER K 166 18.52 39.73 31.83
N VAL K 167 19.35 38.91 31.20
CA VAL K 167 19.95 37.79 31.92
C VAL K 167 21.43 37.72 31.55
N THR K 168 22.27 37.39 32.53
CA THR K 168 23.70 37.36 32.33
C THR K 168 24.07 36.11 31.55
N GLU K 169 25.27 36.14 31.01
CA GLU K 169 25.86 34.94 30.50
C GLU K 169 26.16 34.02 31.68
N GLN K 170 26.25 32.75 31.39
CA GLN K 170 26.59 31.78 32.39
C GLN K 170 27.91 32.19 33.04
N ASP K 171 27.98 32.08 34.35
CA ASP K 171 29.19 32.46 35.08
C ASP K 171 30.31 31.45 34.85
N SER K 172 31.52 31.96 34.69
CA SER K 172 32.66 31.12 34.30
C SER K 172 33.18 30.33 35.49
N LYS K 173 32.76 30.60 36.73
CA LYS K 173 33.26 29.83 37.87
C LYS K 173 32.20 28.84 38.36
N ASP K 174 30.98 29.29 38.57
CA ASP K 174 29.92 28.44 39.15
C ASP K 174 28.79 28.00 38.17
N SER K 175 28.83 28.51 36.94
CA SER K 175 27.94 28.07 35.86
C SER K 175 26.49 28.50 36.07
N THR K 176 26.24 29.52 36.90
CA THR K 176 24.87 30.00 37.17
C THR K 176 24.54 31.23 36.32
N TYR K 177 23.27 31.58 36.34
CA TYR K 177 22.74 32.72 35.64
C TYR K 177 22.21 33.70 36.67
N SER K 178 22.09 34.96 36.29
CA SER K 178 21.35 35.93 37.08
C SER K 178 20.43 36.69 36.14
N LEU K 179 19.38 37.27 36.68
CA LEU K 179 18.34 37.87 35.86
C LEU K 179 17.79 39.10 36.56
N SER K 180 17.56 40.16 35.78
CA SER K 180 16.92 41.37 36.26
C SER K 180 15.58 41.56 35.55
N SER K 181 14.55 41.87 36.32
CA SER K 181 13.28 42.30 35.78
C SER K 181 13.01 43.74 36.23
N THR K 182 12.72 44.61 35.27
CA THR K 182 12.55 46.04 35.50
C THR K 182 11.11 46.44 35.13
N LEU K 183 10.32 46.82 36.14
CA LEU K 183 8.96 47.33 35.96
C LEU K 183 9.00 48.86 35.82
N THR K 184 8.51 49.37 34.71
CA THR K 184 8.56 50.80 34.44
C THR K 184 7.14 51.39 34.47
N LEU K 185 6.90 52.31 35.40
CA LEU K 185 5.63 53.05 35.58
C LEU K 185 5.89 54.55 35.49
N SER K 186 4.86 55.33 35.20
CA SER K 186 4.95 56.79 35.41
C SER K 186 4.94 57.07 36.92
N LYS K 187 5.53 58.20 37.32
CA LYS K 187 5.46 58.61 38.72
C LYS K 187 4.00 58.71 39.16
N ALA K 188 3.17 59.33 38.31
CA ALA K 188 1.73 59.42 38.59
C ALA K 188 1.19 58.05 39.01
N ASP K 189 1.33 57.05 38.14
CA ASP K 189 0.85 55.69 38.43
C ASP K 189 1.53 55.06 39.64
N TYR K 190 2.83 55.28 39.82
CA TYR K 190 3.54 54.67 40.94
C TYR K 190 2.88 55.11 42.27
N GLU K 191 2.52 56.39 42.38
CA GLU K 191 2.06 56.96 43.67
C GLU K 191 0.61 56.51 43.98
N LYS K 192 -0.12 55.99 42.98
CA LYS K 192 -1.52 55.51 43.14
C LYS K 192 -1.62 54.21 43.97
N HIS K 193 -0.55 53.44 44.09
CA HIS K 193 -0.67 52.07 44.64
C HIS K 193 0.33 51.89 45.77
N LYS K 194 0.17 50.84 46.57
CA LYS K 194 0.99 50.70 47.80
C LYS K 194 1.92 49.49 47.71
N VAL K 195 1.40 48.31 47.35
CA VAL K 195 2.22 47.08 47.47
C VAL K 195 2.77 46.69 46.09
N TYR K 196 4.11 46.62 46.02
CA TYR K 196 4.81 46.23 44.82
C TYR K 196 5.52 44.90 45.08
N ALA K 197 5.22 43.92 44.25
CA ALA K 197 5.68 42.56 44.52
C ALA K 197 6.23 41.92 43.25
N CYS K 198 7.23 41.09 43.49
CA CYS K 198 7.92 40.32 42.51
C CYS K 198 7.70 38.84 42.83
N GLU K 199 7.11 38.07 41.93
CA GLU K 199 6.87 36.63 42.18
C GLU K 199 7.67 35.76 41.21
N VAL K 200 8.42 34.81 41.75
CA VAL K 200 9.45 34.09 40.98
C VAL K 200 9.15 32.59 40.99
N THR K 201 9.09 32.01 39.79
CA THR K 201 8.94 30.60 39.61
C THR K 201 10.20 30.05 38.95
N HIS K 202 10.69 28.95 39.49
CA HIS K 202 11.92 28.31 39.01
C HIS K 202 11.91 26.86 39.49
N GLN K 203 12.47 25.98 38.69
CA GLN K 203 12.39 24.54 38.95
C GLN K 203 13.06 24.21 40.29
N GLY K 204 14.01 25.03 40.74
CA GLY K 204 14.69 24.78 42.01
C GLY K 204 13.87 25.20 43.22
N LEU K 205 12.73 25.87 43.03
CA LEU K 205 11.83 26.27 44.14
C LEU K 205 10.60 25.37 44.15
N SER K 206 10.34 24.70 45.29
CA SER K 206 9.12 23.89 45.45
C SER K 206 7.88 24.77 45.28
N SER K 207 7.89 25.97 45.88
CA SER K 207 6.77 26.93 45.71
C SER K 207 7.30 28.29 45.26
N PRO K 208 6.49 29.07 44.54
CA PRO K 208 6.88 30.44 44.16
C PRO K 208 7.42 31.28 45.31
N VAL K 209 8.47 32.06 45.08
CA VAL K 209 8.98 32.99 46.08
C VAL K 209 8.56 34.40 45.68
N THR K 210 8.04 35.16 46.64
CA THR K 210 7.62 36.55 46.42
C THR K 210 8.47 37.47 47.29
N LYS K 211 8.93 38.56 46.72
CA LYS K 211 9.49 39.66 47.47
C LYS K 211 8.65 40.90 47.18
N SER K 212 8.41 41.71 48.22
CA SER K 212 7.61 42.92 48.06
C SER K 212 8.11 44.03 48.99
N PHE K 213 7.67 45.24 48.69
CA PHE K 213 7.79 46.35 49.57
C PHE K 213 6.48 47.15 49.51
N ASN K 214 6.23 47.95 50.56
CA ASN K 214 5.13 48.92 50.61
C ASN K 214 5.68 50.31 50.30
N ARG K 215 5.02 51.05 49.42
CA ARG K 215 5.52 52.36 49.00
C ARG K 215 5.50 53.35 50.17
N GLY K 216 6.56 54.15 50.30
CA GLY K 216 6.70 55.12 51.39
C GLY K 216 7.28 54.49 52.66
N GLU K 217 8.35 53.71 52.48
CA GLU K 217 8.98 52.94 53.58
C GLU K 217 10.46 52.66 53.24
N VAL L 14 93.67 8.02 11.18
CA VAL L 14 93.67 7.87 9.72
C VAL L 14 92.67 6.78 9.32
N VAL L 15 91.82 7.07 8.35
CA VAL L 15 90.93 6.03 7.79
C VAL L 15 91.74 5.21 6.79
N LYS L 16 91.60 3.89 6.90
CA LYS L 16 92.44 2.96 6.15
C LYS L 16 91.79 2.66 4.80
N PHE L 17 92.64 2.47 3.80
CA PHE L 17 92.24 2.31 2.42
C PHE L 17 91.04 1.35 2.26
N MET L 18 91.07 0.17 2.87
CA MET L 18 89.98 -0.81 2.57
C MET L 18 88.68 -0.34 3.23
N ASP L 19 88.76 0.38 4.35
CA ASP L 19 87.58 1.04 4.92
C ASP L 19 87.01 2.12 4.04
N VAL L 20 87.87 3.00 3.53
CA VAL L 20 87.42 4.09 2.65
C VAL L 20 86.70 3.48 1.46
N TYR L 21 87.27 2.42 0.92
CA TYR L 21 86.71 1.77 -0.26
C TYR L 21 85.33 1.19 0.06
N GLN L 22 85.24 0.52 1.20
CA GLN L 22 84.04 -0.21 1.59
C GLN L 22 82.90 0.77 1.94
N ARG L 23 83.22 1.90 2.58
CA ARG L 23 82.21 2.88 3.04
C ARG L 23 81.77 3.76 1.86
N SER L 24 82.57 3.83 0.79
CA SER L 24 82.27 4.77 -0.28
C SER L 24 81.64 4.05 -1.47
N TYR L 25 81.57 2.72 -1.45
CA TYR L 25 81.11 2.01 -2.64
C TYR L 25 79.59 2.17 -2.82
N CYS L 26 79.19 2.50 -4.04
CA CYS L 26 77.80 2.56 -4.53
C CYS L 26 76.83 1.81 -3.60
N HIS L 27 76.06 2.58 -2.83
CA HIS L 27 75.03 2.01 -1.96
C HIS L 27 73.93 3.07 -1.72
N PRO L 28 72.80 2.65 -1.13
CA PRO L 28 71.74 3.59 -0.79
C PRO L 28 72.14 4.34 0.49
N ILE L 29 72.08 5.67 0.44
CA ILE L 29 72.46 6.49 1.60
C ILE L 29 71.41 7.58 1.85
N GLU L 30 71.20 7.91 3.13
CA GLU L 30 70.27 8.99 3.46
C GLU L 30 70.80 10.30 2.88
N THR L 31 69.98 10.87 2.01
CA THR L 31 70.29 12.01 1.18
C THR L 31 69.18 13.06 1.36
N LEU L 32 69.55 14.32 1.50
CA LEU L 32 68.57 15.37 1.65
C LEU L 32 68.32 16.00 0.28
N VAL L 33 67.14 15.71 -0.27
CA VAL L 33 66.74 16.10 -1.62
C VAL L 33 65.79 17.29 -1.52
N ASP L 34 66.07 18.30 -2.33
CA ASP L 34 65.21 19.47 -2.42
C ASP L 34 63.91 19.09 -3.11
N ILE L 35 62.76 19.47 -2.53
CA ILE L 35 61.45 19.01 -3.02
C ILE L 35 61.16 19.63 -4.39
N PHE L 36 61.62 20.85 -4.62
CA PHE L 36 61.44 21.52 -5.90
C PHE L 36 62.09 20.69 -7.02
N GLN L 37 63.14 19.94 -6.71
CA GLN L 37 63.78 19.05 -7.69
C GLN L 37 62.87 17.87 -8.03
N GLU L 38 62.21 17.27 -7.03
CA GLU L 38 61.36 16.09 -7.27
C GLU L 38 59.99 16.47 -7.87
N TYR L 39 59.61 17.74 -7.76
CA TYR L 39 58.35 18.24 -8.32
C TYR L 39 58.65 19.55 -9.04
N PRO L 40 59.35 19.47 -10.19
CA PRO L 40 59.87 20.63 -10.89
C PRO L 40 58.76 21.53 -11.45
N ASP L 41 57.56 20.98 -11.59
CA ASP L 41 56.30 21.77 -11.77
C ASP L 41 55.90 22.39 -10.42
N GLU L 42 54.65 22.75 -10.22
CA GLU L 42 54.26 23.47 -9.02
C GLU L 42 55.31 24.54 -8.74
N ILE L 43 55.30 25.60 -9.55
CA ILE L 43 55.98 26.89 -9.19
C ILE L 43 55.01 27.76 -8.36
N GLU L 44 53.78 27.28 -8.20
CA GLU L 44 52.77 27.94 -7.39
C GLU L 44 53.09 27.75 -5.89
N TYR L 45 53.67 26.61 -5.49
CA TYR L 45 53.85 26.29 -4.07
C TYR L 45 55.27 26.58 -3.57
N ILE L 46 55.33 27.02 -2.31
CA ILE L 46 56.52 26.95 -1.44
C ILE L 46 56.35 25.71 -0.54
N PHE L 47 57.43 25.00 -0.27
CA PHE L 47 57.34 23.83 0.57
C PHE L 47 58.16 24.06 1.84
N LYS L 48 57.63 23.52 2.91
CA LYS L 48 58.22 23.65 4.22
C LYS L 48 58.04 22.30 4.94
N PRO L 49 59.15 21.63 5.28
CA PRO L 49 60.53 21.95 4.92
C PRO L 49 60.73 21.87 3.40
N SER L 50 61.78 22.53 2.90
CA SER L 50 62.01 22.62 1.45
C SER L 50 62.80 21.39 0.95
N CYS L 51 63.31 20.54 1.85
CA CYS L 51 63.98 19.30 1.42
C CYS L 51 63.58 18.13 2.33
N VAL L 52 63.77 16.91 1.84
CA VAL L 52 63.38 15.71 2.59
C VAL L 52 64.53 14.68 2.60
N PRO L 53 64.61 13.89 3.66
CA PRO L 53 65.56 12.78 3.79
C PRO L 53 65.08 11.49 3.10
N LEU L 54 65.71 11.14 1.99
CA LEU L 54 65.37 9.96 1.17
C LEU L 54 66.60 9.05 1.03
N MET L 55 66.39 7.74 1.04
CA MET L 55 67.45 6.81 0.62
C MET L 55 67.62 6.95 -0.90
N ARG L 56 68.84 7.24 -1.31
CA ARG L 56 69.18 7.39 -2.69
C ARG L 56 70.55 6.83 -2.97
N CYS L 57 70.83 6.54 -4.21
CA CYS L 57 72.09 5.94 -4.58
C CYS L 57 73.17 7.00 -4.51
N GLY L 58 74.21 6.67 -3.75
CA GLY L 58 75.39 7.51 -3.66
C GLY L 58 76.64 6.67 -3.65
N GLY L 59 77.77 7.34 -3.79
CA GLY L 59 79.05 6.67 -3.81
C GLY L 59 79.57 6.58 -5.22
N CYS L 60 80.51 5.69 -5.40
CA CYS L 60 81.29 5.66 -6.65
C CYS L 60 81.52 4.20 -7.04
N CYS L 61 81.87 4.01 -8.31
CA CYS L 61 82.08 2.69 -8.86
C CYS L 61 83.56 2.51 -9.20
N ASN L 62 83.96 1.26 -9.37
CA ASN L 62 85.35 0.90 -9.66
C ASN L 62 85.86 1.61 -10.92
N ASP L 63 85.12 1.52 -12.02
CA ASP L 63 85.52 2.14 -13.28
C ASP L 63 84.88 3.53 -13.39
N GLU L 64 85.40 4.37 -14.29
CA GLU L 64 84.75 5.66 -14.60
C GLU L 64 83.77 5.47 -15.77
N GLY L 65 83.78 4.28 -16.37
CA GLY L 65 82.79 3.89 -17.36
C GLY L 65 81.50 3.38 -16.72
N LEU L 66 81.55 3.01 -15.45
CA LEU L 66 80.35 2.64 -14.71
C LEU L 66 79.75 3.88 -14.05
N GLU L 67 78.45 3.82 -13.71
CA GLU L 67 77.80 4.80 -12.81
C GLU L 67 76.86 4.06 -11.85
N CYS L 68 76.57 4.73 -10.74
CA CYS L 68 75.83 4.12 -9.65
C CYS L 68 74.34 4.43 -9.85
N VAL L 69 73.53 3.38 -10.05
CA VAL L 69 72.10 3.54 -10.34
C VAL L 69 71.28 2.54 -9.50
N PRO L 70 69.98 2.86 -9.35
CA PRO L 70 69.08 2.03 -8.56
C PRO L 70 68.60 0.80 -9.34
N THR L 71 68.51 -0.33 -8.64
CA THR L 71 67.93 -1.52 -9.20
C THR L 71 66.49 -1.65 -8.69
N GLU L 72 66.35 -1.62 -7.36
CA GLU L 72 65.06 -1.67 -6.69
C GLU L 72 64.65 -0.26 -6.22
N GLU L 73 63.42 0.13 -6.52
CA GLU L 73 62.83 1.40 -6.07
C GLU L 73 61.61 1.13 -5.18
N SER L 74 61.12 2.19 -4.55
CA SER L 74 59.92 2.14 -3.69
C SER L 74 59.51 3.59 -3.35
N ASN L 75 58.26 3.76 -2.89
CA ASN L 75 57.70 5.09 -2.62
C ASN L 75 57.64 5.30 -1.11
N ILE L 76 57.86 6.53 -0.67
CA ILE L 76 57.58 6.93 0.70
C ILE L 76 56.74 8.21 0.68
N THR L 77 55.84 8.33 1.64
CA THR L 77 54.92 9.47 1.72
C THR L 77 55.23 10.28 2.98
N MET L 78 55.34 11.60 2.79
CA MET L 78 55.67 12.50 3.89
C MET L 78 54.68 13.66 3.93
N GLN L 79 54.42 14.16 5.14
CA GLN L 79 53.60 15.36 5.34
C GLN L 79 54.47 16.62 5.19
N ILE L 80 54.12 17.45 4.24
CA ILE L 80 54.85 18.65 3.95
C ILE L 80 53.90 19.84 4.02
N MET L 81 54.34 20.95 4.58
CA MET L 81 53.55 22.15 4.52
C MET L 81 53.65 22.77 3.12
N ARG L 82 52.52 22.94 2.46
CA ARG L 82 52.44 23.52 1.14
C ARG L 82 51.81 24.91 1.17
N ILE L 83 52.59 25.94 0.91
CA ILE L 83 52.13 27.34 1.00
C ILE L 83 52.02 27.92 -0.41
N LYS L 84 50.85 28.48 -0.73
CA LYS L 84 50.67 29.31 -1.89
C LYS L 84 50.67 30.74 -1.39
N PRO L 85 51.76 31.47 -1.56
CA PRO L 85 51.87 32.79 -0.94
C PRO L 85 50.67 33.69 -1.25
N HIS L 86 50.14 34.30 -0.20
CA HIS L 86 48.99 35.23 -0.27
C HIS L 86 47.68 34.50 -0.60
N GLN L 87 47.70 33.17 -0.68
CA GLN L 87 46.54 32.39 -1.06
C GLN L 87 46.21 31.30 -0.02
N GLY L 88 47.09 30.93 0.92
CA GLY L 88 46.72 29.92 1.90
C GLY L 88 47.76 28.82 2.03
N GLN L 89 47.56 27.93 3.01
CA GLN L 89 48.46 26.85 3.22
C GLN L 89 47.78 25.70 3.94
N HIS L 90 48.37 24.52 3.74
CA HIS L 90 47.91 23.31 4.34
C HIS L 90 49.08 22.33 4.49
N ILE L 91 48.81 21.24 5.22
CA ILE L 91 49.73 20.14 5.28
C ILE L 91 49.21 19.05 4.33
N GLY L 92 50.10 18.56 3.49
CA GLY L 92 49.73 17.64 2.42
C GLY L 92 50.70 16.48 2.34
N GLU L 93 50.16 15.34 1.97
CA GLU L 93 50.94 14.15 1.84
C GLU L 93 51.59 14.16 0.46
N MET L 94 52.90 14.10 0.42
CA MET L 94 53.61 14.06 -0.86
C MET L 94 54.44 12.78 -0.95
N SER L 95 54.52 12.26 -2.17
CA SER L 95 55.17 10.98 -2.40
C SER L 95 56.53 11.19 -3.07
N PHE L 96 57.52 10.45 -2.58
CA PHE L 96 58.89 10.54 -3.07
C PHE L 96 59.47 9.16 -3.36
N LEU L 97 60.31 9.12 -4.37
CA LEU L 97 60.97 7.88 -4.79
C LEU L 97 62.17 7.61 -3.86
N GLN L 98 62.28 6.37 -3.40
CA GLN L 98 63.45 5.90 -2.65
C GLN L 98 64.17 4.78 -3.41
N HIS L 99 65.46 4.58 -3.10
CA HIS L 99 66.27 3.52 -3.70
C HIS L 99 66.57 2.47 -2.63
N ASN L 100 66.14 1.25 -2.88
CA ASN L 100 66.24 0.16 -1.91
C ASN L 100 67.53 -0.64 -2.16
N LYS L 101 67.96 -0.69 -3.43
CA LYS L 101 69.17 -1.41 -3.85
C LYS L 101 69.78 -0.67 -5.05
N CYS L 102 71.10 -0.51 -5.01
CA CYS L 102 71.86 0.15 -6.06
C CYS L 102 72.89 -0.84 -6.61
N GLU L 103 73.29 -0.63 -7.86
CA GLU L 103 74.40 -1.38 -8.42
C GLU L 103 75.12 -0.54 -9.45
N CYS L 104 76.35 -0.92 -9.76
CA CYS L 104 77.13 -0.22 -10.76
C CYS L 104 76.78 -0.80 -12.15
N ARG L 105 76.30 0.05 -13.05
CA ARG L 105 75.92 -0.37 -14.41
C ARG L 105 76.71 0.49 -15.40
N PRO L 106 77.01 -0.08 -16.57
CA PRO L 106 77.62 0.66 -17.67
C PRO L 106 76.87 1.94 -18.04
N LYS L 107 77.61 2.91 -18.54
CA LYS L 107 77.08 4.23 -18.87
C LYS L 107 76.69 4.22 -20.36
CL CL M . -29.93 -38.65 -11.10
CL CL N . -30.12 -50.25 -4.28
CL CL O . -27.79 -49.07 -15.62
CL CL P . -51.28 -4.67 -30.61
CL CL Q . 20.58 0.70 32.07
CL CL R . 22.70 -9.72 27.57
CL CL S . 20.72 -10.93 39.14
CL CL T . -13.39 -3.57 -32.17
CL CL U . -6.65 3.96 -41.24
CL CL V . -1.82 -3.50 -33.63
CL CL W . 34.05 34.77 7.77
CL CL X . 40.08 41.83 -2.57
#